data_5TVZ
#
_entry.id   5TVZ
#
_entity_poly.entity_id   1
_entity_poly.type   'polypeptide(L)'
_entity_poly.pdbx_seq_one_letter_code
;MSLRVKPSASLKLHHDLKLCLGDHSSVPVALKGQGPFTLTYDIIETFSSKRKTFEIKEIKTNEYVIKTPVFTTGGDYILS
LVSIKDSTGCVVGLSQPDAKIQVRRDEGHHHHHH
;
_entity_poly.pdbx_strand_id   A
#
# COMPACT_ATOMS: atom_id res chain seq x y z
N ARG A 4 -4.88 7.49 -22.79
CA ARG A 4 -5.45 7.50 -21.46
C ARG A 4 -5.36 6.12 -20.88
N VAL A 5 -4.95 6.05 -19.64
CA VAL A 5 -4.79 4.78 -18.97
C VAL A 5 -5.42 4.85 -17.61
N LYS A 6 -5.89 3.72 -17.16
CA LYS A 6 -6.45 3.61 -15.83
C LYS A 6 -5.39 3.08 -14.88
N PRO A 7 -4.73 3.97 -14.13
CA PRO A 7 -3.61 3.61 -13.28
C PRO A 7 -4.07 3.18 -11.88
N SER A 8 -3.24 2.38 -11.22
CA SER A 8 -3.60 1.81 -9.93
C SER A 8 -2.42 1.02 -9.38
N ALA A 9 -2.69 -0.06 -8.67
CA ALA A 9 -1.65 -0.91 -8.13
C ALA A 9 -2.14 -2.33 -7.96
N SER A 10 -1.24 -3.29 -8.09
CA SER A 10 -1.61 -4.69 -7.95
C SER A 10 -0.57 -5.38 -7.10
N LEU A 11 -0.88 -5.52 -5.83
CA LEU A 11 0.09 -6.01 -4.87
C LEU A 11 0.50 -7.44 -5.20
N LYS A 12 1.77 -7.72 -5.01
CA LYS A 12 2.33 -9.02 -5.34
C LYS A 12 2.32 -9.91 -4.11
N LEU A 13 2.26 -9.30 -2.94
CA LEU A 13 2.11 -10.05 -1.71
C LEU A 13 0.68 -10.61 -1.68
N HIS A 14 0.55 -11.91 -1.85
CA HIS A 14 -0.77 -12.51 -2.06
C HIS A 14 -1.29 -13.23 -0.82
N HIS A 15 -1.12 -12.61 0.34
CA HIS A 15 -1.64 -13.14 1.60
C HIS A 15 -1.29 -12.23 2.75
N ASP A 16 -1.66 -12.62 3.95
CA ASP A 16 -1.37 -11.84 5.14
C ASP A 16 0.07 -12.01 5.58
N LEU A 17 0.59 -11.00 6.25
CA LEU A 17 1.93 -11.02 6.76
C LEU A 17 1.95 -11.31 8.25
N LYS A 18 2.86 -12.15 8.67
CA LYS A 18 3.00 -12.47 10.09
C LYS A 18 4.21 -11.76 10.70
N LEU A 19 3.92 -10.70 11.44
CA LEU A 19 4.96 -9.89 12.08
C LEU A 19 4.92 -10.05 13.59
N CYS A 20 6.00 -9.64 14.23
CA CYS A 20 6.05 -9.55 15.68
C CYS A 20 5.95 -8.08 16.07
N LEU A 21 6.04 -7.78 17.34
CA LEU A 21 5.84 -6.41 17.77
C LEU A 21 7.13 -5.65 17.62
N GLY A 22 7.00 -4.44 17.12
CA GLY A 22 8.17 -3.68 16.76
C GLY A 22 8.66 -4.06 15.37
N ASP A 23 7.87 -4.88 14.68
CA ASP A 23 8.20 -5.28 13.31
C ASP A 23 7.54 -4.38 12.30
N HIS A 24 8.24 -4.16 11.19
CA HIS A 24 7.67 -3.49 10.04
C HIS A 24 7.54 -4.53 8.93
N SER A 25 6.97 -4.15 7.81
CA SER A 25 6.77 -5.12 6.74
C SER A 25 7.22 -4.59 5.39
N SER A 26 7.20 -5.47 4.41
CA SER A 26 7.57 -5.11 3.05
C SER A 26 6.67 -5.86 2.07
N VAL A 27 5.76 -5.13 1.45
CA VAL A 27 4.79 -5.72 0.54
C VAL A 27 5.09 -5.29 -0.88
N PRO A 28 5.52 -6.25 -1.72
CA PRO A 28 5.86 -5.97 -3.11
C PRO A 28 4.61 -5.70 -3.93
N VAL A 29 4.61 -4.62 -4.71
CA VAL A 29 3.46 -4.27 -5.52
C VAL A 29 3.83 -3.96 -6.96
N ALA A 30 3.30 -4.75 -7.87
CA ALA A 30 3.39 -4.48 -9.29
C ALA A 30 2.29 -3.50 -9.66
N LEU A 31 2.68 -2.25 -9.71
CA LEU A 31 1.76 -1.14 -9.81
C LEU A 31 1.20 -0.99 -11.21
N LYS A 32 0.08 -0.29 -11.30
CA LYS A 32 -0.59 -0.08 -12.56
C LYS A 32 -0.51 1.38 -12.95
N GLY A 33 -0.44 1.60 -14.24
CA GLY A 33 -0.31 2.95 -14.76
C GLY A 33 1.09 3.26 -15.18
N GLN A 34 1.26 3.57 -16.45
CA GLN A 34 2.58 3.75 -17.03
C GLN A 34 2.88 5.23 -17.25
N GLY A 35 3.80 5.75 -16.45
CA GLY A 35 4.16 7.14 -16.49
C GLY A 35 4.28 7.71 -15.10
N PRO A 36 4.51 9.01 -14.97
CA PRO A 36 4.63 9.65 -13.66
C PRO A 36 3.28 9.73 -12.95
N PHE A 37 3.00 8.74 -12.11
CA PHE A 37 1.74 8.71 -11.38
C PHE A 37 1.96 8.89 -9.89
N THR A 38 1.08 9.64 -9.25
CA THR A 38 1.18 9.85 -7.81
C THR A 38 0.39 8.76 -7.10
N LEU A 39 1.14 7.84 -6.54
CA LEU A 39 0.58 6.64 -5.96
C LEU A 39 0.31 6.85 -4.47
N THR A 40 -0.95 6.77 -4.08
CA THR A 40 -1.32 6.93 -2.68
C THR A 40 -1.96 5.65 -2.16
N TYR A 41 -1.49 5.17 -1.02
CA TYR A 41 -2.04 3.96 -0.46
C TYR A 41 -2.19 4.06 1.06
N ASP A 42 -3.13 3.28 1.60
CA ASP A 42 -3.45 3.33 3.03
C ASP A 42 -3.12 2.02 3.71
N ILE A 43 -2.21 2.11 4.68
CA ILE A 43 -1.99 1.01 5.59
C ILE A 43 -2.90 1.23 6.80
N ILE A 44 -4.05 0.60 6.76
CA ILE A 44 -5.10 0.85 7.72
C ILE A 44 -5.18 -0.27 8.73
N GLU A 45 -5.59 0.05 9.94
CA GLU A 45 -5.74 -0.96 10.95
C GLU A 45 -7.19 -1.40 11.03
N THR A 46 -7.40 -2.70 11.11
CA THR A 46 -8.70 -3.26 11.31
C THR A 46 -9.04 -3.20 12.80
N PHE A 47 -8.04 -2.75 13.56
CA PHE A 47 -8.12 -2.69 14.99
C PHE A 47 -9.04 -1.55 15.43
N SER A 48 -9.02 -0.44 14.69
CA SER A 48 -9.93 0.67 14.96
C SER A 48 -9.91 1.71 13.82
N SER A 49 -8.90 2.59 13.80
CA SER A 49 -8.88 3.69 12.85
C SER A 49 -7.52 4.39 12.76
N LYS A 50 -6.43 3.68 13.06
CA LYS A 50 -5.09 4.26 12.93
C LYS A 50 -4.61 4.15 11.50
N ARG A 51 -5.43 4.61 10.59
CA ARG A 51 -5.16 4.56 9.18
C ARG A 51 -3.91 5.36 8.80
N LYS A 52 -2.95 4.67 8.22
CA LYS A 52 -1.73 5.27 7.76
C LYS A 52 -1.85 5.52 6.27
N THR A 53 -1.29 6.60 5.81
CA THR A 53 -1.35 6.97 4.41
C THR A 53 0.03 7.36 3.89
N PHE A 54 0.40 6.81 2.73
CA PHE A 54 1.67 7.13 2.13
C PHE A 54 1.46 7.48 0.66
N GLU A 55 2.12 8.53 0.21
CA GLU A 55 1.96 9.02 -1.14
C GLU A 55 3.32 9.19 -1.82
N ILE A 56 3.52 8.45 -2.91
CA ILE A 56 4.75 8.54 -3.68
C ILE A 56 4.43 9.07 -5.07
N LYS A 57 4.89 10.27 -5.36
CA LYS A 57 4.58 10.89 -6.63
C LYS A 57 5.49 10.40 -7.73
N GLU A 58 4.94 10.41 -8.92
CA GLU A 58 5.65 10.07 -10.15
C GLU A 58 6.27 8.68 -10.08
N ILE A 59 5.51 7.67 -9.67
CA ILE A 59 6.03 6.33 -9.75
C ILE A 59 5.99 5.89 -11.20
N LYS A 60 7.15 5.59 -11.73
CA LYS A 60 7.30 5.19 -13.11
C LYS A 60 7.84 3.78 -13.15
N THR A 61 7.46 3.02 -12.14
CA THR A 61 8.00 1.69 -11.92
C THR A 61 7.10 0.59 -12.50
N ASN A 62 5.94 0.39 -11.87
CA ASN A 62 4.97 -0.65 -12.25
C ASN A 62 5.37 -1.99 -11.62
N GLU A 63 6.41 -1.94 -10.81
CA GLU A 63 6.89 -3.09 -10.05
C GLU A 63 7.76 -2.61 -8.90
N TYR A 64 7.13 -2.27 -7.80
CA TYR A 64 7.83 -1.63 -6.70
C TYR A 64 7.41 -2.25 -5.38
N VAL A 65 8.37 -2.69 -4.59
CA VAL A 65 8.04 -3.27 -3.31
C VAL A 65 8.03 -2.22 -2.22
N ILE A 66 6.92 -2.17 -1.53
CA ILE A 66 6.61 -1.15 -0.56
C ILE A 66 7.12 -1.54 0.83
N LYS A 67 7.56 -0.57 1.59
CA LYS A 67 7.99 -0.80 2.96
C LYS A 67 7.02 -0.11 3.90
N THR A 68 6.34 -0.92 4.68
CA THR A 68 5.35 -0.42 5.59
C THR A 68 5.99 -0.10 6.95
N PRO A 69 5.55 1.02 7.56
CA PRO A 69 6.14 1.54 8.81
C PRO A 69 6.09 0.52 9.95
N VAL A 70 6.99 0.70 10.91
CA VAL A 70 7.12 -0.22 12.02
C VAL A 70 5.84 -0.26 12.86
N PHE A 71 5.41 -1.44 13.21
CA PHE A 71 4.22 -1.62 14.03
C PHE A 71 4.62 -1.98 15.45
N THR A 72 4.54 -1.01 16.34
CA THR A 72 5.00 -1.18 17.72
C THR A 72 3.92 -1.81 18.58
N THR A 73 2.97 -2.44 17.92
CA THR A 73 1.86 -3.10 18.60
C THR A 73 1.21 -4.15 17.71
N GLY A 74 1.25 -5.39 18.18
CA GLY A 74 0.50 -6.46 17.55
C GLY A 74 -0.94 -6.08 17.24
N GLY A 75 -1.25 -6.07 15.95
CA GLY A 75 -2.59 -5.79 15.49
C GLY A 75 -2.83 -6.38 14.11
N ASP A 76 -3.85 -5.90 13.43
CA ASP A 76 -4.16 -6.39 12.08
C ASP A 76 -4.35 -5.21 11.17
N TYR A 77 -3.56 -5.15 10.11
CA TYR A 77 -3.58 -4.01 9.23
C TYR A 77 -3.78 -4.46 7.78
N ILE A 78 -4.34 -3.59 6.97
CA ILE A 78 -4.51 -3.86 5.56
C ILE A 78 -3.94 -2.71 4.75
N LEU A 79 -3.03 -3.02 3.86
CA LEU A 79 -2.53 -2.02 2.94
C LEU A 79 -3.39 -2.03 1.69
N SER A 80 -4.11 -0.94 1.53
CA SER A 80 -5.04 -0.79 0.44
C SER A 80 -4.60 0.39 -0.41
N LEU A 81 -5.29 0.63 -1.51
CA LEU A 81 -4.94 1.70 -2.41
C LEU A 81 -5.91 2.87 -2.23
N VAL A 82 -5.38 4.07 -2.03
CA VAL A 82 -6.21 5.23 -1.80
C VAL A 82 -6.62 5.88 -3.11
N SER A 83 -5.62 6.26 -3.89
CA SER A 83 -5.82 7.01 -5.12
C SER A 83 -4.50 7.17 -5.85
N ILE A 84 -4.57 7.38 -7.15
CA ILE A 84 -3.38 7.62 -7.94
C ILE A 84 -3.58 8.88 -8.77
N LYS A 85 -2.53 9.39 -9.37
CA LYS A 85 -2.62 10.66 -10.06
C LYS A 85 -1.85 10.64 -11.37
N ASP A 86 -2.54 10.88 -12.45
CA ASP A 86 -1.93 10.97 -13.78
C ASP A 86 -1.07 12.21 -13.86
N SER A 87 -0.11 12.20 -14.77
CA SER A 87 0.89 13.26 -14.89
C SER A 87 0.26 14.60 -15.29
N THR A 88 -1.01 14.58 -15.68
CA THR A 88 -1.73 15.81 -15.99
C THR A 88 -2.43 16.30 -14.71
N GLY A 89 -2.21 15.57 -13.63
CA GLY A 89 -2.81 15.88 -12.38
C GLY A 89 -4.23 15.35 -12.29
N CYS A 90 -4.41 14.11 -12.68
CA CYS A 90 -5.73 13.51 -12.65
C CYS A 90 -5.78 12.37 -11.63
N VAL A 91 -6.54 12.55 -10.57
CA VAL A 91 -6.62 11.55 -9.52
C VAL A 91 -7.65 10.48 -9.86
N VAL A 92 -7.24 9.24 -9.77
CA VAL A 92 -8.08 8.09 -10.06
C VAL A 92 -8.36 7.31 -8.78
N GLY A 93 -9.63 6.96 -8.59
CA GLY A 93 -10.03 6.19 -7.43
C GLY A 93 -9.51 4.76 -7.51
N LEU A 94 -8.61 4.41 -6.62
CA LEU A 94 -7.98 3.11 -6.65
C LEU A 94 -8.81 2.06 -5.95
N SER A 95 -9.10 0.98 -6.67
CA SER A 95 -9.75 -0.18 -6.09
C SER A 95 -9.21 -1.43 -6.76
N GLN A 96 -8.11 -1.94 -6.22
CA GLN A 96 -7.48 -3.16 -6.69
C GLN A 96 -6.91 -3.94 -5.50
N PRO A 97 -6.44 -5.19 -5.70
CA PRO A 97 -6.04 -6.08 -4.59
C PRO A 97 -5.22 -5.40 -3.48
N ASP A 98 -5.54 -5.78 -2.25
CA ASP A 98 -4.92 -5.23 -1.05
C ASP A 98 -4.07 -6.28 -0.36
N ALA A 99 -3.27 -5.83 0.59
CA ALA A 99 -2.41 -6.73 1.36
C ALA A 99 -2.78 -6.66 2.82
N LYS A 100 -2.49 -7.71 3.58
CA LYS A 100 -2.75 -7.69 5.00
C LYS A 100 -1.47 -7.90 5.77
N ILE A 101 -1.29 -7.08 6.79
CA ILE A 101 -0.14 -7.17 7.68
C ILE A 101 -0.64 -7.50 9.07
N GLN A 102 -0.40 -8.71 9.52
CA GLN A 102 -0.85 -9.14 10.84
C GLN A 102 0.32 -9.14 11.81
N VAL A 103 0.29 -8.19 12.72
CA VAL A 103 1.36 -8.01 13.69
C VAL A 103 0.96 -8.66 15.02
N ARG A 104 1.91 -9.30 15.66
CA ARG A 104 1.65 -9.92 16.95
C ARG A 104 2.68 -9.45 17.95
N ARG A 105 2.52 -9.87 19.20
CA ARG A 105 3.43 -9.47 20.25
C ARG A 105 4.20 -10.67 20.79
N ASP A 106 5.50 -10.66 20.56
CA ASP A 106 6.38 -11.72 21.00
C ASP A 106 6.95 -11.39 22.37
N ARG A 4 -2.36 7.47 -22.79
CA ARG A 4 -3.37 7.52 -21.76
C ARG A 4 -3.75 6.11 -21.34
N VAL A 5 -3.58 5.85 -20.07
CA VAL A 5 -3.83 4.55 -19.51
C VAL A 5 -4.45 4.73 -18.14
N LYS A 6 -5.26 3.78 -17.77
CA LYS A 6 -5.93 3.81 -16.48
C LYS A 6 -4.99 3.32 -15.40
N PRO A 7 -4.45 4.24 -14.59
CA PRO A 7 -3.42 3.94 -13.62
C PRO A 7 -3.99 3.49 -12.29
N SER A 8 -3.21 2.69 -11.58
CA SER A 8 -3.67 2.08 -10.33
C SER A 8 -2.53 1.28 -9.71
N ALA A 9 -2.87 0.21 -9.02
CA ALA A 9 -1.87 -0.64 -8.37
C ALA A 9 -2.46 -2.02 -8.16
N SER A 10 -1.62 -3.04 -8.07
CA SER A 10 -2.11 -4.37 -7.75
C SER A 10 -1.06 -5.12 -6.95
N LEU A 11 -1.32 -5.30 -5.67
CA LEU A 11 -0.38 -5.91 -4.77
C LEU A 11 -0.08 -7.34 -5.17
N LYS A 12 1.16 -7.73 -4.95
CA LYS A 12 1.64 -9.04 -5.32
C LYS A 12 1.56 -9.99 -4.13
N LEU A 13 1.43 -9.40 -2.94
CA LEU A 13 1.35 -10.17 -1.71
C LEU A 13 0.04 -10.96 -1.68
N HIS A 14 0.15 -12.28 -1.70
CA HIS A 14 -1.03 -13.14 -1.75
C HIS A 14 -1.24 -13.88 -0.43
N HIS A 15 -0.83 -13.25 0.65
CA HIS A 15 -1.06 -13.78 1.99
C HIS A 15 -0.86 -12.67 3.00
N ASP A 16 -1.03 -12.97 4.28
CA ASP A 16 -0.91 -11.95 5.32
C ASP A 16 0.52 -11.90 5.84
N LEU A 17 0.98 -10.70 6.14
CA LEU A 17 2.35 -10.49 6.60
C LEU A 17 2.51 -10.87 8.06
N LYS A 18 3.20 -11.97 8.33
CA LYS A 18 3.46 -12.41 9.68
C LYS A 18 4.57 -11.61 10.33
N LEU A 19 4.20 -10.68 11.21
CA LEU A 19 5.17 -9.80 11.85
C LEU A 19 5.21 -10.00 13.36
N CYS A 20 6.26 -9.48 13.96
CA CYS A 20 6.46 -9.55 15.40
C CYS A 20 6.56 -8.12 15.96
N LEU A 21 6.85 -8.01 17.24
CA LEU A 21 6.79 -6.72 17.91
C LEU A 21 7.95 -5.82 17.48
N GLY A 22 7.59 -4.69 16.89
CA GLY A 22 8.60 -3.76 16.40
C GLY A 22 9.04 -4.09 15.00
N ASP A 23 8.32 -5.00 14.36
CA ASP A 23 8.61 -5.39 12.98
C ASP A 23 8.13 -4.30 12.02
N HIS A 24 8.53 -4.42 10.76
CA HIS A 24 8.08 -3.53 9.72
C HIS A 24 7.52 -4.37 8.59
N SER A 25 6.61 -3.83 7.81
CA SER A 25 5.93 -4.64 6.82
C SER A 25 6.50 -4.40 5.43
N SER A 26 6.39 -5.41 4.58
CA SER A 26 6.88 -5.33 3.22
C SER A 26 5.91 -6.03 2.27
N VAL A 27 5.16 -5.24 1.54
CA VAL A 27 4.20 -5.77 0.59
C VAL A 27 4.56 -5.30 -0.81
N PRO A 28 4.91 -6.24 -1.68
CA PRO A 28 5.25 -5.94 -3.05
C PRO A 28 4.02 -5.65 -3.88
N VAL A 29 4.03 -4.54 -4.62
CA VAL A 29 2.93 -4.22 -5.51
C VAL A 29 3.39 -3.95 -6.93
N ALA A 30 2.87 -4.73 -7.85
CA ALA A 30 3.01 -4.45 -9.27
C ALA A 30 1.96 -3.43 -9.65
N LEU A 31 2.41 -2.21 -9.78
CA LEU A 31 1.53 -1.07 -9.90
C LEU A 31 1.04 -0.92 -11.33
N LYS A 32 0.05 -0.05 -11.52
CA LYS A 32 -0.55 0.14 -12.81
C LYS A 32 -0.46 1.58 -13.24
N GLY A 33 -0.48 1.78 -14.54
CA GLY A 33 -0.28 3.10 -15.10
C GLY A 33 1.18 3.34 -15.42
N GLN A 34 1.47 3.84 -16.60
CA GLN A 34 2.85 3.91 -17.06
C GLN A 34 3.45 5.30 -16.93
N GLY A 35 4.56 5.37 -16.21
CA GLY A 35 5.24 6.62 -16.01
C GLY A 35 5.08 7.13 -14.60
N PRO A 36 5.48 8.38 -14.35
CA PRO A 36 5.42 9.00 -13.02
C PRO A 36 3.98 9.25 -12.53
N PHE A 37 3.51 8.35 -11.68
CA PHE A 37 2.17 8.47 -11.10
C PHE A 37 2.24 8.68 -9.60
N THR A 38 1.34 9.50 -9.08
CA THR A 38 1.30 9.75 -7.64
C THR A 38 0.42 8.72 -6.97
N LEU A 39 1.07 7.76 -6.35
CA LEU A 39 0.41 6.60 -5.82
C LEU A 39 0.00 6.81 -4.38
N THR A 40 -1.24 6.51 -4.06
CA THR A 40 -1.73 6.68 -2.69
C THR A 40 -2.35 5.39 -2.17
N TYR A 41 -2.00 5.03 -0.93
CA TYR A 41 -2.56 3.85 -0.30
C TYR A 41 -2.73 4.07 1.20
N ASP A 42 -3.68 3.32 1.78
CA ASP A 42 -3.98 3.41 3.20
C ASP A 42 -3.68 2.10 3.91
N ILE A 43 -2.83 2.15 4.91
CA ILE A 43 -2.61 1.03 5.79
C ILE A 43 -3.60 1.13 6.94
N ILE A 44 -4.69 0.41 6.84
CA ILE A 44 -5.80 0.58 7.76
C ILE A 44 -5.77 -0.44 8.88
N GLU A 45 -6.28 -0.04 10.03
CA GLU A 45 -6.25 -0.89 11.21
C GLU A 45 -7.53 -1.67 11.34
N THR A 46 -7.42 -2.98 11.17
CA THR A 46 -8.57 -3.85 11.28
C THR A 46 -8.64 -4.42 12.70
N PHE A 47 -7.57 -4.18 13.44
CA PHE A 47 -7.49 -4.61 14.83
C PHE A 47 -8.08 -3.53 15.74
N SER A 48 -8.09 -2.28 15.27
CA SER A 48 -8.61 -1.19 16.07
C SER A 48 -9.70 -0.43 15.31
N SER A 49 -9.31 0.55 14.51
CA SER A 49 -10.28 1.38 13.77
C SER A 49 -9.56 2.47 12.97
N LYS A 50 -8.29 2.68 13.27
CA LYS A 50 -7.54 3.77 12.64
C LYS A 50 -7.13 3.42 11.22
N ARG A 51 -6.38 4.31 10.62
CA ARG A 51 -5.94 4.17 9.25
C ARG A 51 -4.77 5.11 8.96
N LYS A 52 -3.75 4.60 8.31
CA LYS A 52 -2.56 5.37 7.98
C LYS A 52 -2.54 5.60 6.47
N THR A 53 -2.05 6.74 6.07
CA THR A 53 -2.04 7.11 4.67
C THR A 53 -0.62 7.36 4.17
N PHE A 54 -0.29 6.81 3.01
CA PHE A 54 0.99 7.06 2.39
C PHE A 54 0.82 7.39 0.92
N GLU A 55 1.45 8.45 0.49
CA GLU A 55 1.39 8.90 -0.90
C GLU A 55 2.79 9.10 -1.46
N ILE A 56 3.13 8.32 -2.48
CA ILE A 56 4.41 8.39 -3.13
C ILE A 56 4.23 8.94 -4.53
N LYS A 57 4.71 10.14 -4.77
CA LYS A 57 4.51 10.78 -6.04
C LYS A 57 5.53 10.33 -7.06
N GLU A 58 5.11 10.41 -8.30
CA GLU A 58 5.93 10.08 -9.47
C GLU A 58 6.48 8.66 -9.40
N ILE A 59 5.64 7.68 -9.08
CA ILE A 59 6.08 6.30 -9.18
C ILE A 59 6.10 5.94 -10.65
N LYS A 60 7.30 5.68 -11.15
CA LYS A 60 7.52 5.36 -12.54
C LYS A 60 7.86 3.88 -12.65
N THR A 61 7.30 3.11 -11.70
CA THR A 61 7.73 1.73 -11.49
C THR A 61 6.84 0.71 -12.22
N ASN A 62 5.70 0.36 -11.59
CA ASN A 62 4.80 -0.74 -12.03
C ASN A 62 5.21 -2.07 -11.39
N GLU A 63 6.21 -2.01 -10.53
CA GLU A 63 6.67 -3.16 -9.76
C GLU A 63 7.47 -2.67 -8.57
N TYR A 64 6.78 -2.29 -7.51
CA TYR A 64 7.44 -1.64 -6.40
C TYR A 64 7.13 -2.34 -5.09
N VAL A 65 8.17 -2.67 -4.34
CA VAL A 65 7.98 -3.30 -3.05
C VAL A 65 7.82 -2.23 -1.97
N ILE A 66 6.65 -2.21 -1.36
CA ILE A 66 6.34 -1.24 -0.33
C ILE A 66 6.81 -1.73 1.04
N LYS A 67 7.35 -0.82 1.82
CA LYS A 67 7.78 -1.14 3.18
C LYS A 67 7.12 -0.19 4.14
N THR A 68 6.11 -0.66 4.84
CA THR A 68 5.39 0.18 5.76
C THR A 68 6.20 0.37 7.05
N PRO A 69 6.11 1.56 7.66
CA PRO A 69 6.86 1.92 8.86
C PRO A 69 6.73 0.89 9.99
N VAL A 70 7.69 0.92 10.91
CA VAL A 70 7.78 -0.01 12.01
C VAL A 70 6.53 0.02 12.89
N PHE A 71 5.95 -1.16 13.10
CA PHE A 71 4.80 -1.28 13.97
C PHE A 71 5.21 -1.85 15.31
N THR A 72 5.29 -0.99 16.30
CA THR A 72 5.71 -1.38 17.64
C THR A 72 4.52 -1.79 18.48
N THR A 73 3.52 -2.32 17.81
CA THR A 73 2.31 -2.80 18.45
C THR A 73 1.69 -3.92 17.63
N GLY A 74 1.79 -5.14 18.14
CA GLY A 74 1.11 -6.28 17.52
C GLY A 74 -0.37 -6.02 17.26
N GLY A 75 -0.71 -5.84 16.00
CA GLY A 75 -2.08 -5.58 15.60
C GLY A 75 -2.32 -6.07 14.18
N ASP A 76 -3.48 -5.78 13.62
CA ASP A 76 -3.81 -6.26 12.30
C ASP A 76 -4.11 -5.06 11.41
N TYR A 77 -3.48 -5.02 10.25
CA TYR A 77 -3.62 -3.91 9.34
C TYR A 77 -3.85 -4.43 7.92
N ILE A 78 -4.37 -3.57 7.07
CA ILE A 78 -4.56 -3.91 5.67
C ILE A 78 -4.15 -2.74 4.80
N LEU A 79 -3.21 -2.97 3.90
CA LEU A 79 -2.76 -1.95 2.98
C LEU A 79 -3.68 -1.95 1.77
N SER A 80 -4.51 -0.92 1.69
CA SER A 80 -5.46 -0.79 0.61
C SER A 80 -5.09 0.38 -0.29
N LEU A 81 -5.45 0.28 -1.55
CA LEU A 81 -5.13 1.32 -2.52
C LEU A 81 -6.16 2.43 -2.47
N VAL A 82 -5.68 3.68 -2.43
CA VAL A 82 -6.57 4.81 -2.29
C VAL A 82 -6.85 5.49 -3.62
N SER A 83 -5.80 5.93 -4.29
CA SER A 83 -5.93 6.70 -5.51
C SER A 83 -4.56 6.91 -6.15
N ILE A 84 -4.56 7.56 -7.30
CA ILE A 84 -3.34 7.84 -8.03
C ILE A 84 -3.53 9.12 -8.83
N LYS A 85 -2.46 9.79 -9.18
CA LYS A 85 -2.56 10.99 -9.98
C LYS A 85 -1.68 10.85 -11.21
N ASP A 86 -2.33 10.92 -12.36
CA ASP A 86 -1.64 10.89 -13.64
C ASP A 86 -0.77 12.12 -13.77
N SER A 87 0.28 11.99 -14.57
CA SER A 87 1.33 13.00 -14.67
C SER A 87 0.78 14.35 -15.17
N THR A 88 -0.46 14.36 -15.65
CA THR A 88 -1.11 15.58 -16.09
C THR A 88 -1.89 16.21 -14.94
N GLY A 89 -1.82 15.56 -13.79
CA GLY A 89 -2.54 15.98 -12.62
C GLY A 89 -3.98 15.52 -12.65
N CYS A 90 -4.16 14.30 -13.13
CA CYS A 90 -5.50 13.72 -13.23
C CYS A 90 -5.63 12.57 -12.24
N VAL A 91 -6.44 12.76 -11.21
CA VAL A 91 -6.54 11.78 -10.13
C VAL A 91 -7.57 10.70 -10.47
N VAL A 92 -7.12 9.46 -10.35
CA VAL A 92 -7.94 8.30 -10.65
C VAL A 92 -8.21 7.53 -9.37
N GLY A 93 -9.43 7.05 -9.23
CA GLY A 93 -9.80 6.30 -8.04
C GLY A 93 -9.44 4.83 -8.13
N LEU A 94 -8.46 4.45 -7.35
CA LEU A 94 -7.98 3.08 -7.28
C LEU A 94 -8.93 2.17 -6.53
N SER A 95 -9.18 1.02 -7.12
CA SER A 95 -9.88 -0.06 -6.46
C SER A 95 -9.37 -1.39 -6.99
N GLN A 96 -8.28 -1.87 -6.40
CA GLN A 96 -7.69 -3.14 -6.77
C GLN A 96 -7.25 -3.89 -5.50
N PRO A 97 -6.78 -5.16 -5.60
CA PRO A 97 -6.42 -5.99 -4.45
C PRO A 97 -5.60 -5.27 -3.35
N ASP A 98 -5.93 -5.59 -2.11
CA ASP A 98 -5.24 -5.09 -0.93
C ASP A 98 -4.51 -6.24 -0.22
N ALA A 99 -3.63 -5.90 0.69
CA ALA A 99 -2.85 -6.91 1.40
C ALA A 99 -3.01 -6.78 2.90
N LYS A 100 -3.03 -7.90 3.59
CA LYS A 100 -3.16 -7.87 5.03
C LYS A 100 -1.81 -7.98 5.71
N ILE A 101 -1.58 -7.09 6.64
CA ILE A 101 -0.39 -7.08 7.46
C ILE A 101 -0.76 -7.52 8.87
N GLN A 102 -0.17 -8.61 9.33
CA GLN A 102 -0.50 -9.12 10.65
C GLN A 102 0.72 -9.08 11.56
N VAL A 103 0.72 -8.15 12.49
CA VAL A 103 1.85 -8.03 13.40
C VAL A 103 1.45 -8.44 14.81
N ARG A 104 2.37 -9.07 15.50
CA ARG A 104 2.12 -9.54 16.86
C ARG A 104 3.23 -9.11 17.79
N ARG A 105 3.08 -9.43 19.05
CA ARG A 105 4.13 -9.26 20.03
C ARG A 105 5.10 -10.44 19.98
N ASP A 106 6.31 -10.25 20.47
CA ASP A 106 7.28 -11.32 20.50
C ASP A 106 6.94 -12.29 21.63
N ARG A 4 -4.18 8.59 -22.17
CA ARG A 4 -5.22 8.38 -21.19
C ARG A 4 -5.51 6.90 -21.02
N VAL A 5 -5.22 6.44 -19.83
CA VAL A 5 -5.45 5.08 -19.41
C VAL A 5 -5.64 5.08 -17.91
N LYS A 6 -6.42 4.15 -17.42
CA LYS A 6 -6.70 4.05 -15.99
C LYS A 6 -5.54 3.41 -15.25
N PRO A 7 -4.78 4.20 -14.49
CA PRO A 7 -3.65 3.70 -13.73
C PRO A 7 -4.09 3.19 -12.35
N SER A 8 -3.22 2.43 -11.68
CA SER A 8 -3.60 1.79 -10.44
C SER A 8 -2.41 1.07 -9.82
N ALA A 9 -2.66 0.06 -9.01
CA ALA A 9 -1.62 -0.72 -8.39
C ALA A 9 -2.12 -2.15 -8.14
N SER A 10 -1.25 -3.14 -8.30
CA SER A 10 -1.66 -4.51 -8.09
C SER A 10 -0.61 -5.23 -7.26
N LEU A 11 -0.87 -5.35 -5.97
CA LEU A 11 0.07 -5.91 -5.05
C LEU A 11 0.43 -7.33 -5.39
N LYS A 12 1.68 -7.62 -5.14
CA LYS A 12 2.26 -8.92 -5.38
C LYS A 12 2.16 -9.77 -4.12
N LEU A 13 1.99 -9.09 -2.99
CA LEU A 13 1.82 -9.76 -1.71
C LEU A 13 0.45 -10.42 -1.68
N HIS A 14 0.42 -11.74 -1.75
CA HIS A 14 -0.84 -12.46 -1.88
C HIS A 14 -1.11 -13.33 -0.67
N HIS A 15 -1.05 -12.74 0.52
CA HIS A 15 -1.28 -13.47 1.75
C HIS A 15 -1.25 -12.53 2.95
N ASP A 16 -1.41 -13.09 4.13
CA ASP A 16 -1.25 -12.33 5.36
C ASP A 16 0.23 -12.15 5.64
N LEU A 17 0.62 -10.93 5.94
CA LEU A 17 2.02 -10.62 6.17
C LEU A 17 2.32 -10.63 7.65
N LYS A 18 2.92 -11.73 8.10
CA LYS A 18 3.13 -11.98 9.52
C LYS A 18 4.35 -11.22 10.08
N LEU A 19 4.08 -10.26 10.93
CA LEU A 19 5.11 -9.49 11.59
C LEU A 19 5.13 -9.75 13.08
N CYS A 20 6.23 -9.38 13.71
CA CYS A 20 6.36 -9.42 15.15
C CYS A 20 6.24 -8.00 15.70
N LEU A 21 6.45 -7.85 16.98
CA LEU A 21 6.33 -6.55 17.61
C LEU A 21 7.50 -5.65 17.24
N GLY A 22 7.17 -4.46 16.82
CA GLY A 22 8.18 -3.52 16.39
C GLY A 22 8.67 -3.82 15.00
N ASP A 23 8.05 -4.81 14.36
CA ASP A 23 8.42 -5.19 13.00
C ASP A 23 7.85 -4.22 11.97
N HIS A 24 8.55 -4.10 10.84
CA HIS A 24 8.05 -3.38 9.69
C HIS A 24 7.87 -4.41 8.58
N SER A 25 7.09 -4.09 7.57
CA SER A 25 6.80 -5.10 6.56
C SER A 25 7.27 -4.67 5.19
N SER A 26 7.20 -5.60 4.25
CA SER A 26 7.55 -5.34 2.88
C SER A 26 6.53 -6.00 1.95
N VAL A 27 5.63 -5.18 1.45
CA VAL A 27 4.57 -5.63 0.57
C VAL A 27 4.82 -5.10 -0.83
N PRO A 28 5.21 -5.99 -1.74
CA PRO A 28 5.53 -5.63 -3.10
C PRO A 28 4.29 -5.39 -3.93
N VAL A 29 4.29 -4.34 -4.73
CA VAL A 29 3.18 -4.08 -5.63
C VAL A 29 3.65 -3.82 -7.05
N ALA A 30 3.21 -4.68 -7.96
CA ALA A 30 3.37 -4.44 -9.38
C ALA A 30 2.29 -3.49 -9.82
N LEU A 31 2.67 -2.23 -9.86
CA LEU A 31 1.74 -1.14 -10.02
C LEU A 31 1.22 -1.07 -11.45
N LYS A 32 0.09 -0.42 -11.60
CA LYS A 32 -0.59 -0.34 -12.88
C LYS A 32 -0.59 1.08 -13.38
N GLY A 33 -0.54 1.22 -14.69
CA GLY A 33 -0.42 2.55 -15.26
C GLY A 33 1.03 2.88 -15.50
N GLN A 34 1.35 3.29 -16.70
CA GLN A 34 2.74 3.46 -17.10
C GLN A 34 3.16 4.92 -17.08
N GLY A 35 4.24 5.19 -16.37
CA GLY A 35 4.78 6.53 -16.28
C GLY A 35 4.66 7.08 -14.88
N PRO A 36 5.06 8.34 -14.68
CA PRO A 36 5.06 8.98 -13.36
C PRO A 36 3.65 9.20 -12.79
N PHE A 37 3.23 8.26 -11.96
CA PHE A 37 1.93 8.35 -11.31
C PHE A 37 2.08 8.52 -9.81
N THR A 38 1.20 9.29 -9.18
CA THR A 38 1.24 9.47 -7.75
C THR A 38 0.40 8.40 -7.09
N LEU A 39 1.06 7.46 -6.46
CA LEU A 39 0.42 6.28 -5.93
C LEU A 39 0.15 6.44 -4.44
N THR A 40 -1.12 6.54 -4.07
CA THR A 40 -1.52 6.71 -2.68
C THR A 40 -2.19 5.46 -2.14
N TYR A 41 -1.82 5.06 -0.92
CA TYR A 41 -2.43 3.91 -0.29
C TYR A 41 -2.59 4.13 1.22
N ASP A 42 -3.52 3.40 1.80
CA ASP A 42 -3.79 3.47 3.24
C ASP A 42 -3.47 2.16 3.92
N ILE A 43 -2.56 2.20 4.87
CA ILE A 43 -2.37 1.09 5.78
C ILE A 43 -3.36 1.24 6.91
N ILE A 44 -4.50 0.58 6.78
CA ILE A 44 -5.56 0.81 7.71
C ILE A 44 -5.50 -0.16 8.88
N GLU A 45 -5.79 0.36 10.06
CA GLU A 45 -5.67 -0.41 11.28
C GLU A 45 -6.99 -1.08 11.62
N THR A 46 -7.09 -2.35 11.29
CA THR A 46 -8.32 -3.09 11.46
C THR A 46 -8.35 -3.70 12.86
N PHE A 47 -7.26 -3.47 13.60
CA PHE A 47 -7.15 -3.88 14.99
C PHE A 47 -8.20 -3.17 15.83
N SER A 48 -8.51 -1.93 15.45
CA SER A 48 -9.52 -1.16 16.15
C SER A 48 -10.28 -0.24 15.19
N SER A 49 -9.87 1.02 15.09
CA SER A 49 -10.50 1.97 14.19
C SER A 49 -9.54 3.10 13.82
N LYS A 50 -8.38 2.74 13.28
CA LYS A 50 -7.39 3.72 12.87
C LYS A 50 -6.96 3.47 11.45
N ARG A 51 -6.12 4.35 10.91
CA ARG A 51 -5.66 4.23 9.54
C ARG A 51 -4.43 5.11 9.29
N LYS A 52 -3.49 4.57 8.53
CA LYS A 52 -2.28 5.27 8.15
C LYS A 52 -2.33 5.54 6.65
N THR A 53 -1.78 6.65 6.25
CA THR A 53 -1.80 7.05 4.84
C THR A 53 -0.38 7.29 4.32
N PHE A 54 -0.08 6.77 3.13
CA PHE A 54 1.22 6.98 2.52
C PHE A 54 1.05 7.23 1.04
N GLU A 55 1.78 8.19 0.53
CA GLU A 55 1.71 8.53 -0.88
C GLU A 55 3.11 8.63 -1.49
N ILE A 56 3.29 8.00 -2.65
CA ILE A 56 4.53 8.06 -3.36
C ILE A 56 4.29 8.63 -4.74
N LYS A 57 4.79 9.82 -4.99
CA LYS A 57 4.54 10.52 -6.23
C LYS A 57 5.53 10.09 -7.30
N GLU A 58 5.10 10.29 -8.54
CA GLU A 58 5.90 10.02 -9.72
C GLU A 58 6.43 8.59 -9.73
N ILE A 59 5.60 7.60 -9.40
CA ILE A 59 6.03 6.23 -9.54
C ILE A 59 6.01 5.90 -11.02
N LYS A 60 7.18 5.71 -11.57
CA LYS A 60 7.36 5.38 -12.97
C LYS A 60 7.79 3.92 -13.06
N THR A 61 7.34 3.15 -12.09
CA THR A 61 7.89 1.82 -11.84
C THR A 61 7.08 0.70 -12.49
N ASN A 62 5.99 0.31 -11.81
CA ASN A 62 5.09 -0.80 -12.20
C ASN A 62 5.51 -2.10 -11.51
N GLU A 63 6.50 -2.00 -10.63
CA GLU A 63 6.90 -3.08 -9.74
C GLU A 63 7.71 -2.51 -8.59
N TYR A 64 7.03 -2.10 -7.54
CA TYR A 64 7.68 -1.40 -6.45
C TYR A 64 7.38 -2.08 -5.12
N VAL A 65 8.43 -2.38 -4.37
CA VAL A 65 8.26 -3.01 -3.08
C VAL A 65 8.01 -1.98 -2.00
N ILE A 66 6.80 -2.01 -1.46
CA ILE A 66 6.42 -1.10 -0.41
C ILE A 66 6.91 -1.61 0.94
N LYS A 67 7.32 -0.70 1.80
CA LYS A 67 7.71 -1.06 3.14
C LYS A 67 6.88 -0.27 4.13
N THR A 68 6.04 -0.97 4.87
CA THR A 68 5.18 -0.32 5.84
C THR A 68 6.00 0.03 7.08
N PRO A 69 5.71 1.20 7.68
CA PRO A 69 6.42 1.70 8.87
C PRO A 69 6.41 0.70 10.03
N VAL A 70 7.32 0.91 10.96
CA VAL A 70 7.47 0.06 12.13
C VAL A 70 6.19 -0.01 12.96
N PHE A 71 5.70 -1.21 13.18
CA PHE A 71 4.51 -1.41 13.99
C PHE A 71 4.88 -1.83 15.40
N THR A 72 4.95 -0.87 16.30
CA THR A 72 5.28 -1.14 17.68
C THR A 72 4.05 -1.56 18.48
N THR A 73 3.12 -2.17 17.77
CA THR A 73 1.90 -2.64 18.38
C THR A 73 1.36 -3.85 17.64
N GLY A 74 1.45 -5.02 18.25
CA GLY A 74 0.80 -6.19 17.71
C GLY A 74 -0.67 -5.96 17.42
N GLY A 75 -0.99 -5.88 16.15
CA GLY A 75 -2.34 -5.65 15.70
C GLY A 75 -2.58 -6.25 14.34
N ASP A 76 -3.49 -5.67 13.58
CA ASP A 76 -3.77 -6.16 12.24
C ASP A 76 -4.00 -4.97 11.34
N TYR A 77 -3.38 -4.98 10.19
CA TYR A 77 -3.44 -3.84 9.30
C TYR A 77 -3.70 -4.29 7.88
N ILE A 78 -4.37 -3.46 7.11
CA ILE A 78 -4.65 -3.77 5.72
C ILE A 78 -4.21 -2.62 4.83
N LEU A 79 -3.24 -2.91 3.98
CA LEU A 79 -2.75 -1.92 3.05
C LEU A 79 -3.65 -1.92 1.83
N SER A 80 -4.45 -0.87 1.72
CA SER A 80 -5.41 -0.74 0.64
C SER A 80 -5.06 0.47 -0.21
N LEU A 81 -5.40 0.42 -1.48
CA LEU A 81 -5.08 1.49 -2.41
C LEU A 81 -6.12 2.60 -2.32
N VAL A 82 -5.66 3.85 -2.31
CA VAL A 82 -6.55 4.99 -2.16
C VAL A 82 -6.85 5.65 -3.49
N SER A 83 -5.80 6.08 -4.17
CA SER A 83 -5.93 6.85 -5.40
C SER A 83 -4.58 7.00 -6.08
N ILE A 84 -4.59 7.19 -7.39
CA ILE A 84 -3.37 7.41 -8.15
C ILE A 84 -3.52 8.70 -8.95
N LYS A 85 -2.43 9.22 -9.49
CA LYS A 85 -2.47 10.52 -10.13
C LYS A 85 -1.68 10.51 -11.42
N ASP A 86 -2.35 10.85 -12.49
CA ASP A 86 -1.73 10.99 -13.80
C ASP A 86 -0.85 12.22 -13.81
N SER A 87 0.12 12.24 -14.72
CA SER A 87 1.13 13.29 -14.81
C SER A 87 0.52 14.67 -15.07
N THR A 88 -0.77 14.72 -15.37
CA THR A 88 -1.48 15.96 -15.55
C THR A 88 -2.23 16.34 -14.27
N GLY A 89 -1.96 15.57 -13.22
CA GLY A 89 -2.63 15.75 -11.95
C GLY A 89 -4.03 15.19 -11.97
N CYS A 90 -4.23 14.14 -12.75
CA CYS A 90 -5.54 13.53 -12.88
C CYS A 90 -5.64 12.35 -11.93
N VAL A 91 -6.32 12.53 -10.82
CA VAL A 91 -6.36 11.52 -9.77
C VAL A 91 -7.46 10.50 -10.04
N VAL A 92 -7.05 9.25 -10.18
CA VAL A 92 -7.96 8.15 -10.45
C VAL A 92 -8.18 7.33 -9.18
N GLY A 93 -9.45 7.01 -8.91
CA GLY A 93 -9.78 6.21 -7.75
C GLY A 93 -9.26 4.79 -7.89
N LEU A 94 -8.64 4.27 -6.84
CA LEU A 94 -8.04 2.96 -6.88
C LEU A 94 -8.91 1.89 -6.24
N SER A 95 -9.07 0.77 -6.94
CA SER A 95 -9.70 -0.39 -6.39
C SER A 95 -9.07 -1.65 -6.97
N GLN A 96 -8.01 -2.11 -6.33
CA GLN A 96 -7.36 -3.37 -6.68
C GLN A 96 -6.95 -4.10 -5.39
N PRO A 97 -6.44 -5.36 -5.48
CA PRO A 97 -6.08 -6.16 -4.29
C PRO A 97 -5.29 -5.40 -3.21
N ASP A 98 -5.62 -5.71 -1.98
CA ASP A 98 -4.95 -5.18 -0.79
C ASP A 98 -4.12 -6.27 -0.13
N ALA A 99 -3.28 -5.88 0.80
CA ALA A 99 -2.49 -6.84 1.55
C ALA A 99 -2.68 -6.65 3.04
N LYS A 100 -2.83 -7.74 3.76
CA LYS A 100 -3.08 -7.68 5.18
C LYS A 100 -1.81 -8.00 5.96
N ILE A 101 -1.32 -7.01 6.68
CA ILE A 101 -0.13 -7.15 7.50
C ILE A 101 -0.53 -7.42 8.94
N GLN A 102 -0.28 -8.64 9.39
CA GLN A 102 -0.63 -9.06 10.73
C GLN A 102 0.58 -8.91 11.66
N VAL A 103 0.41 -8.16 12.73
CA VAL A 103 1.50 -7.90 13.66
C VAL A 103 1.15 -8.47 15.03
N ARG A 104 2.09 -9.16 15.68
CA ARG A 104 1.85 -9.68 17.03
C ARG A 104 3.09 -9.57 17.89
N ARG A 105 2.88 -9.32 19.18
CA ARG A 105 3.96 -9.37 20.16
C ARG A 105 4.00 -10.75 20.80
N ASP A 106 5.09 -11.46 20.61
CA ASP A 106 5.24 -12.79 21.18
C ASP A 106 6.14 -12.75 22.39
N ARG A 4 -2.96 7.10 -22.49
CA ARG A 4 -4.07 7.07 -21.56
C ARG A 4 -4.38 5.64 -21.16
N VAL A 5 -4.21 5.41 -19.89
CA VAL A 5 -4.47 4.13 -19.27
C VAL A 5 -5.01 4.36 -17.90
N LYS A 6 -5.68 3.37 -17.36
CA LYS A 6 -6.19 3.44 -16.01
C LYS A 6 -5.10 3.04 -15.04
N PRO A 7 -4.56 4.00 -14.28
CA PRO A 7 -3.48 3.76 -13.36
C PRO A 7 -3.99 3.34 -11.99
N SER A 8 -3.21 2.53 -11.29
CA SER A 8 -3.64 1.94 -10.04
C SER A 8 -2.47 1.14 -9.44
N ALA A 9 -2.78 0.09 -8.70
CA ALA A 9 -1.76 -0.76 -8.10
C ALA A 9 -2.30 -2.16 -7.89
N SER A 10 -1.45 -3.16 -8.07
CA SER A 10 -1.87 -4.53 -7.85
C SER A 10 -0.81 -5.26 -7.05
N LEU A 11 -1.11 -5.48 -5.78
CA LEU A 11 -0.15 -6.04 -4.87
C LEU A 11 0.21 -7.47 -5.25
N LYS A 12 1.43 -7.82 -4.94
CA LYS A 12 1.99 -9.13 -5.27
C LYS A 12 2.06 -9.98 -4.00
N LEU A 13 1.64 -9.38 -2.90
CA LEU A 13 1.62 -10.05 -1.61
C LEU A 13 0.37 -10.91 -1.51
N HIS A 14 0.56 -12.20 -1.23
CA HIS A 14 -0.54 -13.15 -1.25
C HIS A 14 -1.30 -13.20 0.08
N HIS A 15 -0.82 -13.99 1.03
CA HIS A 15 -1.53 -14.14 2.30
C HIS A 15 -1.03 -13.16 3.34
N ASP A 16 -1.69 -13.13 4.50
CA ASP A 16 -1.35 -12.20 5.56
C ASP A 16 0.14 -12.25 5.92
N LEU A 17 0.66 -11.08 6.25
CA LEU A 17 2.06 -10.94 6.63
C LEU A 17 2.27 -11.28 8.09
N LYS A 18 3.08 -12.30 8.35
CA LYS A 18 3.39 -12.72 9.71
C LYS A 18 4.55 -11.89 10.28
N LEU A 19 4.28 -11.15 11.34
CA LEU A 19 5.26 -10.21 11.90
C LEU A 19 5.22 -10.18 13.42
N CYS A 20 6.25 -9.62 14.03
CA CYS A 20 6.38 -9.56 15.48
C CYS A 20 6.41 -8.11 15.98
N LEU A 21 6.64 -7.93 17.27
CA LEU A 21 6.65 -6.61 17.87
C LEU A 21 7.74 -5.74 17.25
N GLY A 22 7.36 -4.55 16.80
CA GLY A 22 8.34 -3.61 16.30
C GLY A 22 8.78 -3.96 14.89
N ASP A 23 7.99 -4.79 14.24
CA ASP A 23 8.24 -5.17 12.86
C ASP A 23 8.10 -3.97 11.93
N HIS A 24 8.58 -4.14 10.73
CA HIS A 24 8.21 -3.28 9.63
C HIS A 24 8.00 -4.19 8.43
N SER A 25 6.87 -4.05 7.78
CA SER A 25 6.47 -5.08 6.84
C SER A 25 6.83 -4.70 5.42
N SER A 26 6.66 -5.64 4.51
CA SER A 26 7.01 -5.44 3.12
C SER A 26 5.99 -6.11 2.22
N VAL A 27 5.18 -5.29 1.58
CA VAL A 27 4.15 -5.77 0.68
C VAL A 27 4.47 -5.31 -0.73
N PRO A 28 4.94 -6.23 -1.57
CA PRO A 28 5.35 -5.91 -2.92
C PRO A 28 4.17 -5.63 -3.82
N VAL A 29 4.23 -4.58 -4.63
CA VAL A 29 3.15 -4.26 -5.54
C VAL A 29 3.63 -3.95 -6.96
N ALA A 30 3.12 -4.69 -7.92
CA ALA A 30 3.27 -4.35 -9.30
C ALA A 30 2.20 -3.33 -9.66
N LEU A 31 2.62 -2.09 -9.67
CA LEU A 31 1.72 -0.97 -9.78
C LEU A 31 1.27 -0.77 -11.22
N LYS A 32 0.13 -0.11 -11.36
CA LYS A 32 -0.45 0.11 -12.66
C LYS A 32 -0.41 1.57 -13.03
N GLY A 33 -0.43 1.82 -14.31
CA GLY A 33 -0.29 3.17 -14.82
C GLY A 33 1.12 3.44 -15.30
N GLN A 34 1.25 3.78 -16.57
CA GLN A 34 2.56 3.95 -17.17
C GLN A 34 2.95 5.42 -17.26
N GLY A 35 3.86 5.84 -16.40
CA GLY A 35 4.30 7.22 -16.38
C GLY A 35 4.41 7.76 -14.99
N PRO A 36 4.70 9.05 -14.83
CA PRO A 36 4.79 9.69 -13.53
C PRO A 36 3.43 9.78 -12.83
N PHE A 37 3.15 8.80 -12.00
CA PHE A 37 1.88 8.76 -11.28
C PHE A 37 2.09 8.93 -9.78
N THR A 38 1.23 9.74 -9.17
CA THR A 38 1.32 9.96 -7.73
C THR A 38 0.46 8.95 -7.02
N LEU A 39 1.14 7.95 -6.48
CA LEU A 39 0.51 6.77 -5.93
C LEU A 39 0.17 6.98 -4.46
N THR A 40 -1.05 6.65 -4.07
CA THR A 40 -1.47 6.83 -2.70
C THR A 40 -2.14 5.57 -2.16
N TYR A 41 -1.75 5.14 -0.98
CA TYR A 41 -2.34 3.96 -0.37
C TYR A 41 -2.53 4.12 1.13
N ASP A 42 -3.49 3.39 1.67
CA ASP A 42 -3.84 3.44 3.08
C ASP A 42 -3.55 2.09 3.74
N ILE A 43 -2.67 2.10 4.72
CA ILE A 43 -2.49 0.96 5.58
C ILE A 43 -3.42 1.11 6.76
N ILE A 44 -4.58 0.51 6.67
CA ILE A 44 -5.62 0.76 7.63
C ILE A 44 -5.53 -0.20 8.79
N GLU A 45 -5.77 0.33 9.98
CA GLU A 45 -5.60 -0.44 11.19
C GLU A 45 -6.92 -1.07 11.57
N THR A 46 -7.06 -2.34 11.23
CA THR A 46 -8.32 -3.04 11.40
C THR A 46 -8.39 -3.65 12.79
N PHE A 47 -7.25 -3.62 13.47
CA PHE A 47 -7.17 -4.07 14.85
C PHE A 47 -7.99 -3.17 15.76
N SER A 48 -8.03 -1.89 15.42
CA SER A 48 -8.80 -0.92 16.18
C SER A 48 -9.75 -0.16 15.28
N SER A 49 -9.39 1.07 14.94
CA SER A 49 -10.20 1.91 14.06
C SER A 49 -9.34 2.98 13.38
N LYS A 50 -8.03 2.78 13.43
CA LYS A 50 -7.08 3.75 12.89
C LYS A 50 -6.77 3.44 11.43
N ARG A 51 -5.90 4.25 10.84
CA ARG A 51 -5.50 4.11 9.46
C ARG A 51 -4.28 4.97 9.17
N LYS A 52 -3.39 4.48 8.32
CA LYS A 52 -2.17 5.19 7.98
C LYS A 52 -2.14 5.44 6.48
N THR A 53 -1.58 6.55 6.07
CA THR A 53 -1.55 6.92 4.66
C THR A 53 -0.12 7.14 4.17
N PHE A 54 0.15 6.75 2.93
CA PHE A 54 1.42 7.05 2.30
C PHE A 54 1.23 7.38 0.83
N GLU A 55 1.91 8.42 0.37
CA GLU A 55 1.84 8.85 -1.00
C GLU A 55 3.22 8.98 -1.62
N ILE A 56 3.43 8.28 -2.74
CA ILE A 56 4.69 8.33 -3.44
C ILE A 56 4.45 8.92 -4.82
N LYS A 57 4.97 10.09 -5.06
CA LYS A 57 4.70 10.81 -6.29
C LYS A 57 5.59 10.38 -7.41
N GLU A 58 5.05 10.49 -8.62
CA GLU A 58 5.74 10.16 -9.86
C GLU A 58 6.37 8.77 -9.81
N ILE A 59 5.59 7.75 -9.49
CA ILE A 59 6.09 6.40 -9.56
C ILE A 59 6.11 5.99 -11.03
N LYS A 60 7.29 5.72 -11.53
CA LYS A 60 7.48 5.35 -12.91
C LYS A 60 8.03 3.93 -12.95
N THR A 61 7.61 3.18 -11.93
CA THR A 61 8.14 1.85 -11.66
C THR A 61 7.25 0.75 -12.25
N ASN A 62 6.09 0.56 -11.61
CA ASN A 62 5.07 -0.42 -12.02
C ASN A 62 5.38 -1.77 -11.44
N GLU A 63 6.39 -1.79 -10.60
CA GLU A 63 6.82 -2.96 -9.88
C GLU A 63 7.68 -2.50 -8.73
N TYR A 64 7.05 -2.33 -7.60
CA TYR A 64 7.70 -1.68 -6.47
C TYR A 64 7.21 -2.31 -5.18
N VAL A 65 8.12 -2.72 -4.33
CA VAL A 65 7.70 -3.32 -3.10
C VAL A 65 7.64 -2.28 -1.99
N ILE A 66 6.50 -2.26 -1.33
CA ILE A 66 6.19 -1.27 -0.33
C ILE A 66 6.66 -1.74 1.05
N LYS A 67 7.15 -0.81 1.83
CA LYS A 67 7.59 -1.09 3.17
C LYS A 67 6.77 -0.30 4.17
N THR A 68 5.91 -1.02 4.88
CA THR A 68 5.03 -0.39 5.83
C THR A 68 5.79 -0.04 7.10
N PRO A 69 5.48 1.13 7.69
CA PRO A 69 6.18 1.68 8.85
C PRO A 69 6.21 0.71 10.03
N VAL A 70 7.13 0.96 10.94
CA VAL A 70 7.31 0.11 12.10
C VAL A 70 6.03 0.02 12.93
N PHE A 71 5.68 -1.20 13.26
CA PHE A 71 4.51 -1.45 14.09
C PHE A 71 4.95 -2.01 15.45
N THR A 72 5.21 -1.10 16.38
CA THR A 72 5.67 -1.50 17.71
C THR A 72 4.50 -1.89 18.59
N THR A 73 3.49 -2.45 17.95
CA THR A 73 2.28 -2.89 18.62
C THR A 73 1.57 -3.94 17.78
N GLY A 74 1.63 -5.20 18.25
CA GLY A 74 0.89 -6.27 17.61
C GLY A 74 -0.54 -5.90 17.30
N GLY A 75 -0.90 -6.06 16.03
CA GLY A 75 -2.24 -5.76 15.59
C GLY A 75 -2.48 -6.34 14.20
N ASP A 76 -3.35 -5.70 13.44
CA ASP A 76 -3.66 -6.20 12.12
C ASP A 76 -3.98 -5.01 11.23
N TYR A 77 -3.39 -5.00 10.06
CA TYR A 77 -3.50 -3.86 9.17
C TYR A 77 -3.85 -4.34 7.77
N ILE A 78 -4.48 -3.48 6.99
CA ILE A 78 -4.80 -3.81 5.61
C ILE A 78 -4.36 -2.67 4.71
N LEU A 79 -3.44 -2.97 3.81
CA LEU A 79 -2.97 -1.97 2.87
C LEU A 79 -3.90 -1.95 1.69
N SER A 80 -4.69 -0.90 1.61
CA SER A 80 -5.62 -0.71 0.53
C SER A 80 -5.21 0.51 -0.28
N LEU A 81 -5.76 0.64 -1.48
CA LEU A 81 -5.36 1.70 -2.38
C LEU A 81 -6.28 2.91 -2.24
N VAL A 82 -5.69 4.09 -2.14
CA VAL A 82 -6.46 5.31 -1.98
C VAL A 82 -6.82 5.90 -3.32
N SER A 83 -5.80 6.16 -4.12
CA SER A 83 -5.94 6.82 -5.42
C SER A 83 -4.57 7.00 -6.06
N ILE A 84 -4.56 7.54 -7.26
CA ILE A 84 -3.33 7.81 -7.98
C ILE A 84 -3.55 9.07 -8.82
N LYS A 85 -2.48 9.66 -9.30
CA LYS A 85 -2.59 10.89 -10.03
C LYS A 85 -1.73 10.87 -11.29
N ASP A 86 -2.39 11.01 -12.42
CA ASP A 86 -1.73 11.10 -13.72
C ASP A 86 -0.86 12.33 -13.77
N SER A 87 0.11 12.32 -14.69
CA SER A 87 1.11 13.37 -14.81
C SER A 87 0.45 14.71 -15.13
N THR A 88 -0.76 14.68 -15.66
CA THR A 88 -1.50 15.90 -15.97
C THR A 88 -2.21 16.40 -14.72
N GLY A 89 -2.11 15.59 -13.67
CA GLY A 89 -2.77 15.87 -12.42
C GLY A 89 -4.17 15.32 -12.41
N CYS A 90 -4.31 14.09 -12.88
CA CYS A 90 -5.62 13.45 -12.94
C CYS A 90 -5.71 12.35 -11.89
N VAL A 91 -6.49 12.59 -10.86
CA VAL A 91 -6.57 11.65 -9.75
C VAL A 91 -7.62 10.57 -10.04
N VAL A 92 -7.13 9.36 -10.26
CA VAL A 92 -7.97 8.22 -10.58
C VAL A 92 -8.29 7.44 -9.30
N GLY A 93 -9.52 6.97 -9.20
CA GLY A 93 -9.93 6.18 -8.06
C GLY A 93 -9.48 4.73 -8.17
N LEU A 94 -8.52 4.37 -7.34
CA LEU A 94 -8.00 3.04 -7.28
C LEU A 94 -8.94 2.05 -6.62
N SER A 95 -9.22 0.96 -7.32
CA SER A 95 -9.93 -0.16 -6.75
C SER A 95 -9.32 -1.45 -7.29
N GLN A 96 -8.28 -1.91 -6.61
CA GLN A 96 -7.58 -3.13 -6.98
C GLN A 96 -7.09 -3.83 -5.72
N PRO A 97 -6.59 -5.08 -5.82
CA PRO A 97 -6.27 -5.94 -4.65
C PRO A 97 -5.53 -5.24 -3.51
N ASP A 98 -5.95 -5.58 -2.29
CA ASP A 98 -5.32 -5.11 -1.05
C ASP A 98 -4.55 -6.25 -0.40
N ALA A 99 -3.74 -5.91 0.59
CA ALA A 99 -2.96 -6.91 1.32
C ALA A 99 -3.18 -6.78 2.81
N LYS A 100 -3.04 -7.87 3.54
CA LYS A 100 -3.24 -7.83 4.96
C LYS A 100 -1.94 -8.10 5.71
N ILE A 101 -1.63 -7.20 6.63
CA ILE A 101 -0.43 -7.26 7.43
C ILE A 101 -0.80 -7.68 8.85
N GLN A 102 -0.18 -8.73 9.36
CA GLN A 102 -0.48 -9.22 10.70
C GLN A 102 0.71 -9.08 11.64
N VAL A 103 0.55 -8.27 12.66
CA VAL A 103 1.61 -8.03 13.63
C VAL A 103 1.26 -8.68 14.96
N ARG A 104 2.19 -9.41 15.57
CA ARG A 104 1.97 -9.97 16.89
C ARG A 104 3.19 -9.80 17.76
N ARG A 105 2.99 -9.30 18.96
CA ARG A 105 4.09 -9.04 19.87
C ARG A 105 4.71 -10.35 20.34
N ASP A 106 6.03 -10.41 20.27
CA ASP A 106 6.76 -11.58 20.70
C ASP A 106 7.25 -11.41 22.13
N ARG A 4 -3.56 8.30 -22.15
CA ARG A 4 -4.13 8.04 -20.83
C ARG A 4 -4.64 6.63 -20.74
N VAL A 5 -4.30 6.00 -19.64
CA VAL A 5 -4.64 4.63 -19.38
C VAL A 5 -5.28 4.53 -18.02
N LYS A 6 -5.41 3.32 -17.55
CA LYS A 6 -5.90 3.11 -16.20
C LYS A 6 -4.74 2.88 -15.25
N PRO A 7 -4.41 3.88 -14.43
CA PRO A 7 -3.36 3.78 -13.43
C PRO A 7 -3.88 3.24 -12.11
N SER A 8 -3.07 2.46 -11.43
CA SER A 8 -3.52 1.82 -10.20
C SER A 8 -2.37 1.06 -9.54
N ALA A 9 -2.71 0.02 -8.79
CA ALA A 9 -1.72 -0.80 -8.13
C ALA A 9 -2.21 -2.22 -8.00
N SER A 10 -1.32 -3.19 -8.14
CA SER A 10 -1.69 -4.58 -8.01
C SER A 10 -0.72 -5.28 -7.09
N LEU A 11 -1.10 -5.44 -5.82
CA LEU A 11 -0.19 -5.99 -4.85
C LEU A 11 0.14 -7.44 -5.17
N LYS A 12 1.39 -7.78 -4.89
CA LYS A 12 1.93 -9.10 -5.20
C LYS A 12 1.84 -9.99 -3.97
N LEU A 13 1.70 -9.36 -2.81
CA LEU A 13 1.52 -10.09 -1.57
C LEU A 13 0.14 -10.77 -1.55
N HIS A 14 0.13 -12.09 -1.59
CA HIS A 14 -1.12 -12.83 -1.71
C HIS A 14 -1.42 -13.63 -0.44
N HIS A 15 -1.27 -12.99 0.71
CA HIS A 15 -1.57 -13.63 2.00
C HIS A 15 -1.37 -12.66 3.14
N ASP A 16 -1.57 -13.14 4.36
CA ASP A 16 -1.31 -12.34 5.55
C ASP A 16 0.19 -12.29 5.80
N LEU A 17 0.65 -11.11 6.16
CA LEU A 17 2.07 -10.86 6.37
C LEU A 17 2.41 -10.88 7.85
N LYS A 18 3.18 -11.87 8.25
CA LYS A 18 3.49 -12.11 9.66
C LYS A 18 4.56 -11.15 10.18
N LEU A 19 4.16 -10.24 11.07
CA LEU A 19 5.09 -9.32 11.73
C LEU A 19 5.07 -9.54 13.23
N CYS A 20 6.09 -9.02 13.90
CA CYS A 20 6.17 -9.06 15.34
C CYS A 20 6.12 -7.64 15.91
N LEU A 21 6.32 -7.50 17.21
CA LEU A 21 6.24 -6.19 17.83
C LEU A 21 7.37 -5.29 17.34
N GLY A 22 7.01 -4.14 16.81
CA GLY A 22 8.00 -3.21 16.32
C GLY A 22 8.54 -3.59 14.96
N ASP A 23 7.86 -4.52 14.31
CA ASP A 23 8.22 -4.91 12.94
C ASP A 23 7.68 -3.92 11.93
N HIS A 24 8.38 -3.81 10.80
CA HIS A 24 7.89 -3.05 9.66
C HIS A 24 7.72 -4.04 8.52
N SER A 25 6.78 -3.80 7.64
CA SER A 25 6.42 -4.82 6.67
C SER A 25 6.99 -4.50 5.29
N SER A 26 6.95 -5.49 4.43
CA SER A 26 7.38 -5.34 3.06
C SER A 26 6.40 -6.06 2.14
N VAL A 27 5.52 -5.30 1.53
CA VAL A 27 4.52 -5.82 0.63
C VAL A 27 4.81 -5.36 -0.79
N PRO A 28 5.14 -6.31 -1.66
CA PRO A 28 5.47 -6.01 -3.05
C PRO A 28 4.22 -5.70 -3.84
N VAL A 29 4.25 -4.63 -4.62
CA VAL A 29 3.15 -4.29 -5.50
C VAL A 29 3.62 -4.01 -6.93
N ALA A 30 3.11 -4.78 -7.86
CA ALA A 30 3.27 -4.47 -9.26
C ALA A 30 2.23 -3.44 -9.65
N LEU A 31 2.66 -2.20 -9.61
CA LEU A 31 1.78 -1.05 -9.75
C LEU A 31 1.34 -0.86 -11.18
N LYS A 32 0.17 -0.30 -11.36
CA LYS A 32 -0.39 -0.09 -12.67
C LYS A 32 -0.32 1.38 -13.04
N GLY A 33 -0.45 1.66 -14.32
CA GLY A 33 -0.30 3.01 -14.81
C GLY A 33 1.07 3.24 -15.40
N GLN A 34 1.10 3.78 -16.61
CA GLN A 34 2.37 3.94 -17.32
C GLN A 34 2.79 5.40 -17.35
N GLY A 35 3.81 5.74 -16.57
CA GLY A 35 4.29 7.10 -16.53
C GLY A 35 4.33 7.62 -15.12
N PRO A 36 4.59 8.92 -14.94
CA PRO A 36 4.68 9.55 -13.63
C PRO A 36 3.31 9.63 -12.94
N PHE A 37 3.02 8.66 -12.10
CA PHE A 37 1.76 8.61 -11.38
C PHE A 37 1.98 8.70 -9.88
N THR A 38 1.19 9.52 -9.20
CA THR A 38 1.29 9.64 -7.75
C THR A 38 0.45 8.56 -7.10
N LEU A 39 1.13 7.59 -6.55
CA LEU A 39 0.51 6.41 -6.03
C LEU A 39 0.31 6.53 -4.51
N THR A 40 -0.95 6.50 -4.09
CA THR A 40 -1.30 6.67 -2.68
C THR A 40 -2.00 5.43 -2.14
N TYR A 41 -1.67 5.04 -0.92
CA TYR A 41 -2.28 3.86 -0.31
C TYR A 41 -2.43 4.01 1.21
N ASP A 42 -3.35 3.24 1.78
CA ASP A 42 -3.64 3.28 3.22
C ASP A 42 -3.44 1.91 3.85
N ILE A 43 -2.55 1.84 4.80
CA ILE A 43 -2.41 0.66 5.64
C ILE A 43 -3.35 0.81 6.83
N ILE A 44 -4.52 0.21 6.72
CA ILE A 44 -5.60 0.48 7.65
C ILE A 44 -5.71 -0.58 8.73
N GLU A 45 -6.22 -0.17 9.87
CA GLU A 45 -6.37 -1.05 10.99
C GLU A 45 -7.72 -1.74 11.01
N THR A 46 -7.69 -3.05 10.96
CA THR A 46 -8.89 -3.85 11.14
C THR A 46 -8.98 -4.32 12.59
N PHE A 47 -7.94 -4.01 13.36
CA PHE A 47 -7.88 -4.39 14.76
C PHE A 47 -8.20 -3.21 15.67
N SER A 48 -7.81 -2.01 15.26
CA SER A 48 -8.05 -0.82 16.07
C SER A 48 -8.44 0.40 15.22
N SER A 49 -7.49 1.26 14.90
CA SER A 49 -7.82 2.51 14.20
C SER A 49 -6.58 3.22 13.64
N LYS A 50 -5.40 2.64 13.85
CA LYS A 50 -4.14 3.30 13.46
C LYS A 50 -3.83 3.08 11.97
N ARG A 51 -4.72 3.55 11.12
CA ARG A 51 -4.48 3.55 9.68
C ARG A 51 -3.27 4.40 9.35
N LYS A 52 -2.69 4.20 8.18
CA LYS A 52 -1.53 4.97 7.77
C LYS A 52 -1.55 5.22 6.27
N THR A 53 -1.24 6.43 5.89
CA THR A 53 -1.30 6.81 4.49
C THR A 53 0.09 7.11 3.95
N PHE A 54 0.44 6.49 2.83
CA PHE A 54 1.73 6.71 2.22
C PHE A 54 1.52 7.04 0.75
N GLU A 55 2.26 8.03 0.28
CA GLU A 55 2.12 8.53 -1.07
C GLU A 55 3.47 8.62 -1.76
N ILE A 56 3.60 7.93 -2.88
CA ILE A 56 4.83 7.96 -3.66
C ILE A 56 4.51 8.57 -5.02
N LYS A 57 5.03 9.76 -5.27
CA LYS A 57 4.68 10.48 -6.46
C LYS A 57 5.54 10.08 -7.64
N GLU A 58 4.94 10.19 -8.80
CA GLU A 58 5.58 9.91 -10.08
C GLU A 58 6.23 8.53 -10.09
N ILE A 59 5.51 7.50 -9.69
CA ILE A 59 6.04 6.15 -9.75
C ILE A 59 6.06 5.72 -11.20
N LYS A 60 7.25 5.46 -11.69
CA LYS A 60 7.44 5.06 -13.08
C LYS A 60 7.99 3.65 -13.08
N THR A 61 7.59 2.91 -12.05
CA THR A 61 8.14 1.60 -11.76
C THR A 61 7.27 0.48 -12.32
N ASN A 62 6.13 0.27 -11.67
CA ASN A 62 5.13 -0.75 -12.05
C ASN A 62 5.44 -2.07 -11.37
N GLU A 63 6.44 -2.05 -10.52
CA GLU A 63 6.78 -3.14 -9.66
C GLU A 63 7.65 -2.64 -8.53
N TYR A 64 7.04 -2.44 -7.39
CA TYR A 64 7.72 -1.76 -6.31
C TYR A 64 7.35 -2.39 -4.97
N VAL A 65 8.35 -2.72 -4.18
CA VAL A 65 8.11 -3.33 -2.90
C VAL A 65 7.93 -2.26 -1.84
N ILE A 66 6.72 -2.21 -1.31
CA ILE A 66 6.36 -1.22 -0.31
C ILE A 66 6.82 -1.67 1.07
N LYS A 67 7.28 -0.72 1.85
CA LYS A 67 7.69 -0.98 3.23
C LYS A 67 6.87 -0.12 4.17
N THR A 68 5.98 -0.75 4.91
CA THR A 68 5.13 -0.02 5.82
C THR A 68 5.90 0.31 7.09
N PRO A 69 5.63 1.50 7.66
CA PRO A 69 6.33 1.99 8.86
C PRO A 69 6.29 1.00 10.02
N VAL A 70 7.24 1.17 10.93
CA VAL A 70 7.38 0.32 12.09
C VAL A 70 6.13 0.33 12.97
N PHE A 71 5.53 -0.84 13.11
CA PHE A 71 4.35 -0.99 13.94
C PHE A 71 4.73 -1.53 15.31
N THR A 72 4.87 -0.64 16.28
CA THR A 72 5.27 -1.02 17.62
C THR A 72 4.07 -1.45 18.45
N THR A 73 3.11 -2.04 17.76
CA THR A 73 1.88 -2.53 18.38
C THR A 73 1.30 -3.68 17.58
N GLY A 74 1.32 -4.88 18.19
CA GLY A 74 0.63 -6.01 17.62
C GLY A 74 -0.81 -5.71 17.28
N GLY A 75 -1.13 -5.73 16.00
CA GLY A 75 -2.46 -5.45 15.53
C GLY A 75 -2.66 -6.03 14.15
N ASP A 76 -3.72 -5.65 13.47
CA ASP A 76 -3.98 -6.19 12.15
C ASP A 76 -4.22 -5.07 11.16
N TYR A 77 -3.44 -5.09 10.10
CA TYR A 77 -3.49 -4.04 9.09
C TYR A 77 -3.86 -4.60 7.73
N ILE A 78 -4.53 -3.79 6.94
CA ILE A 78 -4.80 -4.09 5.56
C ILE A 78 -4.33 -2.94 4.69
N LEU A 79 -3.36 -3.20 3.85
CA LEU A 79 -2.86 -2.19 2.96
C LEU A 79 -3.74 -2.15 1.72
N SER A 80 -4.44 -1.05 1.58
CA SER A 80 -5.39 -0.86 0.50
C SER A 80 -5.00 0.39 -0.29
N LEU A 81 -5.55 0.53 -1.48
CA LEU A 81 -5.16 1.59 -2.38
C LEU A 81 -6.09 2.80 -2.23
N VAL A 82 -5.49 3.99 -2.15
CA VAL A 82 -6.26 5.22 -1.93
C VAL A 82 -6.57 5.92 -3.24
N SER A 83 -5.55 6.22 -4.01
CA SER A 83 -5.74 7.01 -5.23
C SER A 83 -4.42 7.17 -5.97
N ILE A 84 -4.50 7.49 -7.25
CA ILE A 84 -3.31 7.72 -8.06
C ILE A 84 -3.48 9.03 -8.83
N LYS A 85 -2.40 9.54 -9.39
CA LYS A 85 -2.45 10.84 -10.06
C LYS A 85 -1.71 10.82 -11.39
N ASP A 86 -2.45 11.05 -12.46
CA ASP A 86 -1.85 11.27 -13.77
C ASP A 86 -1.12 12.61 -13.78
N SER A 87 -0.16 12.76 -14.70
CA SER A 87 0.77 13.90 -14.70
C SER A 87 0.06 15.23 -14.93
N THR A 88 -1.22 15.17 -15.27
CA THR A 88 -2.02 16.37 -15.44
C THR A 88 -2.65 16.78 -14.11
N GLY A 89 -2.37 15.97 -13.09
CA GLY A 89 -2.95 16.17 -11.80
C GLY A 89 -4.32 15.56 -11.70
N CYS A 90 -4.53 14.53 -12.51
CA CYS A 90 -5.81 13.85 -12.55
C CYS A 90 -5.78 12.65 -11.61
N VAL A 91 -6.50 12.76 -10.51
CA VAL A 91 -6.50 11.72 -9.50
C VAL A 91 -7.52 10.64 -9.86
N VAL A 92 -7.02 9.43 -10.02
CA VAL A 92 -7.82 8.29 -10.39
C VAL A 92 -8.07 7.42 -9.16
N GLY A 93 -9.32 6.99 -9.01
CA GLY A 93 -9.71 6.20 -7.87
C GLY A 93 -9.17 4.79 -7.93
N LEU A 94 -8.46 4.38 -6.90
CA LEU A 94 -7.85 3.07 -6.88
C LEU A 94 -8.77 2.01 -6.29
N SER A 95 -9.03 0.99 -7.07
CA SER A 95 -9.81 -0.15 -6.60
C SER A 95 -9.24 -1.45 -7.16
N GLN A 96 -8.26 -2.00 -6.45
CA GLN A 96 -7.68 -3.28 -6.80
C GLN A 96 -7.30 -4.07 -5.54
N PRO A 97 -6.86 -5.34 -5.65
CA PRO A 97 -6.53 -6.19 -4.50
C PRO A 97 -5.69 -5.50 -3.41
N ASP A 98 -6.03 -5.81 -2.17
CA ASP A 98 -5.36 -5.28 -1.00
C ASP A 98 -4.53 -6.35 -0.32
N ALA A 99 -3.67 -5.94 0.60
CA ALA A 99 -2.80 -6.86 1.32
C ALA A 99 -3.13 -6.86 2.80
N LYS A 100 -2.79 -7.93 3.49
CA LYS A 100 -3.01 -8.02 4.93
C LYS A 100 -1.70 -8.19 5.66
N ILE A 101 -1.45 -7.30 6.60
CA ILE A 101 -0.25 -7.35 7.42
C ILE A 101 -0.67 -7.66 8.87
N GLN A 102 -0.21 -8.78 9.38
CA GLN A 102 -0.58 -9.21 10.71
C GLN A 102 0.57 -8.96 11.68
N VAL A 103 0.37 -8.05 12.62
CA VAL A 103 1.39 -7.72 13.60
C VAL A 103 1.02 -8.32 14.96
N ARG A 104 1.99 -8.89 15.64
CA ARG A 104 1.73 -9.52 16.94
C ARG A 104 2.96 -9.40 17.82
N ARG A 105 2.77 -9.15 19.11
CA ARG A 105 3.90 -9.02 20.01
C ARG A 105 4.46 -10.36 20.40
N ASP A 106 5.74 -10.53 20.17
CA ASP A 106 6.45 -11.75 20.49
C ASP A 106 6.97 -11.70 21.92
N ARG A 4 -5.01 5.30 -23.52
CA ARG A 4 -5.18 5.54 -22.09
C ARG A 4 -5.69 4.30 -21.40
N VAL A 5 -5.31 4.20 -20.15
CA VAL A 5 -5.65 3.07 -19.33
C VAL A 5 -5.99 3.55 -17.94
N LYS A 6 -6.20 2.63 -17.05
CA LYS A 6 -6.52 2.95 -15.69
C LYS A 6 -5.29 2.78 -14.80
N PRO A 7 -4.81 3.88 -14.22
CA PRO A 7 -3.66 3.85 -13.36
C PRO A 7 -4.05 3.47 -11.95
N SER A 8 -3.25 2.63 -11.32
CA SER A 8 -3.67 1.99 -10.09
C SER A 8 -2.53 1.14 -9.52
N ALA A 9 -2.86 0.07 -8.81
CA ALA A 9 -1.85 -0.79 -8.24
C ALA A 9 -2.41 -2.19 -8.03
N SER A 10 -1.56 -3.19 -8.11
CA SER A 10 -1.99 -4.56 -7.89
C SER A 10 -0.91 -5.30 -7.11
N LEU A 11 -1.11 -5.40 -5.80
CA LEU A 11 -0.14 -5.99 -4.93
C LEU A 11 0.17 -7.43 -5.29
N LYS A 12 1.44 -7.73 -5.15
CA LYS A 12 1.98 -9.03 -5.51
C LYS A 12 1.95 -9.96 -4.31
N LEU A 13 1.78 -9.39 -3.12
CA LEU A 13 1.70 -10.17 -1.90
C LEU A 13 0.38 -10.94 -1.87
N HIS A 14 0.48 -12.25 -1.66
CA HIS A 14 -0.69 -13.12 -1.73
C HIS A 14 -0.97 -13.83 -0.41
N HIS A 15 -0.60 -13.21 0.70
CA HIS A 15 -0.88 -13.77 2.02
C HIS A 15 -0.66 -12.73 3.10
N ASP A 16 -1.05 -13.08 4.32
CA ASP A 16 -0.90 -12.19 5.45
C ASP A 16 0.54 -12.23 5.97
N LEU A 17 1.05 -11.06 6.32
CA LEU A 17 2.42 -10.92 6.77
C LEU A 17 2.54 -11.13 8.28
N LYS A 18 3.11 -12.26 8.68
CA LYS A 18 3.22 -12.64 10.07
C LYS A 18 4.40 -11.94 10.74
N LEU A 19 4.14 -10.82 11.42
CA LEU A 19 5.21 -10.06 12.06
C LEU A 19 5.10 -10.09 13.58
N CYS A 20 6.19 -9.71 14.23
CA CYS A 20 6.25 -9.61 15.68
C CYS A 20 6.22 -8.14 16.09
N LEU A 21 6.41 -7.87 17.36
CA LEU A 21 6.24 -6.52 17.88
C LEU A 21 7.38 -5.62 17.48
N GLY A 22 7.01 -4.40 17.12
CA GLY A 22 7.99 -3.44 16.66
C GLY A 22 8.46 -3.76 15.26
N ASP A 23 7.72 -4.63 14.59
CA ASP A 23 8.05 -4.97 13.20
C ASP A 23 7.38 -4.04 12.21
N HIS A 24 8.07 -3.81 11.10
CA HIS A 24 7.48 -3.19 9.93
C HIS A 24 7.40 -4.27 8.86
N SER A 25 6.85 -3.97 7.70
CA SER A 25 6.68 -5.04 6.72
C SER A 25 7.03 -4.60 5.31
N SER A 26 7.08 -5.57 4.41
CA SER A 26 7.41 -5.33 3.02
C SER A 26 6.42 -6.06 2.11
N VAL A 27 5.59 -5.28 1.43
CA VAL A 27 4.59 -5.82 0.53
C VAL A 27 4.84 -5.32 -0.89
N PRO A 28 5.19 -6.23 -1.80
CA PRO A 28 5.47 -5.89 -3.18
C PRO A 28 4.20 -5.65 -3.97
N VAL A 29 4.19 -4.60 -4.78
CA VAL A 29 3.04 -4.30 -5.62
C VAL A 29 3.44 -3.99 -7.05
N ALA A 30 2.90 -4.78 -7.97
CA ALA A 30 2.99 -4.47 -9.38
C ALA A 30 1.95 -3.43 -9.71
N LEU A 31 2.41 -2.20 -9.72
CA LEU A 31 1.55 -1.05 -9.84
C LEU A 31 1.13 -0.85 -11.29
N LYS A 32 0.06 -0.11 -11.47
CA LYS A 32 -0.47 0.13 -12.80
C LYS A 32 -0.38 1.62 -13.12
N GLY A 33 -0.58 1.93 -14.37
CA GLY A 33 -0.39 3.30 -14.83
C GLY A 33 1.00 3.51 -15.37
N GLN A 34 1.07 3.99 -16.60
CA GLN A 34 2.36 4.14 -17.27
C GLN A 34 2.85 5.58 -17.23
N GLY A 35 3.94 5.80 -16.53
CA GLY A 35 4.49 7.13 -16.42
C GLY A 35 4.55 7.61 -14.98
N PRO A 36 4.97 8.85 -14.75
CA PRO A 36 5.06 9.42 -13.41
C PRO A 36 3.70 9.62 -12.76
N PHE A 37 3.28 8.63 -11.99
CA PHE A 37 1.99 8.68 -11.30
C PHE A 37 2.18 8.87 -9.80
N THR A 38 1.30 9.68 -9.20
CA THR A 38 1.33 9.88 -7.77
C THR A 38 0.50 8.82 -7.08
N LEU A 39 1.19 7.85 -6.54
CA LEU A 39 0.57 6.67 -6.00
C LEU A 39 0.25 6.86 -4.53
N THR A 40 -1.00 6.65 -4.16
CA THR A 40 -1.42 6.81 -2.79
C THR A 40 -2.07 5.53 -2.26
N TYR A 41 -1.63 5.10 -1.08
CA TYR A 41 -2.20 3.92 -0.46
C TYR A 41 -2.33 4.09 1.04
N ASP A 42 -3.24 3.31 1.62
CA ASP A 42 -3.55 3.41 3.05
C ASP A 42 -3.25 2.09 3.74
N ILE A 43 -2.34 2.12 4.69
CA ILE A 43 -2.14 0.99 5.56
C ILE A 43 -3.09 1.17 6.73
N ILE A 44 -4.25 0.54 6.64
CA ILE A 44 -5.29 0.74 7.61
C ILE A 44 -5.22 -0.33 8.67
N GLU A 45 -5.62 0.00 9.87
CA GLU A 45 -5.59 -0.96 10.94
C GLU A 45 -6.99 -1.45 11.29
N THR A 46 -7.15 -2.74 11.34
CA THR A 46 -8.41 -3.33 11.74
C THR A 46 -8.38 -3.59 13.24
N PHE A 47 -7.21 -3.33 13.84
CA PHE A 47 -7.02 -3.44 15.28
C PHE A 47 -7.80 -2.34 15.98
N SER A 48 -7.86 -1.16 15.38
CA SER A 48 -8.66 -0.07 15.92
C SER A 48 -9.17 0.84 14.80
N SER A 49 -8.48 1.96 14.55
CA SER A 49 -8.96 2.95 13.59
C SER A 49 -7.89 3.99 13.23
N LYS A 50 -6.62 3.60 13.25
CA LYS A 50 -5.55 4.54 12.92
C LYS A 50 -5.00 4.24 11.54
N ARG A 51 -5.78 4.58 10.52
CA ARG A 51 -5.36 4.41 9.13
C ARG A 51 -4.14 5.28 8.83
N LYS A 52 -3.24 4.75 8.03
CA LYS A 52 -2.04 5.46 7.67
C LYS A 52 -1.99 5.65 6.17
N THR A 53 -1.50 6.78 5.74
CA THR A 53 -1.46 7.11 4.33
C THR A 53 -0.03 7.32 3.86
N PHE A 54 0.33 6.67 2.76
CA PHE A 54 1.62 6.88 2.15
C PHE A 54 1.44 7.22 0.69
N GLU A 55 2.07 8.31 0.27
CA GLU A 55 1.92 8.83 -1.06
C GLU A 55 3.28 9.02 -1.72
N ILE A 56 3.49 8.30 -2.82
CA ILE A 56 4.73 8.38 -3.57
C ILE A 56 4.46 8.94 -4.95
N LYS A 57 4.98 10.12 -5.21
CA LYS A 57 4.75 10.76 -6.49
C LYS A 57 5.71 10.24 -7.54
N GLU A 58 5.25 10.30 -8.77
CA GLU A 58 6.03 9.92 -9.93
C GLU A 58 6.55 8.49 -9.86
N ILE A 59 5.69 7.54 -9.50
CA ILE A 59 6.11 6.15 -9.57
C ILE A 59 6.15 5.75 -11.03
N LYS A 60 7.33 5.37 -11.49
CA LYS A 60 7.54 5.00 -12.87
C LYS A 60 7.99 3.55 -12.90
N THR A 61 7.48 2.82 -11.91
CA THR A 61 7.92 1.46 -11.66
C THR A 61 7.01 0.42 -12.29
N ASN A 62 5.83 0.26 -11.69
CA ASN A 62 4.81 -0.73 -12.09
C ASN A 62 5.13 -2.08 -11.47
N GLU A 63 6.16 -2.09 -10.64
CA GLU A 63 6.54 -3.24 -9.83
C GLU A 63 7.44 -2.77 -8.70
N TYR A 64 6.84 -2.38 -7.60
CA TYR A 64 7.57 -1.71 -6.53
C TYR A 64 7.28 -2.35 -5.19
N VAL A 65 8.33 -2.61 -4.43
CA VAL A 65 8.16 -3.22 -3.13
C VAL A 65 7.93 -2.15 -2.08
N ILE A 66 6.73 -2.17 -1.52
CA ILE A 66 6.34 -1.20 -0.50
C ILE A 66 6.84 -1.62 0.87
N LYS A 67 7.24 -0.65 1.67
CA LYS A 67 7.66 -0.89 3.03
C LYS A 67 6.73 -0.17 3.97
N THR A 68 5.94 -0.92 4.70
CA THR A 68 5.01 -0.35 5.65
C THR A 68 5.75 0.08 6.90
N PRO A 69 5.37 1.21 7.49
CA PRO A 69 6.00 1.76 8.69
C PRO A 69 5.96 0.77 9.86
N VAL A 70 6.75 1.06 10.89
CA VAL A 70 6.89 0.16 12.02
C VAL A 70 5.59 0.08 12.81
N PHE A 71 5.21 -1.13 13.17
CA PHE A 71 4.02 -1.37 13.95
C PHE A 71 4.39 -1.69 15.39
N THR A 72 4.23 -0.71 16.25
CA THR A 72 4.68 -0.81 17.63
C THR A 72 3.64 -1.49 18.52
N THR A 73 2.72 -2.20 17.88
CA THR A 73 1.66 -2.89 18.58
C THR A 73 1.11 -4.02 17.72
N GLY A 74 1.16 -5.23 18.24
CA GLY A 74 0.50 -6.36 17.62
C GLY A 74 -0.94 -6.08 17.24
N GLY A 75 -1.22 -6.14 15.96
CA GLY A 75 -2.55 -5.89 15.44
C GLY A 75 -2.58 -6.17 13.96
N ASP A 76 -3.77 -6.23 13.37
CA ASP A 76 -3.86 -6.51 11.95
C ASP A 76 -4.00 -5.23 11.15
N TYR A 77 -3.26 -5.15 10.06
CA TYR A 77 -3.32 -4.03 9.16
C TYR A 77 -3.66 -4.53 7.77
N ILE A 78 -4.33 -3.70 7.00
CA ILE A 78 -4.67 -4.02 5.64
C ILE A 78 -4.24 -2.87 4.75
N LEU A 79 -3.22 -3.13 3.94
CA LEU A 79 -2.74 -2.11 3.05
C LEU A 79 -3.58 -2.11 1.79
N SER A 80 -4.32 -1.04 1.63
CA SER A 80 -5.26 -0.88 0.55
C SER A 80 -4.92 0.37 -0.24
N LEU A 81 -5.42 0.45 -1.44
CA LEU A 81 -5.09 1.55 -2.33
C LEU A 81 -6.04 2.72 -2.11
N VAL A 82 -5.52 3.94 -2.19
CA VAL A 82 -6.33 5.13 -2.01
C VAL A 82 -6.65 5.78 -3.36
N SER A 83 -5.61 6.10 -4.11
CA SER A 83 -5.77 6.84 -5.35
C SER A 83 -4.44 7.03 -6.05
N ILE A 84 -4.47 7.66 -7.21
CA ILE A 84 -3.28 7.91 -7.99
C ILE A 84 -3.49 9.19 -8.80
N LYS A 85 -2.42 9.77 -9.30
CA LYS A 85 -2.53 11.00 -10.07
C LYS A 85 -1.62 10.97 -11.28
N ASP A 86 -2.23 11.08 -12.45
CA ASP A 86 -1.50 11.18 -13.71
C ASP A 86 -0.71 12.47 -13.73
N SER A 87 0.35 12.49 -14.53
CA SER A 87 1.30 13.59 -14.59
C SER A 87 0.65 14.91 -14.99
N THR A 88 -0.55 14.85 -15.56
CA THR A 88 -1.28 16.06 -15.94
C THR A 88 -2.17 16.51 -14.77
N GLY A 89 -2.10 15.74 -13.69
CA GLY A 89 -2.89 16.01 -12.51
C GLY A 89 -4.26 15.38 -12.61
N CYS A 90 -4.31 14.18 -13.16
CA CYS A 90 -5.56 13.45 -13.28
C CYS A 90 -5.65 12.42 -12.16
N VAL A 91 -6.47 12.71 -11.17
CA VAL A 91 -6.57 11.84 -10.01
C VAL A 91 -7.57 10.73 -10.28
N VAL A 92 -7.10 9.51 -10.13
CA VAL A 92 -7.87 8.33 -10.46
C VAL A 92 -8.16 7.51 -9.21
N GLY A 93 -9.39 7.04 -9.10
CA GLY A 93 -9.80 6.30 -7.91
C GLY A 93 -9.38 4.85 -7.93
N LEU A 94 -8.44 4.51 -7.07
CA LEU A 94 -7.95 3.17 -6.93
C LEU A 94 -8.84 2.29 -6.06
N SER A 95 -9.27 1.18 -6.63
CA SER A 95 -9.93 0.12 -5.90
C SER A 95 -9.44 -1.21 -6.48
N GLN A 96 -8.32 -1.69 -5.96
CA GLN A 96 -7.63 -2.84 -6.53
C GLN A 96 -6.96 -3.65 -5.40
N PRO A 97 -6.32 -4.82 -5.70
CA PRO A 97 -5.80 -5.75 -4.68
C PRO A 97 -5.12 -5.10 -3.47
N ASP A 98 -5.35 -5.70 -2.32
CA ASP A 98 -4.85 -5.22 -1.04
C ASP A 98 -4.06 -6.31 -0.33
N ALA A 99 -3.34 -5.91 0.71
CA ALA A 99 -2.55 -6.85 1.52
C ALA A 99 -2.98 -6.80 2.97
N LYS A 100 -2.70 -7.86 3.71
CA LYS A 100 -2.96 -7.87 5.14
C LYS A 100 -1.68 -8.17 5.91
N ILE A 101 -1.22 -7.16 6.62
CA ILE A 101 -0.05 -7.29 7.47
C ILE A 101 -0.49 -7.66 8.89
N GLN A 102 -0.14 -8.85 9.33
CA GLN A 102 -0.56 -9.31 10.64
C GLN A 102 0.57 -9.13 11.65
N VAL A 103 0.39 -8.18 12.54
CA VAL A 103 1.39 -7.87 13.54
C VAL A 103 1.00 -8.52 14.87
N ARG A 104 1.99 -9.00 15.61
CA ARG A 104 1.76 -9.63 16.88
C ARG A 104 2.88 -9.23 17.84
N ARG A 105 2.78 -9.65 19.09
CA ARG A 105 3.87 -9.44 20.03
C ARG A 105 5.04 -10.36 19.69
N ASP A 106 6.24 -9.97 20.10
CA ASP A 106 7.42 -10.79 19.88
C ASP A 106 7.60 -11.75 21.04
N ARG A 4 -3.17 6.87 -22.88
CA ARG A 4 -4.00 6.86 -21.70
C ARG A 4 -4.09 5.49 -21.11
N VAL A 5 -4.03 5.48 -19.81
CA VAL A 5 -3.99 4.25 -19.05
C VAL A 5 -4.80 4.41 -17.79
N LYS A 6 -5.22 3.31 -17.26
CA LYS A 6 -5.90 3.28 -15.97
C LYS A 6 -4.89 2.97 -14.90
N PRO A 7 -4.36 3.98 -14.22
CA PRO A 7 -3.27 3.80 -13.29
C PRO A 7 -3.75 3.39 -11.90
N SER A 8 -2.95 2.58 -11.22
CA SER A 8 -3.35 1.97 -9.96
C SER A 8 -2.19 1.15 -9.40
N ALA A 9 -2.50 0.18 -8.55
CA ALA A 9 -1.48 -0.71 -8.01
C ALA A 9 -2.07 -2.08 -7.74
N SER A 10 -1.31 -3.14 -8.00
CA SER A 10 -1.80 -4.50 -7.79
C SER A 10 -0.78 -5.29 -6.99
N LEU A 11 -1.07 -5.51 -5.72
CA LEU A 11 -0.13 -6.12 -4.82
C LEU A 11 0.18 -7.55 -5.20
N LYS A 12 1.40 -7.95 -4.89
CA LYS A 12 1.93 -9.26 -5.21
C LYS A 12 1.87 -10.15 -3.97
N LEU A 13 1.70 -9.50 -2.81
CA LEU A 13 1.57 -10.19 -1.54
C LEU A 13 0.27 -10.99 -1.52
N HIS A 14 0.39 -12.31 -1.41
CA HIS A 14 -0.77 -13.18 -1.58
C HIS A 14 -1.16 -13.85 -0.28
N HIS A 15 -0.97 -13.17 0.84
CA HIS A 15 -1.33 -13.72 2.15
C HIS A 15 -1.18 -12.66 3.23
N ASP A 16 -1.69 -12.97 4.41
CA ASP A 16 -1.56 -12.09 5.55
C ASP A 16 -0.13 -12.13 6.07
N LEU A 17 0.45 -10.95 6.20
CA LEU A 17 1.84 -10.79 6.56
C LEU A 17 2.03 -10.79 8.07
N LYS A 18 2.47 -11.92 8.60
CA LYS A 18 2.65 -12.10 10.04
C LYS A 18 3.94 -11.42 10.51
N LEU A 19 3.79 -10.40 11.36
CA LEU A 19 4.93 -9.64 11.85
C LEU A 19 5.05 -9.74 13.37
N CYS A 20 6.20 -9.34 13.89
CA CYS A 20 6.43 -9.27 15.33
C CYS A 20 6.44 -7.82 15.79
N LEU A 21 6.70 -7.61 17.07
CA LEU A 21 6.64 -6.29 17.68
C LEU A 21 7.68 -5.38 17.05
N GLY A 22 7.24 -4.19 16.65
CA GLY A 22 8.17 -3.20 16.13
C GLY A 22 8.68 -3.57 14.76
N ASP A 23 8.02 -4.51 14.12
CA ASP A 23 8.39 -4.93 12.78
C ASP A 23 7.85 -3.93 11.75
N HIS A 24 8.42 -3.98 10.58
CA HIS A 24 7.94 -3.20 9.45
C HIS A 24 7.59 -4.19 8.36
N SER A 25 6.67 -3.85 7.49
CA SER A 25 6.19 -4.85 6.56
C SER A 25 6.82 -4.69 5.19
N SER A 26 6.75 -5.75 4.41
CA SER A 26 7.29 -5.77 3.07
C SER A 26 6.25 -6.38 2.14
N VAL A 27 5.54 -5.52 1.43
CA VAL A 27 4.49 -5.94 0.54
C VAL A 27 4.80 -5.50 -0.88
N PRO A 28 5.15 -6.47 -1.72
CA PRO A 28 5.47 -6.20 -3.11
C PRO A 28 4.23 -5.88 -3.92
N VAL A 29 4.30 -4.88 -4.77
CA VAL A 29 3.18 -4.53 -5.63
C VAL A 29 3.62 -4.25 -7.06
N ALA A 30 3.09 -5.02 -7.99
CA ALA A 30 3.22 -4.72 -9.40
C ALA A 30 2.15 -3.72 -9.76
N LEU A 31 2.58 -2.49 -9.85
CA LEU A 31 1.69 -1.36 -9.93
C LEU A 31 1.19 -1.14 -11.35
N LYS A 32 0.21 -0.29 -11.48
CA LYS A 32 -0.42 -0.06 -12.76
C LYS A 32 -0.34 1.42 -13.14
N GLY A 33 -0.22 1.68 -14.42
CA GLY A 33 -0.11 3.04 -14.89
C GLY A 33 1.32 3.41 -15.23
N GLN A 34 1.56 3.82 -16.46
CA GLN A 34 2.91 4.10 -16.92
C GLN A 34 3.18 5.59 -16.97
N GLY A 35 4.18 6.01 -16.21
CA GLY A 35 4.52 7.41 -16.15
C GLY A 35 4.59 7.91 -14.72
N PRO A 36 4.90 9.18 -14.51
CA PRO A 36 4.97 9.76 -13.17
C PRO A 36 3.60 9.89 -12.53
N PHE A 37 3.22 8.87 -11.77
CA PHE A 37 1.94 8.87 -11.08
C PHE A 37 2.14 8.96 -9.57
N THR A 38 1.25 9.69 -8.90
CA THR A 38 1.34 9.81 -7.45
C THR A 38 0.47 8.74 -6.83
N LEU A 39 1.12 7.73 -6.28
CA LEU A 39 0.45 6.55 -5.79
C LEU A 39 0.18 6.67 -4.30
N THR A 40 -1.08 6.73 -3.94
CA THR A 40 -1.48 6.82 -2.56
C THR A 40 -2.22 5.57 -2.12
N TYR A 41 -1.87 5.05 -0.96
CA TYR A 41 -2.53 3.87 -0.42
C TYR A 41 -2.68 3.95 1.09
N ASP A 42 -3.65 3.21 1.60
CA ASP A 42 -3.95 3.20 3.02
C ASP A 42 -3.48 1.91 3.66
N ILE A 43 -2.68 2.06 4.70
CA ILE A 43 -2.44 0.97 5.62
C ILE A 43 -3.43 1.14 6.76
N ILE A 44 -4.56 0.48 6.65
CA ILE A 44 -5.64 0.71 7.56
C ILE A 44 -5.64 -0.28 8.71
N GLU A 45 -6.00 0.20 9.89
CA GLU A 45 -5.96 -0.60 11.08
C GLU A 45 -7.30 -1.29 11.30
N THR A 46 -7.35 -2.56 10.95
CA THR A 46 -8.58 -3.33 11.07
C THR A 46 -8.69 -3.86 12.50
N PHE A 47 -7.61 -3.64 13.25
CA PHE A 47 -7.56 -3.96 14.67
C PHE A 47 -8.58 -3.14 15.44
N SER A 48 -8.79 -1.90 15.00
CA SER A 48 -9.72 -1.02 15.67
C SER A 48 -10.54 -0.21 14.66
N SER A 49 -10.06 0.99 14.34
CA SER A 49 -10.74 1.86 13.40
C SER A 49 -9.77 2.94 12.87
N LYS A 50 -8.49 2.73 13.10
CA LYS A 50 -7.48 3.69 12.68
C LYS A 50 -7.03 3.41 11.25
N ARG A 51 -6.19 4.28 10.71
CA ARG A 51 -5.76 4.18 9.34
C ARG A 51 -4.49 5.01 9.11
N LYS A 52 -3.62 4.50 8.26
CA LYS A 52 -2.42 5.19 7.84
C LYS A 52 -2.51 5.42 6.34
N THR A 53 -1.97 6.51 5.90
CA THR A 53 -1.94 6.82 4.48
C THR A 53 -0.51 7.06 4.02
N PHE A 54 -0.08 6.34 3.00
CA PHE A 54 1.27 6.49 2.49
C PHE A 54 1.19 6.84 1.01
N GLU A 55 2.02 7.77 0.59
CA GLU A 55 1.97 8.27 -0.76
C GLU A 55 3.36 8.34 -1.37
N ILE A 56 3.50 7.78 -2.56
CA ILE A 56 4.75 7.81 -3.30
C ILE A 56 4.48 8.48 -4.64
N LYS A 57 5.02 9.67 -4.82
CA LYS A 57 4.76 10.43 -6.01
C LYS A 57 5.69 10.00 -7.12
N GLU A 58 5.19 10.14 -8.34
CA GLU A 58 5.93 9.83 -9.56
C GLU A 58 6.45 8.40 -9.57
N ILE A 59 5.60 7.41 -9.29
CA ILE A 59 6.03 6.04 -9.43
C ILE A 59 6.01 5.69 -10.91
N LYS A 60 7.18 5.39 -11.42
CA LYS A 60 7.35 5.07 -12.83
C LYS A 60 7.85 3.63 -12.94
N THR A 61 7.46 2.84 -11.95
CA THR A 61 7.97 1.49 -11.82
C THR A 61 7.05 0.43 -12.44
N ASN A 62 5.92 0.18 -11.76
CA ASN A 62 4.91 -0.83 -12.15
C ASN A 62 5.28 -2.18 -11.56
N GLU A 63 6.32 -2.17 -10.75
CA GLU A 63 6.80 -3.34 -10.09
C GLU A 63 7.68 -2.91 -8.92
N TYR A 64 7.06 -2.65 -7.79
CA TYR A 64 7.76 -2.04 -6.66
C TYR A 64 7.40 -2.70 -5.34
N VAL A 65 8.41 -2.99 -4.53
CA VAL A 65 8.19 -3.57 -3.23
C VAL A 65 8.00 -2.48 -2.19
N ILE A 66 6.83 -2.46 -1.58
CA ILE A 66 6.51 -1.46 -0.57
C ILE A 66 6.93 -1.93 0.82
N LYS A 67 7.39 -0.99 1.62
CA LYS A 67 7.75 -1.27 3.00
C LYS A 67 6.98 -0.33 3.91
N THR A 68 6.02 -0.87 4.63
CA THR A 68 5.19 -0.06 5.50
C THR A 68 5.95 0.28 6.77
N PRO A 69 5.73 1.50 7.30
CA PRO A 69 6.40 2.00 8.51
C PRO A 69 6.31 1.02 9.69
N VAL A 70 7.24 1.19 10.62
CA VAL A 70 7.36 0.31 11.77
C VAL A 70 6.09 0.29 12.61
N PHE A 71 5.60 -0.91 12.86
CA PHE A 71 4.42 -1.10 13.71
C PHE A 71 4.85 -1.61 15.07
N THR A 72 4.96 -0.72 16.03
CA THR A 72 5.38 -1.08 17.38
C THR A 72 4.19 -1.51 18.23
N THR A 73 3.24 -2.12 17.56
CA THR A 73 2.04 -2.61 18.20
C THR A 73 1.45 -3.78 17.41
N GLY A 74 1.51 -4.97 17.97
CA GLY A 74 0.81 -6.10 17.40
C GLY A 74 -0.66 -5.81 17.16
N GLY A 75 -1.03 -5.75 15.90
CA GLY A 75 -2.39 -5.45 15.52
C GLY A 75 -2.71 -6.03 14.16
N ASP A 76 -3.62 -5.40 13.44
CA ASP A 76 -4.00 -5.89 12.13
C ASP A 76 -4.13 -4.71 11.18
N TYR A 77 -3.38 -4.76 10.08
CA TYR A 77 -3.41 -3.71 9.08
C TYR A 77 -3.75 -4.29 7.73
N ILE A 78 -4.35 -3.47 6.87
CA ILE A 78 -4.57 -3.86 5.49
C ILE A 78 -4.15 -2.73 4.57
N LEU A 79 -3.23 -3.02 3.67
CA LEU A 79 -2.77 -2.04 2.71
C LEU A 79 -3.66 -2.07 1.49
N SER A 80 -4.46 -1.04 1.36
CA SER A 80 -5.38 -0.90 0.24
C SER A 80 -5.07 0.39 -0.52
N LEU A 81 -5.24 0.39 -1.83
CA LEU A 81 -4.96 1.55 -2.64
C LEU A 81 -6.01 2.65 -2.44
N VAL A 82 -5.54 3.89 -2.28
CA VAL A 82 -6.45 5.01 -2.03
C VAL A 82 -6.78 5.73 -3.32
N SER A 83 -5.75 6.20 -4.00
CA SER A 83 -5.91 7.04 -5.18
C SER A 83 -4.56 7.23 -5.86
N ILE A 84 -4.57 7.54 -7.13
CA ILE A 84 -3.35 7.80 -7.87
C ILE A 84 -3.51 9.08 -8.67
N LYS A 85 -2.42 9.68 -9.11
CA LYS A 85 -2.50 10.96 -9.77
C LYS A 85 -1.73 10.94 -11.07
N ASP A 86 -2.45 11.15 -12.15
CA ASP A 86 -1.85 11.31 -13.46
C ASP A 86 -1.01 12.58 -13.46
N SER A 87 0.01 12.60 -14.32
CA SER A 87 1.02 13.66 -14.31
C SER A 87 0.43 15.03 -14.64
N THR A 88 -0.84 15.05 -15.04
CA THR A 88 -1.53 16.30 -15.31
C THR A 88 -2.35 16.72 -14.08
N GLY A 89 -2.18 15.96 -13.01
CA GLY A 89 -2.93 16.19 -11.80
C GLY A 89 -4.34 15.65 -11.90
N CYS A 90 -4.47 14.47 -12.46
CA CYS A 90 -5.77 13.81 -12.56
C CYS A 90 -5.80 12.60 -11.64
N VAL A 91 -6.53 12.72 -10.54
CA VAL A 91 -6.52 11.70 -9.51
C VAL A 91 -7.54 10.60 -9.81
N VAL A 92 -7.04 9.42 -10.10
CA VAL A 92 -7.86 8.27 -10.41
C VAL A 92 -8.17 7.50 -9.13
N GLY A 93 -9.43 7.11 -8.97
CA GLY A 93 -9.84 6.35 -7.81
C GLY A 93 -9.36 4.92 -7.88
N LEU A 94 -8.57 4.51 -6.89
CA LEU A 94 -7.96 3.19 -6.90
C LEU A 94 -8.84 2.14 -6.26
N SER A 95 -8.97 1.02 -6.96
CA SER A 95 -9.63 -0.15 -6.42
C SER A 95 -9.02 -1.40 -7.03
N GLN A 96 -7.96 -1.90 -6.40
CA GLN A 96 -7.35 -3.16 -6.78
C GLN A 96 -7.04 -4.00 -5.54
N PRO A 97 -6.61 -5.28 -5.72
CA PRO A 97 -6.30 -6.18 -4.59
C PRO A 97 -5.45 -5.54 -3.49
N ASP A 98 -5.83 -5.83 -2.25
CA ASP A 98 -5.16 -5.32 -1.06
C ASP A 98 -4.40 -6.44 -0.37
N ALA A 99 -3.55 -6.06 0.57
CA ALA A 99 -2.76 -7.03 1.32
C ALA A 99 -2.93 -6.82 2.81
N LYS A 100 -3.00 -7.90 3.56
CA LYS A 100 -3.16 -7.82 4.99
C LYS A 100 -1.83 -8.01 5.70
N ILE A 101 -1.53 -7.09 6.59
CA ILE A 101 -0.33 -7.15 7.42
C ILE A 101 -0.75 -7.38 8.87
N GLN A 102 -0.48 -8.56 9.38
CA GLN A 102 -0.91 -8.93 10.72
C GLN A 102 0.28 -8.93 11.68
N VAL A 103 0.32 -7.95 12.56
CA VAL A 103 1.44 -7.76 13.45
C VAL A 103 1.15 -8.34 14.83
N ARG A 104 2.14 -8.96 15.45
CA ARG A 104 2.00 -9.50 16.79
C ARG A 104 3.12 -8.97 17.66
N ARG A 105 3.11 -9.31 18.93
CA ARG A 105 4.17 -8.90 19.82
C ARG A 105 4.92 -10.09 20.37
N ASP A 106 6.24 -10.04 20.30
CA ASP A 106 7.08 -11.11 20.80
C ASP A 106 7.74 -10.70 22.12
N ARG A 4 -5.80 8.54 -21.82
CA ARG A 4 -6.56 8.11 -20.67
C ARG A 4 -6.51 6.61 -20.53
N VAL A 5 -5.88 6.20 -19.44
CA VAL A 5 -5.74 4.82 -19.08
C VAL A 5 -6.28 4.63 -17.69
N LYS A 6 -6.06 3.46 -17.15
CA LYS A 6 -6.49 3.15 -15.81
C LYS A 6 -5.28 2.85 -14.95
N PRO A 7 -4.72 3.87 -14.30
CA PRO A 7 -3.58 3.69 -13.44
C PRO A 7 -4.02 3.33 -12.03
N SER A 8 -3.29 2.42 -11.41
CA SER A 8 -3.65 1.84 -10.12
C SER A 8 -2.46 1.08 -9.54
N ALA A 9 -2.71 0.14 -8.65
CA ALA A 9 -1.64 -0.70 -8.13
C ALA A 9 -2.15 -2.11 -7.87
N SER A 10 -1.33 -3.11 -8.13
CA SER A 10 -1.74 -4.49 -7.93
C SER A 10 -0.67 -5.22 -7.13
N LEU A 11 -0.93 -5.36 -5.84
CA LEU A 11 0.04 -5.89 -4.91
C LEU A 11 0.43 -7.31 -5.26
N LYS A 12 1.69 -7.62 -5.05
CA LYS A 12 2.24 -8.91 -5.34
C LYS A 12 2.23 -9.77 -4.10
N LEU A 13 2.10 -9.11 -2.95
CA LEU A 13 2.01 -9.80 -1.67
C LEU A 13 0.60 -10.36 -1.53
N HIS A 14 0.48 -11.67 -1.59
CA HIS A 14 -0.83 -12.31 -1.53
C HIS A 14 -0.96 -13.16 -0.28
N HIS A 15 -0.55 -12.61 0.84
CA HIS A 15 -0.54 -13.33 2.11
C HIS A 15 -0.79 -12.39 3.27
N ASP A 16 -0.91 -12.97 4.46
CA ASP A 16 -1.07 -12.20 5.68
C ASP A 16 0.27 -12.13 6.40
N LEU A 17 0.88 -10.96 6.38
CA LEU A 17 2.23 -10.78 6.92
C LEU A 17 2.27 -10.86 8.43
N LYS A 18 2.68 -12.00 8.96
CA LYS A 18 2.76 -12.22 10.40
C LYS A 18 4.01 -11.58 10.96
N LEU A 19 3.83 -10.66 11.91
CA LEU A 19 4.93 -9.88 12.46
C LEU A 19 4.99 -9.97 13.98
N CYS A 20 6.08 -9.46 14.52
CA CYS A 20 6.30 -9.39 15.95
C CYS A 20 6.12 -7.94 16.41
N LEU A 21 6.34 -7.70 17.69
CA LEU A 21 6.17 -6.38 18.25
C LEU A 21 7.27 -5.44 17.77
N GLY A 22 6.88 -4.35 17.14
CA GLY A 22 7.85 -3.40 16.67
C GLY A 22 8.50 -3.83 15.36
N ASP A 23 7.88 -4.77 14.69
CA ASP A 23 8.34 -5.18 13.35
C ASP A 23 7.73 -4.28 12.27
N HIS A 24 8.38 -4.22 11.12
CA HIS A 24 7.85 -3.51 9.96
C HIS A 24 7.62 -4.52 8.84
N SER A 25 7.18 -4.07 7.68
CA SER A 25 6.96 -5.00 6.58
C SER A 25 7.35 -4.42 5.23
N SER A 26 7.38 -5.30 4.24
CA SER A 26 7.68 -4.94 2.88
C SER A 26 6.74 -5.68 1.94
N VAL A 27 5.83 -4.93 1.34
CA VAL A 27 4.83 -5.50 0.45
C VAL A 27 5.07 -5.02 -0.98
N PRO A 28 5.46 -5.94 -1.85
CA PRO A 28 5.73 -5.64 -3.24
C PRO A 28 4.45 -5.43 -4.03
N VAL A 29 4.42 -4.38 -4.85
CA VAL A 29 3.27 -4.12 -5.71
C VAL A 29 3.70 -3.85 -7.15
N ALA A 30 3.21 -4.68 -8.04
CA ALA A 30 3.32 -4.44 -9.46
C ALA A 30 2.19 -3.53 -9.85
N LEU A 31 2.53 -2.27 -10.00
CA LEU A 31 1.56 -1.21 -10.10
C LEU A 31 0.99 -1.12 -11.50
N LYS A 32 -0.14 -0.47 -11.62
CA LYS A 32 -0.80 -0.29 -12.89
C LYS A 32 -0.73 1.17 -13.30
N GLY A 33 -0.63 1.40 -14.58
CA GLY A 33 -0.49 2.75 -15.07
C GLY A 33 0.96 3.05 -15.37
N GLN A 34 1.24 3.43 -16.60
CA GLN A 34 2.63 3.52 -17.04
C GLN A 34 3.09 4.97 -17.15
N GLY A 35 4.23 5.24 -16.51
CA GLY A 35 4.76 6.59 -16.43
C GLY A 35 4.66 7.11 -15.03
N PRO A 36 5.08 8.36 -14.80
CA PRO A 36 5.06 8.99 -13.47
C PRO A 36 3.65 9.21 -12.92
N PHE A 37 3.24 8.33 -12.03
CA PHE A 37 1.95 8.44 -11.36
C PHE A 37 2.14 8.62 -9.85
N THR A 38 1.25 9.37 -9.22
CA THR A 38 1.30 9.53 -7.78
C THR A 38 0.48 8.43 -7.13
N LEU A 39 1.17 7.48 -6.53
CA LEU A 39 0.53 6.29 -6.01
C LEU A 39 0.28 6.45 -4.52
N THR A 40 -1.00 6.54 -4.17
CA THR A 40 -1.40 6.72 -2.79
C THR A 40 -2.06 5.46 -2.23
N TYR A 41 -1.72 5.10 -1.00
CA TYR A 41 -2.32 3.96 -0.34
C TYR A 41 -2.41 4.18 1.16
N ASP A 42 -3.33 3.48 1.80
CA ASP A 42 -3.50 3.56 3.24
C ASP A 42 -3.41 2.18 3.87
N ILE A 43 -2.47 2.04 4.78
CA ILE A 43 -2.35 0.85 5.59
C ILE A 43 -3.31 0.98 6.76
N ILE A 44 -4.47 0.40 6.60
CA ILE A 44 -5.58 0.66 7.50
C ILE A 44 -5.65 -0.34 8.63
N GLU A 45 -6.11 0.11 9.78
CA GLU A 45 -6.32 -0.75 10.91
C GLU A 45 -7.70 -1.34 10.87
N THR A 46 -7.78 -2.65 10.77
CA THR A 46 -9.05 -3.32 10.80
C THR A 46 -9.36 -3.76 12.22
N PHE A 47 -8.39 -3.54 13.11
CA PHE A 47 -8.57 -3.90 14.51
C PHE A 47 -8.84 -2.65 15.38
N SER A 48 -8.42 -1.47 14.93
CA SER A 48 -8.69 -0.27 15.70
C SER A 48 -9.13 0.89 14.81
N SER A 49 -8.22 1.82 14.51
CA SER A 49 -8.62 3.03 13.78
C SER A 49 -7.42 3.81 13.21
N LYS A 50 -6.20 3.37 13.51
CA LYS A 50 -5.01 4.16 13.17
C LYS A 50 -4.52 3.84 11.76
N ARG A 51 -5.41 3.97 10.81
CA ARG A 51 -5.09 3.87 9.39
C ARG A 51 -3.99 4.84 9.01
N LYS A 52 -2.96 4.34 8.33
CA LYS A 52 -1.79 5.13 7.99
C LYS A 52 -1.82 5.43 6.50
N THR A 53 -1.43 6.63 6.17
CA THR A 53 -1.47 7.09 4.78
C THR A 53 -0.06 7.27 4.22
N PHE A 54 0.16 6.79 3.01
CA PHE A 54 1.43 7.03 2.32
C PHE A 54 1.19 7.30 0.84
N GLU A 55 1.91 8.28 0.33
CA GLU A 55 1.79 8.66 -1.07
C GLU A 55 3.17 8.78 -1.71
N ILE A 56 3.39 8.03 -2.78
CA ILE A 56 4.64 8.07 -3.50
C ILE A 56 4.41 8.64 -4.89
N LYS A 57 4.92 9.81 -5.13
CA LYS A 57 4.66 10.53 -6.35
C LYS A 57 5.61 10.10 -7.46
N GLU A 58 5.13 10.28 -8.68
CA GLU A 58 5.90 10.02 -9.88
C GLU A 58 6.48 8.60 -9.90
N ILE A 59 5.68 7.61 -9.54
CA ILE A 59 6.12 6.25 -9.70
C ILE A 59 6.04 5.94 -11.19
N LYS A 60 7.19 5.67 -11.77
CA LYS A 60 7.32 5.38 -13.18
C LYS A 60 7.70 3.92 -13.34
N THR A 61 7.32 3.13 -12.35
CA THR A 61 7.85 1.79 -12.17
C THR A 61 6.95 0.70 -12.77
N ASN A 62 5.86 0.40 -12.06
CA ASN A 62 4.93 -0.72 -12.36
C ASN A 62 5.36 -1.99 -11.63
N GLU A 63 6.43 -1.85 -10.85
CA GLU A 63 6.94 -2.93 -10.02
C GLU A 63 7.70 -2.31 -8.84
N TYR A 64 7.02 -2.06 -7.75
CA TYR A 64 7.64 -1.34 -6.65
C TYR A 64 7.41 -2.03 -5.32
N VAL A 65 8.48 -2.27 -4.57
CA VAL A 65 8.36 -2.91 -3.28
C VAL A 65 8.14 -1.86 -2.20
N ILE A 66 6.95 -1.90 -1.61
CA ILE A 66 6.56 -0.96 -0.58
C ILE A 66 7.11 -1.41 0.77
N LYS A 67 7.44 -0.44 1.62
CA LYS A 67 7.88 -0.74 2.97
C LYS A 67 6.94 -0.09 3.96
N THR A 68 6.14 -0.90 4.63
CA THR A 68 5.18 -0.40 5.58
C THR A 68 5.87 -0.03 6.89
N PRO A 69 5.42 1.09 7.50
CA PRO A 69 6.03 1.64 8.72
C PRO A 69 6.14 0.62 9.85
N VAL A 70 7.04 0.88 10.77
CA VAL A 70 7.27 -0.03 11.88
C VAL A 70 6.02 -0.11 12.76
N PHE A 71 5.58 -1.31 13.03
CA PHE A 71 4.35 -1.52 13.79
C PHE A 71 4.68 -1.79 15.25
N THR A 72 4.62 -0.76 16.06
CA THR A 72 5.03 -0.85 17.45
C THR A 72 3.90 -1.38 18.33
N THR A 73 2.94 -2.01 17.70
CA THR A 73 1.82 -2.62 18.40
C THR A 73 1.21 -3.74 17.57
N GLY A 74 1.15 -4.94 18.16
CA GLY A 74 0.44 -6.04 17.53
C GLY A 74 -0.98 -5.66 17.10
N GLY A 75 -1.26 -5.84 15.83
CA GLY A 75 -2.57 -5.54 15.29
C GLY A 75 -2.76 -6.18 13.94
N ASP A 76 -3.78 -5.76 13.21
CA ASP A 76 -4.05 -6.32 11.90
C ASP A 76 -4.30 -5.18 10.93
N TYR A 77 -3.54 -5.15 9.86
CA TYR A 77 -3.59 -4.03 8.94
C TYR A 77 -3.87 -4.50 7.53
N ILE A 78 -4.55 -3.65 6.78
CA ILE A 78 -4.80 -3.92 5.39
C ILE A 78 -4.32 -2.74 4.55
N LEU A 79 -3.34 -3.00 3.70
CA LEU A 79 -2.83 -1.98 2.82
C LEU A 79 -3.71 -1.91 1.58
N SER A 80 -4.44 -0.82 1.45
CA SER A 80 -5.35 -0.64 0.33
C SER A 80 -4.97 0.60 -0.47
N LEU A 81 -5.06 0.50 -1.78
CA LEU A 81 -4.79 1.62 -2.65
C LEU A 81 -5.88 2.67 -2.51
N VAL A 82 -5.48 3.91 -2.35
CA VAL A 82 -6.44 5.00 -2.17
C VAL A 82 -6.70 5.72 -3.47
N SER A 83 -5.64 6.13 -4.14
CA SER A 83 -5.77 6.96 -5.30
C SER A 83 -4.46 7.07 -6.04
N ILE A 84 -4.52 7.36 -7.31
CA ILE A 84 -3.31 7.54 -8.11
C ILE A 84 -3.43 8.84 -8.89
N LYS A 85 -2.35 9.31 -9.46
CA LYS A 85 -2.38 10.57 -10.16
C LYS A 85 -1.65 10.51 -11.48
N ASP A 86 -2.40 10.74 -12.55
CA ASP A 86 -1.83 10.88 -13.87
C ASP A 86 -0.83 12.01 -13.89
N SER A 87 0.11 11.94 -14.82
CA SER A 87 1.24 12.85 -14.89
C SER A 87 0.81 14.30 -15.11
N THR A 88 -0.46 14.51 -15.42
CA THR A 88 -0.98 15.85 -15.61
C THR A 88 -1.63 16.36 -14.31
N GLY A 89 -1.50 15.54 -13.28
CA GLY A 89 -2.07 15.86 -11.98
C GLY A 89 -3.54 15.53 -11.91
N CYS A 90 -3.90 14.36 -12.43
CA CYS A 90 -5.29 13.93 -12.39
C CYS A 90 -5.43 12.69 -11.52
N VAL A 91 -6.21 12.78 -10.47
CA VAL A 91 -6.27 11.70 -9.48
C VAL A 91 -7.42 10.73 -9.78
N VAL A 92 -7.06 9.47 -9.89
CA VAL A 92 -8.00 8.39 -10.12
C VAL A 92 -8.23 7.60 -8.84
N GLY A 93 -9.48 7.30 -8.57
CA GLY A 93 -9.83 6.54 -7.37
C GLY A 93 -9.47 5.07 -7.52
N LEU A 94 -8.74 4.53 -6.57
CA LEU A 94 -8.21 3.18 -6.69
C LEU A 94 -9.06 2.15 -5.97
N SER A 95 -9.25 1.03 -6.66
CA SER A 95 -9.86 -0.15 -6.07
C SER A 95 -9.28 -1.40 -6.73
N GLN A 96 -8.16 -1.85 -6.19
CA GLN A 96 -7.47 -3.04 -6.68
C GLN A 96 -6.96 -3.86 -5.49
N PRO A 97 -6.41 -5.09 -5.69
CA PRO A 97 -6.02 -5.99 -4.58
C PRO A 97 -5.27 -5.32 -3.42
N ASP A 98 -5.65 -5.73 -2.21
CA ASP A 98 -5.04 -5.25 -0.97
C ASP A 98 -4.11 -6.31 -0.40
N ALA A 99 -3.31 -5.89 0.56
CA ALA A 99 -2.43 -6.80 1.29
C ALA A 99 -2.71 -6.71 2.77
N LYS A 100 -2.46 -7.79 3.49
CA LYS A 100 -2.74 -7.79 4.91
C LYS A 100 -1.47 -8.00 5.71
N ILE A 101 -1.26 -7.11 6.65
CA ILE A 101 -0.10 -7.14 7.52
C ILE A 101 -0.57 -7.35 8.96
N GLN A 102 -0.34 -8.55 9.48
CA GLN A 102 -0.80 -8.88 10.81
C GLN A 102 0.39 -8.97 11.77
N VAL A 103 0.51 -7.98 12.62
CA VAL A 103 1.62 -7.92 13.57
C VAL A 103 1.13 -8.35 14.94
N ARG A 104 1.99 -8.98 15.70
CA ARG A 104 1.60 -9.60 16.96
C ARG A 104 2.75 -9.50 17.95
N ARG A 105 2.44 -9.53 19.24
CA ARG A 105 3.48 -9.47 20.25
C ARG A 105 4.29 -10.76 20.22
N ASP A 106 5.60 -10.64 20.23
CA ASP A 106 6.45 -11.83 20.22
C ASP A 106 6.79 -12.23 21.66
N ARG A 4 -4.47 7.53 -22.32
CA ARG A 4 -5.58 7.11 -21.47
C ARG A 4 -5.44 5.66 -21.05
N VAL A 5 -5.11 5.47 -19.79
CA VAL A 5 -4.94 4.14 -19.23
C VAL A 5 -5.31 4.18 -17.76
N LYS A 6 -5.76 3.05 -17.27
CA LYS A 6 -6.17 2.92 -15.88
C LYS A 6 -4.96 2.64 -14.98
N PRO A 7 -4.53 3.64 -14.23
CA PRO A 7 -3.43 3.51 -13.30
C PRO A 7 -3.92 3.06 -11.93
N SER A 8 -3.08 2.31 -11.23
CA SER A 8 -3.48 1.66 -10.00
C SER A 8 -2.31 0.86 -9.44
N ALA A 9 -2.59 -0.13 -8.60
CA ALA A 9 -1.55 -0.97 -8.04
C ALA A 9 -2.04 -2.40 -7.90
N SER A 10 -1.18 -3.37 -8.16
CA SER A 10 -1.57 -4.75 -8.10
C SER A 10 -0.57 -5.51 -7.25
N LEU A 11 -0.91 -5.74 -5.99
CA LEU A 11 0.02 -6.29 -5.04
C LEU A 11 0.44 -7.70 -5.41
N LYS A 12 1.70 -7.98 -5.14
CA LYS A 12 2.28 -9.29 -5.37
C LYS A 12 2.18 -10.09 -4.08
N LEU A 13 1.98 -9.38 -2.98
CA LEU A 13 1.73 -9.97 -1.68
C LEU A 13 0.47 -10.82 -1.77
N HIS A 14 0.59 -12.12 -1.53
CA HIS A 14 -0.50 -13.05 -1.78
C HIS A 14 -1.43 -13.20 -0.59
N HIS A 15 -0.86 -13.41 0.60
CA HIS A 15 -1.69 -13.61 1.79
C HIS A 15 -1.14 -12.82 2.97
N ASP A 16 -1.77 -13.01 4.14
CA ASP A 16 -1.38 -12.33 5.37
C ASP A 16 0.13 -12.26 5.53
N LEU A 17 0.61 -11.08 5.90
CA LEU A 17 2.02 -10.83 6.04
C LEU A 17 2.42 -10.80 7.52
N LYS A 18 3.05 -11.88 7.97
CA LYS A 18 3.33 -12.08 9.39
C LYS A 18 4.46 -11.19 9.91
N LEU A 19 4.12 -10.26 10.78
CA LEU A 19 5.09 -9.42 11.47
C LEU A 19 4.97 -9.63 12.97
N CYS A 20 5.97 -9.17 13.70
CA CYS A 20 5.92 -9.19 15.15
C CYS A 20 6.15 -7.79 15.71
N LEU A 21 6.27 -7.69 17.02
CA LEU A 21 6.37 -6.40 17.70
C LEU A 21 7.53 -5.57 17.13
N GLY A 22 7.17 -4.44 16.52
CA GLY A 22 8.19 -3.51 16.07
C GLY A 22 8.67 -3.80 14.67
N ASP A 23 8.08 -4.79 14.03
CA ASP A 23 8.43 -5.14 12.66
C ASP A 23 7.81 -4.17 11.66
N HIS A 24 8.52 -3.97 10.56
CA HIS A 24 8.00 -3.25 9.42
C HIS A 24 7.85 -4.25 8.29
N SER A 25 6.92 -4.03 7.40
CA SER A 25 6.62 -5.07 6.42
C SER A 25 7.09 -4.69 5.03
N SER A 26 7.10 -5.67 4.16
CA SER A 26 7.43 -5.47 2.77
C SER A 26 6.39 -6.15 1.90
N VAL A 27 5.47 -5.35 1.40
CA VAL A 27 4.42 -5.82 0.53
C VAL A 27 4.73 -5.39 -0.90
N PRO A 28 5.18 -6.34 -1.71
CA PRO A 28 5.57 -6.06 -3.08
C PRO A 28 4.35 -5.83 -3.95
N VAL A 29 4.37 -4.77 -4.73
CA VAL A 29 3.27 -4.50 -5.64
C VAL A 29 3.73 -4.16 -7.05
N ALA A 30 3.29 -4.96 -8.00
CA ALA A 30 3.44 -4.65 -9.40
C ALA A 30 2.34 -3.68 -9.79
N LEU A 31 2.71 -2.42 -9.84
CA LEU A 31 1.77 -1.33 -9.93
C LEU A 31 1.33 -1.09 -11.36
N LYS A 32 0.26 -0.35 -11.51
CA LYS A 32 -0.29 -0.05 -12.82
C LYS A 32 -0.15 1.43 -13.11
N GLY A 33 -0.33 1.77 -14.35
CA GLY A 33 -0.14 3.14 -14.79
C GLY A 33 1.29 3.40 -15.22
N GLN A 34 1.46 3.97 -16.40
CA GLN A 34 2.79 4.14 -16.97
C GLN A 34 3.19 5.61 -17.04
N GLY A 35 4.19 5.95 -16.26
CA GLY A 35 4.64 7.33 -16.18
C GLY A 35 4.62 7.83 -14.75
N PRO A 36 4.90 9.11 -14.53
CA PRO A 36 4.89 9.69 -13.19
C PRO A 36 3.49 9.79 -12.60
N PHE A 37 3.11 8.78 -11.84
CA PHE A 37 1.82 8.74 -11.17
C PHE A 37 2.00 8.90 -9.66
N THR A 38 1.12 9.66 -9.02
CA THR A 38 1.18 9.79 -7.57
C THR A 38 0.32 8.74 -6.93
N LEU A 39 0.97 7.76 -6.32
CA LEU A 39 0.28 6.60 -5.81
C LEU A 39 0.08 6.73 -4.30
N THR A 40 -1.17 6.75 -3.88
CA THR A 40 -1.53 6.89 -2.49
C THR A 40 -2.20 5.62 -1.96
N TYR A 41 -1.85 5.21 -0.75
CA TYR A 41 -2.45 4.04 -0.15
C TYR A 41 -2.57 4.19 1.38
N ASP A 42 -3.54 3.50 1.95
CA ASP A 42 -3.81 3.54 3.38
C ASP A 42 -3.47 2.21 4.03
N ILE A 43 -2.56 2.26 5.00
CA ILE A 43 -2.32 1.13 5.87
C ILE A 43 -3.26 1.23 7.06
N ILE A 44 -4.38 0.54 6.97
CA ILE A 44 -5.44 0.74 7.94
C ILE A 44 -5.38 -0.29 9.06
N GLU A 45 -5.65 0.18 10.26
CA GLU A 45 -5.57 -0.64 11.45
C GLU A 45 -6.95 -1.17 11.77
N THR A 46 -7.17 -2.43 11.46
CA THR A 46 -8.51 -3.00 11.50
C THR A 46 -8.90 -3.38 12.91
N PHE A 47 -7.94 -3.37 13.82
CA PHE A 47 -8.19 -3.73 15.20
C PHE A 47 -8.49 -2.50 16.05
N SER A 48 -7.93 -1.36 15.66
CA SER A 48 -8.07 -0.15 16.46
C SER A 48 -8.92 0.90 15.79
N SER A 49 -9.35 0.62 14.55
CA SER A 49 -10.15 1.57 13.78
C SER A 49 -9.29 2.73 13.29
N LYS A 50 -7.99 2.66 13.55
CA LYS A 50 -7.06 3.70 13.14
C LYS A 50 -6.58 3.41 11.72
N ARG A 51 -5.76 4.31 11.18
CA ARG A 51 -5.32 4.19 9.81
C ARG A 51 -4.10 5.07 9.54
N LYS A 52 -3.23 4.59 8.66
CA LYS A 52 -2.05 5.30 8.23
C LYS A 52 -2.14 5.58 6.75
N THR A 53 -1.61 6.70 6.32
CA THR A 53 -1.63 7.06 4.92
C THR A 53 -0.19 7.25 4.40
N PHE A 54 0.09 6.68 3.24
CA PHE A 54 1.39 6.83 2.63
C PHE A 54 1.21 7.13 1.15
N GLU A 55 1.98 8.08 0.66
CA GLU A 55 1.90 8.51 -0.71
C GLU A 55 3.28 8.58 -1.35
N ILE A 56 3.39 8.06 -2.56
CA ILE A 56 4.63 8.13 -3.31
C ILE A 56 4.32 8.73 -4.68
N LYS A 57 4.83 9.92 -4.92
CA LYS A 57 4.56 10.61 -6.17
C LYS A 57 5.51 10.15 -7.25
N GLU A 58 5.05 10.29 -8.48
CA GLU A 58 5.83 9.95 -9.66
C GLU A 58 6.35 8.52 -9.61
N ILE A 59 5.51 7.54 -9.29
CA ILE A 59 5.96 6.17 -9.35
C ILE A 59 6.02 5.77 -10.81
N LYS A 60 7.23 5.49 -11.26
CA LYS A 60 7.48 5.12 -12.64
C LYS A 60 8.01 3.70 -12.65
N THR A 61 7.52 2.93 -11.69
CA THR A 61 8.03 1.60 -11.43
C THR A 61 7.19 0.51 -12.10
N ASN A 62 5.99 0.29 -11.56
CA ASN A 62 5.06 -0.76 -12.00
C ASN A 62 5.48 -2.11 -11.44
N GLU A 63 6.50 -2.07 -10.60
CA GLU A 63 7.00 -3.24 -9.89
C GLU A 63 7.80 -2.77 -8.70
N TYR A 64 7.10 -2.41 -7.64
CA TYR A 64 7.75 -1.77 -6.48
C TYR A 64 7.27 -2.43 -5.21
N VAL A 65 8.19 -2.81 -4.34
CA VAL A 65 7.78 -3.37 -3.08
C VAL A 65 7.74 -2.31 -2.00
N ILE A 66 6.59 -2.23 -1.38
CA ILE A 66 6.29 -1.23 -0.39
C ILE A 66 6.70 -1.69 0.99
N LYS A 67 7.14 -0.76 1.80
CA LYS A 67 7.52 -1.07 3.17
C LYS A 67 6.62 -0.30 4.11
N THR A 68 5.78 -1.01 4.83
CA THR A 68 4.92 -0.37 5.80
C THR A 68 5.74 0.01 7.02
N PRO A 69 5.44 1.17 7.62
CA PRO A 69 6.17 1.72 8.77
C PRO A 69 6.32 0.72 9.92
N VAL A 70 7.27 0.99 10.80
CA VAL A 70 7.49 0.17 11.97
C VAL A 70 6.29 0.19 12.90
N PHE A 71 5.65 -0.95 13.03
CA PHE A 71 4.50 -1.08 13.91
C PHE A 71 4.89 -1.81 15.18
N THR A 72 5.08 -1.05 16.25
CA THR A 72 5.54 -1.61 17.51
C THR A 72 4.36 -2.12 18.34
N THR A 73 3.32 -2.50 17.63
CA THR A 73 2.11 -3.01 18.25
C THR A 73 1.50 -4.08 17.37
N GLY A 74 1.53 -5.32 17.87
CA GLY A 74 0.82 -6.40 17.22
C GLY A 74 -0.62 -6.07 16.89
N GLY A 75 -0.95 -6.13 15.63
CA GLY A 75 -2.29 -5.88 15.16
C GLY A 75 -2.39 -6.16 13.68
N ASP A 76 -3.58 -6.08 13.11
CA ASP A 76 -3.75 -6.36 11.69
C ASP A 76 -3.84 -5.05 10.94
N TYR A 77 -3.11 -4.96 9.84
CA TYR A 77 -3.08 -3.74 9.05
C TYR A 77 -3.33 -4.05 7.59
N ILE A 78 -4.40 -3.49 7.06
CA ILE A 78 -4.76 -3.70 5.67
C ILE A 78 -4.25 -2.54 4.83
N LEU A 79 -3.34 -2.86 3.92
CA LEU A 79 -2.86 -1.87 2.99
C LEU A 79 -3.82 -1.80 1.82
N SER A 80 -4.58 -0.73 1.78
CA SER A 80 -5.59 -0.53 0.76
C SER A 80 -5.24 0.67 -0.08
N LEU A 81 -5.60 0.65 -1.35
CA LEU A 81 -5.24 1.71 -2.28
C LEU A 81 -6.20 2.88 -2.15
N VAL A 82 -5.65 4.09 -2.09
CA VAL A 82 -6.47 5.29 -1.91
C VAL A 82 -6.78 5.95 -3.24
N SER A 83 -5.75 6.26 -3.99
CA SER A 83 -5.92 7.04 -5.21
C SER A 83 -4.59 7.22 -5.91
N ILE A 84 -4.63 7.58 -7.17
CA ILE A 84 -3.41 7.82 -7.94
C ILE A 84 -3.56 9.10 -8.75
N LYS A 85 -2.47 9.58 -9.32
CA LYS A 85 -2.50 10.82 -10.06
C LYS A 85 -1.78 10.69 -11.38
N ASP A 86 -2.53 10.80 -12.46
CA ASP A 86 -1.97 10.90 -13.80
C ASP A 86 -1.05 12.09 -13.87
N SER A 87 -0.08 12.03 -14.76
CA SER A 87 0.98 13.02 -14.86
C SER A 87 0.45 14.38 -15.31
N THR A 88 -0.83 14.44 -15.63
CA THR A 88 -1.49 15.69 -15.98
C THR A 88 -2.17 16.28 -14.75
N GLY A 89 -1.92 15.65 -13.62
CA GLY A 89 -2.52 16.06 -12.37
C GLY A 89 -3.97 15.67 -12.29
N CYS A 90 -4.27 14.47 -12.74
CA CYS A 90 -5.63 13.96 -12.72
C CYS A 90 -5.70 12.77 -11.77
N VAL A 91 -6.53 12.87 -10.75
CA VAL A 91 -6.60 11.83 -9.74
C VAL A 91 -7.54 10.72 -10.18
N VAL A 92 -7.09 9.49 -10.02
CA VAL A 92 -7.86 8.32 -10.38
C VAL A 92 -8.13 7.49 -9.14
N GLY A 93 -9.37 7.03 -9.03
CA GLY A 93 -9.79 6.24 -7.89
C GLY A 93 -9.26 4.83 -7.96
N LEU A 94 -8.52 4.42 -6.94
CA LEU A 94 -7.91 3.11 -6.93
C LEU A 94 -8.82 2.06 -6.32
N SER A 95 -9.03 0.98 -7.05
CA SER A 95 -9.74 -0.17 -6.53
C SER A 95 -9.13 -1.45 -7.09
N GLN A 96 -8.09 -1.93 -6.42
CA GLN A 96 -7.42 -3.17 -6.78
C GLN A 96 -6.93 -3.87 -5.50
N PRO A 97 -6.45 -5.13 -5.58
CA PRO A 97 -6.14 -5.96 -4.40
C PRO A 97 -5.43 -5.23 -3.26
N ASP A 98 -5.86 -5.56 -2.04
CA ASP A 98 -5.30 -5.02 -0.80
C ASP A 98 -4.40 -6.04 -0.15
N ALA A 99 -3.63 -5.59 0.83
CA ALA A 99 -2.74 -6.48 1.58
C ALA A 99 -3.15 -6.52 3.03
N LYS A 100 -2.90 -7.64 3.68
CA LYS A 100 -3.17 -7.77 5.10
C LYS A 100 -1.92 -8.15 5.86
N ILE A 101 -1.30 -7.14 6.41
CA ILE A 101 -0.09 -7.29 7.19
C ILE A 101 -0.46 -7.56 8.63
N GLN A 102 -0.19 -8.77 9.09
CA GLN A 102 -0.59 -9.16 10.43
C GLN A 102 0.61 -9.08 11.38
N VAL A 103 0.58 -8.10 12.24
CA VAL A 103 1.61 -7.90 13.24
C VAL A 103 1.19 -8.58 14.54
N ARG A 104 2.15 -9.12 15.26
CA ARG A 104 1.86 -9.77 16.53
C ARG A 104 2.88 -9.39 17.57
N ARG A 105 2.39 -8.86 18.69
CA ARG A 105 3.26 -8.42 19.76
C ARG A 105 3.71 -9.62 20.59
N ASP A 106 4.99 -9.89 20.53
CA ASP A 106 5.59 -11.01 21.23
C ASP A 106 6.12 -10.57 22.58
N ARG A 4 -4.86 7.82 -22.58
CA ARG A 4 -4.83 7.75 -21.13
C ARG A 4 -5.09 6.32 -20.68
N VAL A 5 -4.52 5.98 -19.55
CA VAL A 5 -4.67 4.66 -19.00
C VAL A 5 -5.44 4.80 -17.72
N LYS A 6 -5.95 3.71 -17.23
CA LYS A 6 -6.50 3.69 -15.91
C LYS A 6 -5.43 3.20 -14.94
N PRO A 7 -4.73 4.14 -14.29
CA PRO A 7 -3.60 3.81 -13.45
C PRO A 7 -4.03 3.43 -12.04
N SER A 8 -3.28 2.54 -11.42
CA SER A 8 -3.66 1.95 -10.14
C SER A 8 -2.48 1.24 -9.53
N ALA A 9 -2.73 0.35 -8.57
CA ALA A 9 -1.69 -0.47 -8.02
C ALA A 9 -2.24 -1.82 -7.59
N SER A 10 -1.50 -2.88 -7.83
CA SER A 10 -1.97 -4.22 -7.49
C SER A 10 -0.92 -4.91 -6.64
N LEU A 11 -1.18 -5.02 -5.35
CA LEU A 11 -0.22 -5.60 -4.45
C LEU A 11 0.04 -7.06 -4.80
N LYS A 12 1.30 -7.41 -4.77
CA LYS A 12 1.73 -8.74 -5.17
C LYS A 12 1.71 -9.68 -3.97
N LEU A 13 1.68 -9.09 -2.78
CA LEU A 13 1.54 -9.86 -1.56
C LEU A 13 0.15 -10.47 -1.51
N HIS A 14 0.07 -11.79 -1.67
CA HIS A 14 -1.22 -12.46 -1.77
C HIS A 14 -1.50 -13.33 -0.54
N HIS A 15 -0.90 -12.97 0.58
CA HIS A 15 -1.09 -13.69 1.82
C HIS A 15 -0.80 -12.80 3.00
N ASP A 16 -1.28 -13.19 4.18
CA ASP A 16 -1.14 -12.38 5.38
C ASP A 16 0.29 -12.38 5.87
N LEU A 17 0.76 -11.19 6.15
CA LEU A 17 2.15 -10.96 6.53
C LEU A 17 2.32 -11.11 8.04
N LYS A 18 3.01 -12.17 8.43
CA LYS A 18 3.13 -12.54 9.85
C LYS A 18 4.28 -11.81 10.52
N LEU A 19 3.98 -10.83 11.36
CA LEU A 19 5.01 -10.07 12.04
C LEU A 19 4.89 -10.21 13.55
N CYS A 20 5.95 -9.84 14.26
CA CYS A 20 5.94 -9.80 15.70
C CYS A 20 6.15 -8.37 16.16
N LEU A 21 6.30 -8.16 17.45
CA LEU A 21 6.35 -6.81 18.00
C LEU A 21 7.65 -6.13 17.68
N GLY A 22 7.52 -4.90 17.23
CA GLY A 22 8.68 -4.13 16.85
C GLY A 22 9.14 -4.47 15.46
N ASP A 23 8.32 -5.23 14.75
CA ASP A 23 8.60 -5.56 13.35
C ASP A 23 8.05 -4.50 12.40
N HIS A 24 8.72 -4.32 11.27
CA HIS A 24 8.18 -3.50 10.20
C HIS A 24 7.81 -4.43 9.06
N SER A 25 7.08 -3.94 8.09
CA SER A 25 6.56 -4.82 7.06
C SER A 25 7.04 -4.41 5.68
N SER A 26 6.88 -5.32 4.74
CA SER A 26 7.23 -5.07 3.36
C SER A 26 6.22 -5.77 2.46
N VAL A 27 5.67 -5.03 1.53
CA VAL A 27 4.66 -5.56 0.63
C VAL A 27 4.90 -5.08 -0.78
N PRO A 28 5.20 -6.02 -1.68
CA PRO A 28 5.47 -5.69 -3.08
C PRO A 28 4.18 -5.43 -3.83
N VAL A 29 4.19 -4.39 -4.65
CA VAL A 29 3.05 -4.07 -5.49
C VAL A 29 3.46 -3.80 -6.93
N ALA A 30 2.94 -4.60 -7.83
CA ALA A 30 3.05 -4.33 -9.26
C ALA A 30 1.94 -3.37 -9.63
N LEU A 31 2.35 -2.17 -9.96
CA LEU A 31 1.44 -1.06 -10.08
C LEU A 31 0.97 -0.88 -11.51
N LYS A 32 -0.19 -0.29 -11.65
CA LYS A 32 -0.80 -0.08 -12.95
C LYS A 32 -0.71 1.39 -13.35
N GLY A 33 -0.62 1.64 -14.63
CA GLY A 33 -0.42 3.00 -15.10
C GLY A 33 1.04 3.26 -15.38
N GLN A 34 1.35 3.57 -16.62
CA GLN A 34 2.75 3.62 -17.03
C GLN A 34 3.28 5.03 -17.07
N GLY A 35 4.34 5.27 -16.32
CA GLY A 35 4.95 6.57 -16.23
C GLY A 35 4.85 7.14 -14.85
N PRO A 36 5.20 8.41 -14.67
CA PRO A 36 5.20 9.07 -13.35
C PRO A 36 3.79 9.32 -12.80
N PHE A 37 3.34 8.42 -11.94
CA PHE A 37 2.02 8.54 -11.30
C PHE A 37 2.16 8.74 -9.79
N THR A 38 1.24 9.48 -9.20
CA THR A 38 1.25 9.69 -7.77
C THR A 38 0.42 8.61 -7.08
N LEU A 39 1.12 7.67 -6.48
CA LEU A 39 0.51 6.47 -5.96
C LEU A 39 0.23 6.63 -4.47
N THR A 40 -1.04 6.65 -4.11
CA THR A 40 -1.46 6.80 -2.73
C THR A 40 -2.07 5.50 -2.22
N TYR A 41 -1.68 5.08 -1.02
CA TYR A 41 -2.22 3.86 -0.44
C TYR A 41 -2.40 3.97 1.08
N ASP A 42 -3.35 3.20 1.60
CA ASP A 42 -3.69 3.20 3.02
C ASP A 42 -3.33 1.88 3.67
N ILE A 43 -2.48 1.94 4.67
CA ILE A 43 -2.31 0.83 5.56
C ILE A 43 -3.22 1.05 6.76
N ILE A 44 -4.39 0.45 6.70
CA ILE A 44 -5.45 0.72 7.65
C ILE A 44 -5.54 -0.35 8.72
N GLU A 45 -5.99 0.04 9.91
CA GLU A 45 -6.06 -0.87 11.02
C GLU A 45 -7.43 -1.52 11.10
N THR A 46 -7.47 -2.82 10.92
CA THR A 46 -8.70 -3.57 11.01
C THR A 46 -8.84 -4.17 12.41
N PHE A 47 -7.80 -4.00 13.21
CA PHE A 47 -7.80 -4.51 14.58
C PHE A 47 -8.21 -3.41 15.55
N SER A 48 -7.95 -2.16 15.21
CA SER A 48 -8.36 -1.06 16.04
C SER A 48 -9.30 -0.11 15.29
N SER A 49 -8.77 1.03 14.84
CA SER A 49 -9.61 2.03 14.21
C SER A 49 -8.79 3.11 13.51
N LYS A 50 -7.48 2.94 13.47
CA LYS A 50 -6.62 3.95 12.85
C LYS A 50 -6.30 3.58 11.40
N ARG A 51 -5.51 4.42 10.76
CA ARG A 51 -5.19 4.28 9.35
C ARG A 51 -3.96 5.10 9.00
N LYS A 52 -3.07 4.53 8.22
CA LYS A 52 -1.90 5.23 7.76
C LYS A 52 -1.97 5.38 6.25
N THR A 53 -1.45 6.47 5.75
CA THR A 53 -1.52 6.75 4.33
C THR A 53 -0.15 7.20 3.79
N PHE A 54 0.22 6.65 2.63
CA PHE A 54 1.43 7.07 1.93
C PHE A 54 1.09 7.53 0.52
N GLU A 55 1.65 8.65 0.13
CA GLU A 55 1.45 9.19 -1.21
C GLU A 55 2.80 9.46 -1.88
N ILE A 56 3.18 8.60 -2.81
CA ILE A 56 4.44 8.73 -3.50
C ILE A 56 4.22 9.24 -4.92
N LYS A 57 4.76 10.41 -5.22
CA LYS A 57 4.61 11.02 -6.52
C LYS A 57 5.53 10.37 -7.53
N GLU A 58 5.16 10.55 -8.77
CA GLU A 58 5.97 10.16 -9.93
C GLU A 58 6.51 8.74 -9.81
N ILE A 59 5.67 7.78 -9.42
CA ILE A 59 6.10 6.40 -9.46
C ILE A 59 6.08 5.97 -10.92
N LYS A 60 7.26 5.76 -11.47
CA LYS A 60 7.42 5.38 -12.87
C LYS A 60 7.81 3.92 -12.91
N THR A 61 7.35 3.18 -11.91
CA THR A 61 7.84 1.84 -11.64
C THR A 61 6.97 0.75 -12.27
N ASN A 62 5.80 0.52 -11.66
CA ASN A 62 4.84 -0.52 -12.03
C ASN A 62 5.21 -1.85 -11.39
N GLU A 63 6.27 -1.83 -10.61
CA GLU A 63 6.74 -2.99 -9.86
C GLU A 63 7.55 -2.50 -8.66
N TYR A 64 6.86 -2.16 -7.58
CA TYR A 64 7.51 -1.47 -6.47
C TYR A 64 7.29 -2.20 -5.16
N VAL A 65 8.37 -2.49 -4.45
CA VAL A 65 8.26 -3.14 -3.17
C VAL A 65 8.12 -2.11 -2.06
N ILE A 66 6.92 -2.04 -1.50
CA ILE A 66 6.60 -1.09 -0.45
C ILE A 66 7.18 -1.55 0.87
N LYS A 67 7.64 -0.59 1.67
CA LYS A 67 8.13 -0.86 3.00
C LYS A 67 7.34 -0.05 4.00
N THR A 68 6.49 -0.73 4.74
CA THR A 68 5.64 -0.07 5.69
C THR A 68 6.38 0.15 7.01
N PRO A 69 6.11 1.28 7.68
CA PRO A 69 6.79 1.68 8.92
C PRO A 69 6.73 0.60 9.99
N VAL A 70 7.62 0.69 10.97
CA VAL A 70 7.71 -0.30 12.02
C VAL A 70 6.46 -0.28 12.89
N PHE A 71 5.94 -1.46 13.18
CA PHE A 71 4.76 -1.58 14.01
C PHE A 71 5.15 -1.99 15.42
N THR A 72 5.21 -1.01 16.30
CA THR A 72 5.61 -1.23 17.67
C THR A 72 4.41 -1.64 18.51
N THR A 73 3.43 -2.20 17.81
CA THR A 73 2.19 -2.67 18.44
C THR A 73 1.51 -3.67 17.51
N GLY A 74 1.49 -4.93 17.92
CA GLY A 74 0.74 -5.94 17.20
C GLY A 74 -0.71 -5.54 16.90
N GLY A 75 -1.20 -6.03 15.78
CA GLY A 75 -2.52 -5.71 15.31
C GLY A 75 -2.69 -6.15 13.87
N ASP A 76 -3.88 -5.97 13.32
CA ASP A 76 -4.11 -6.38 11.94
C ASP A 76 -4.26 -5.14 11.09
N TYR A 77 -3.52 -5.10 10.00
CA TYR A 77 -3.52 -3.94 9.13
C TYR A 77 -3.74 -4.39 7.69
N ILE A 78 -4.42 -3.60 6.91
CA ILE A 78 -4.64 -3.91 5.51
C ILE A 78 -4.14 -2.77 4.66
N LEU A 79 -3.21 -3.08 3.78
CA LEU A 79 -2.71 -2.10 2.85
C LEU A 79 -3.57 -2.11 1.60
N SER A 80 -4.25 -1.00 1.37
CA SER A 80 -5.18 -0.86 0.27
C SER A 80 -4.85 0.41 -0.52
N LEU A 81 -5.12 0.41 -1.81
CA LEU A 81 -4.84 1.55 -2.66
C LEU A 81 -5.89 2.64 -2.48
N VAL A 82 -5.44 3.87 -2.27
CA VAL A 82 -6.35 4.98 -2.04
C VAL A 82 -6.73 5.66 -3.33
N SER A 83 -5.72 6.11 -4.06
CA SER A 83 -5.90 6.90 -5.27
C SER A 83 -4.57 7.08 -5.97
N ILE A 84 -4.62 7.42 -7.24
CA ILE A 84 -3.41 7.69 -8.01
C ILE A 84 -3.62 8.97 -8.81
N LYS A 85 -2.57 9.60 -9.26
CA LYS A 85 -2.70 10.81 -10.03
C LYS A 85 -1.82 10.74 -11.28
N ASP A 86 -2.47 10.88 -12.42
CA ASP A 86 -1.81 10.92 -13.71
C ASP A 86 -1.00 12.19 -13.83
N SER A 87 0.01 12.15 -14.70
CA SER A 87 1.01 13.20 -14.86
C SER A 87 0.38 14.55 -15.25
N THR A 88 -0.88 14.54 -15.68
CA THR A 88 -1.57 15.79 -16.02
C THR A 88 -2.29 16.33 -14.78
N GLY A 89 -2.17 15.59 -13.68
CA GLY A 89 -2.81 15.93 -12.45
C GLY A 89 -4.23 15.41 -12.38
N CYS A 90 -4.43 14.21 -12.90
CA CYS A 90 -5.75 13.61 -12.92
C CYS A 90 -5.82 12.44 -11.94
N VAL A 91 -6.64 12.57 -10.92
CA VAL A 91 -6.72 11.56 -9.88
C VAL A 91 -7.70 10.46 -10.26
N VAL A 92 -7.29 9.22 -10.08
CA VAL A 92 -8.12 8.07 -10.37
C VAL A 92 -8.37 7.26 -9.10
N GLY A 93 -9.63 6.93 -8.88
CA GLY A 93 -10.02 6.16 -7.70
C GLY A 93 -9.53 4.73 -7.79
N LEU A 94 -8.65 4.35 -6.88
CA LEU A 94 -8.02 3.05 -6.92
C LEU A 94 -8.86 1.96 -6.27
N SER A 95 -9.03 0.87 -7.00
CA SER A 95 -9.70 -0.30 -6.47
C SER A 95 -9.07 -1.56 -7.09
N GLN A 96 -8.00 -2.02 -6.46
CA GLN A 96 -7.32 -3.25 -6.89
C GLN A 96 -6.92 -4.05 -5.64
N PRO A 97 -6.46 -5.33 -5.79
CA PRO A 97 -6.15 -6.21 -4.65
C PRO A 97 -5.33 -5.54 -3.55
N ASP A 98 -5.74 -5.80 -2.32
CA ASP A 98 -5.10 -5.25 -1.12
C ASP A 98 -4.33 -6.35 -0.41
N ALA A 99 -3.49 -5.94 0.54
CA ALA A 99 -2.66 -6.88 1.29
C ALA A 99 -2.99 -6.80 2.77
N LYS A 100 -2.78 -7.89 3.49
CA LYS A 100 -3.02 -7.89 4.91
C LYS A 100 -1.74 -8.18 5.67
N ILE A 101 -1.42 -7.30 6.59
CA ILE A 101 -0.26 -7.42 7.43
C ILE A 101 -0.70 -7.67 8.87
N GLN A 102 -0.30 -8.80 9.42
CA GLN A 102 -0.65 -9.15 10.79
C GLN A 102 0.57 -9.03 11.68
N VAL A 103 0.51 -8.11 12.62
CA VAL A 103 1.60 -7.92 13.56
C VAL A 103 1.17 -8.46 14.93
N ARG A 104 2.09 -9.02 15.69
CA ARG A 104 1.75 -9.56 17.00
C ARG A 104 2.68 -9.05 18.07
N ARG A 105 2.37 -9.38 19.30
CA ARG A 105 3.22 -9.08 20.42
C ARG A 105 3.54 -10.36 21.19
N ASP A 106 4.82 -10.64 21.35
CA ASP A 106 5.25 -11.86 22.02
C ASP A 106 5.28 -11.67 23.53
N ARG A 4 -3.75 7.44 -22.07
CA ARG A 4 -4.76 7.29 -21.03
C ARG A 4 -4.89 5.84 -20.67
N VAL A 5 -4.78 5.57 -19.40
CA VAL A 5 -4.89 4.24 -18.87
C VAL A 5 -5.61 4.30 -17.54
N LYS A 6 -5.99 3.15 -17.06
CA LYS A 6 -6.60 3.05 -15.75
C LYS A 6 -5.52 2.74 -14.72
N PRO A 7 -5.00 3.78 -14.05
CA PRO A 7 -3.86 3.65 -13.16
C PRO A 7 -4.26 3.24 -11.75
N SER A 8 -3.38 2.51 -11.08
CA SER A 8 -3.67 1.93 -9.78
C SER A 8 -2.45 1.16 -9.29
N ALA A 9 -2.66 0.18 -8.43
CA ALA A 9 -1.60 -0.67 -7.96
C ALA A 9 -2.11 -2.09 -7.76
N SER A 10 -1.27 -3.07 -8.03
CA SER A 10 -1.68 -4.47 -7.99
C SER A 10 -0.70 -5.24 -7.13
N LEU A 11 -1.06 -5.47 -5.89
CA LEU A 11 -0.14 -6.03 -4.94
C LEU A 11 0.29 -7.44 -5.35
N LYS A 12 1.53 -7.76 -5.06
CA LYS A 12 2.11 -9.04 -5.44
C LYS A 12 2.14 -9.98 -4.24
N LEU A 13 1.93 -9.43 -3.06
CA LEU A 13 1.87 -10.23 -1.84
C LEU A 13 0.53 -10.98 -1.82
N HIS A 14 0.58 -12.30 -1.73
CA HIS A 14 -0.62 -13.12 -1.89
C HIS A 14 -1.36 -13.33 -0.57
N HIS A 15 -0.64 -13.49 0.52
CA HIS A 15 -1.26 -13.85 1.78
C HIS A 15 -0.90 -12.89 2.91
N ASP A 16 -1.37 -13.19 4.11
CA ASP A 16 -1.08 -12.38 5.29
C ASP A 16 0.41 -12.35 5.59
N LEU A 17 0.84 -11.21 6.09
CA LEU A 17 2.25 -10.98 6.39
C LEU A 17 2.50 -11.03 7.89
N LYS A 18 3.16 -12.08 8.34
CA LYS A 18 3.39 -12.32 9.77
C LYS A 18 4.50 -11.43 10.31
N LEU A 19 4.17 -10.63 11.33
CA LEU A 19 5.14 -9.79 12.00
C LEU A 19 5.01 -9.92 13.52
N CYS A 20 6.03 -9.47 14.22
CA CYS A 20 6.00 -9.39 15.67
C CYS A 20 6.09 -7.93 16.08
N LEU A 21 6.19 -7.68 17.38
CA LEU A 21 6.18 -6.32 17.88
C LEU A 21 7.40 -5.54 17.44
N GLY A 22 7.15 -4.31 17.02
CA GLY A 22 8.22 -3.43 16.60
C GLY A 22 8.65 -3.71 15.17
N ASP A 23 7.93 -4.62 14.52
CA ASP A 23 8.26 -4.98 13.15
C ASP A 23 7.68 -4.00 12.14
N HIS A 24 8.37 -3.88 11.01
CA HIS A 24 7.86 -3.17 9.86
C HIS A 24 7.65 -4.20 8.76
N SER A 25 6.84 -3.89 7.77
CA SER A 25 6.49 -4.90 6.79
C SER A 25 6.97 -4.54 5.39
N SER A 26 6.86 -5.50 4.49
CA SER A 26 7.24 -5.31 3.10
C SER A 26 6.28 -6.06 2.19
N VAL A 27 5.35 -5.33 1.60
CA VAL A 27 4.38 -5.89 0.69
C VAL A 27 4.68 -5.42 -0.73
N PRO A 28 5.15 -6.35 -1.57
CA PRO A 28 5.55 -6.03 -2.94
C PRO A 28 4.33 -5.75 -3.81
N VAL A 29 4.35 -4.62 -4.51
CA VAL A 29 3.22 -4.24 -5.36
C VAL A 29 3.66 -3.86 -6.77
N ALA A 30 3.17 -4.59 -7.76
CA ALA A 30 3.34 -4.21 -9.15
C ALA A 30 2.24 -3.23 -9.52
N LEU A 31 2.64 -2.04 -9.89
CA LEU A 31 1.71 -0.92 -9.97
C LEU A 31 1.17 -0.73 -11.37
N LYS A 32 -0.04 -0.21 -11.45
CA LYS A 32 -0.71 -0.02 -12.71
C LYS A 32 -0.73 1.45 -13.08
N GLY A 33 -0.66 1.70 -14.37
CA GLY A 33 -0.53 3.06 -14.87
C GLY A 33 0.85 3.30 -15.46
N GLN A 34 0.90 3.93 -16.62
CA GLN A 34 2.15 4.05 -17.35
C GLN A 34 2.63 5.50 -17.42
N GLY A 35 3.66 5.81 -16.65
CA GLY A 35 4.18 7.16 -16.62
C GLY A 35 4.31 7.67 -15.20
N PRO A 36 4.70 8.93 -15.02
CA PRO A 36 4.84 9.51 -13.69
C PRO A 36 3.49 9.68 -12.99
N PHE A 37 3.13 8.68 -12.19
CA PHE A 37 1.88 8.70 -11.45
C PHE A 37 2.14 8.87 -9.95
N THR A 38 1.30 9.65 -9.30
CA THR A 38 1.41 9.83 -7.85
C THR A 38 0.55 8.79 -7.14
N LEU A 39 1.22 7.77 -6.63
CA LEU A 39 0.57 6.59 -6.12
C LEU A 39 0.33 6.71 -4.61
N THR A 40 -0.92 6.59 -4.20
CA THR A 40 -1.30 6.73 -2.80
C THR A 40 -1.94 5.45 -2.27
N TYR A 41 -1.60 5.08 -1.04
CA TYR A 41 -2.18 3.90 -0.41
C TYR A 41 -2.34 4.09 1.11
N ASP A 42 -3.28 3.35 1.69
CA ASP A 42 -3.59 3.43 3.11
C ASP A 42 -3.21 2.15 3.80
N ILE A 43 -2.33 2.26 4.76
CA ILE A 43 -2.05 1.17 5.65
C ILE A 43 -2.99 1.28 6.83
N ILE A 44 -4.09 0.55 6.74
CA ILE A 44 -5.12 0.65 7.74
C ILE A 44 -5.04 -0.50 8.70
N GLU A 45 -5.41 -0.27 9.93
CA GLU A 45 -5.50 -1.35 10.87
C GLU A 45 -6.95 -1.69 11.13
N THR A 46 -7.29 -2.93 10.87
CA THR A 46 -8.63 -3.42 11.06
C THR A 46 -8.78 -3.85 12.52
N PHE A 47 -7.65 -3.84 13.22
CA PHE A 47 -7.61 -4.15 14.63
C PHE A 47 -8.24 -3.02 15.45
N SER A 48 -8.05 -1.78 15.01
CA SER A 48 -8.70 -0.65 15.67
C SER A 48 -8.93 0.50 14.70
N SER A 49 -8.07 1.52 14.71
CA SER A 49 -8.32 2.74 13.96
C SER A 49 -7.05 3.61 13.79
N LYS A 50 -5.93 3.00 13.44
CA LYS A 50 -4.71 3.76 13.16
C LYS A 50 -4.34 3.64 11.69
N ARG A 51 -5.19 4.21 10.84
CA ARG A 51 -4.94 4.22 9.41
C ARG A 51 -3.83 5.21 9.05
N LYS A 52 -2.98 4.79 8.13
CA LYS A 52 -1.86 5.61 7.70
C LYS A 52 -1.88 5.78 6.20
N THR A 53 -1.56 6.97 5.74
CA THR A 53 -1.55 7.23 4.31
C THR A 53 -0.12 7.46 3.82
N PHE A 54 0.26 6.77 2.76
CA PHE A 54 1.56 6.93 2.18
C PHE A 54 1.42 7.24 0.70
N GLU A 55 2.18 8.20 0.23
CA GLU A 55 2.07 8.67 -1.14
C GLU A 55 3.45 8.76 -1.78
N ILE A 56 3.59 8.15 -2.95
CA ILE A 56 4.82 8.20 -3.70
C ILE A 56 4.55 8.79 -5.08
N LYS A 57 5.12 9.96 -5.33
CA LYS A 57 4.84 10.68 -6.56
C LYS A 57 5.76 10.25 -7.68
N GLU A 58 5.26 10.42 -8.89
CA GLU A 58 5.97 10.10 -10.12
C GLU A 58 6.52 8.68 -10.11
N ILE A 59 5.69 7.70 -9.75
CA ILE A 59 6.14 6.33 -9.84
C ILE A 59 6.13 5.92 -11.30
N LYS A 60 7.31 5.66 -11.82
CA LYS A 60 7.48 5.26 -13.20
C LYS A 60 7.99 3.83 -13.21
N THR A 61 7.56 3.12 -12.17
CA THR A 61 8.09 1.82 -11.84
C THR A 61 7.23 0.68 -12.40
N ASN A 62 6.06 0.50 -11.78
CA ASN A 62 5.09 -0.56 -12.13
C ASN A 62 5.48 -1.85 -11.43
N GLU A 63 6.46 -1.74 -10.55
CA GLU A 63 6.89 -2.85 -9.73
C GLU A 63 7.67 -2.32 -8.54
N TYR A 64 6.99 -2.13 -7.46
CA TYR A 64 7.56 -1.48 -6.30
C TYR A 64 7.08 -2.13 -5.02
N VAL A 65 8.00 -2.64 -4.24
CA VAL A 65 7.63 -3.26 -3.00
C VAL A 65 7.57 -2.23 -1.90
N ILE A 66 6.45 -2.25 -1.21
CA ILE A 66 6.13 -1.24 -0.22
C ILE A 66 6.62 -1.65 1.15
N LYS A 67 7.17 -0.70 1.88
CA LYS A 67 7.66 -0.95 3.22
C LYS A 67 6.85 -0.14 4.21
N THR A 68 5.99 -0.82 4.96
CA THR A 68 5.15 -0.14 5.91
C THR A 68 5.93 0.20 7.17
N PRO A 69 5.64 1.36 7.76
CA PRO A 69 6.32 1.84 8.98
C PRO A 69 6.25 0.86 10.14
N VAL A 70 7.14 1.06 11.11
CA VAL A 70 7.25 0.18 12.26
C VAL A 70 5.96 0.12 13.07
N PHE A 71 5.44 -1.09 13.21
CA PHE A 71 4.23 -1.32 13.99
C PHE A 71 4.62 -1.79 15.40
N THR A 72 4.61 -0.86 16.33
CA THR A 72 4.93 -1.18 17.71
C THR A 72 3.67 -1.62 18.45
N THR A 73 2.80 -2.27 17.70
CA THR A 73 1.54 -2.75 18.20
C THR A 73 1.07 -3.95 17.41
N GLY A 74 1.19 -5.13 18.01
CA GLY A 74 0.56 -6.30 17.45
C GLY A 74 -0.91 -6.07 17.12
N GLY A 75 -1.21 -6.10 15.84
CA GLY A 75 -2.55 -5.87 15.37
C GLY A 75 -2.71 -6.42 13.97
N ASP A 76 -3.78 -6.05 13.30
CA ASP A 76 -4.02 -6.56 11.96
C ASP A 76 -4.17 -5.39 11.00
N TYR A 77 -3.33 -5.37 9.98
CA TYR A 77 -3.34 -4.28 9.03
C TYR A 77 -3.70 -4.75 7.63
N ILE A 78 -4.29 -3.85 6.88
CA ILE A 78 -4.62 -4.08 5.50
C ILE A 78 -4.16 -2.89 4.67
N LEU A 79 -3.19 -3.13 3.83
CA LEU A 79 -2.68 -2.09 2.95
C LEU A 79 -3.54 -2.04 1.70
N SER A 80 -4.30 -0.97 1.56
CA SER A 80 -5.22 -0.82 0.45
C SER A 80 -4.91 0.47 -0.31
N LEU A 81 -5.03 0.43 -1.64
CA LEU A 81 -4.75 1.57 -2.47
C LEU A 81 -5.77 2.68 -2.26
N VAL A 82 -5.29 3.91 -2.26
CA VAL A 82 -6.16 5.05 -2.04
C VAL A 82 -6.50 5.72 -3.35
N SER A 83 -5.48 6.10 -4.10
CA SER A 83 -5.68 6.88 -5.29
C SER A 83 -4.37 7.04 -6.03
N ILE A 84 -4.43 7.69 -7.18
CA ILE A 84 -3.26 7.93 -7.99
C ILE A 84 -3.48 9.21 -8.79
N LYS A 85 -2.41 9.80 -9.29
CA LYS A 85 -2.53 11.02 -10.05
C LYS A 85 -1.72 10.91 -11.32
N ASP A 86 -2.44 10.92 -12.43
CA ASP A 86 -1.83 11.01 -13.74
C ASP A 86 -0.99 12.28 -13.83
N SER A 87 0.04 12.25 -14.67
CA SER A 87 1.04 13.31 -14.71
C SER A 87 0.46 14.64 -15.19
N THR A 88 -0.79 14.63 -15.64
CA THR A 88 -1.47 15.85 -16.03
C THR A 88 -2.26 16.42 -14.86
N GLY A 89 -2.16 15.73 -13.73
CA GLY A 89 -2.90 16.09 -12.55
C GLY A 89 -4.31 15.56 -12.56
N CYS A 90 -4.44 14.31 -12.95
CA CYS A 90 -5.73 13.65 -12.96
C CYS A 90 -5.76 12.57 -11.89
N VAL A 91 -6.49 12.83 -10.81
CA VAL A 91 -6.53 11.91 -9.69
C VAL A 91 -7.60 10.87 -9.91
N VAL A 92 -7.16 9.63 -9.95
CA VAL A 92 -8.04 8.50 -10.24
C VAL A 92 -8.27 7.67 -8.98
N GLY A 93 -9.51 7.24 -8.81
CA GLY A 93 -9.86 6.46 -7.65
C GLY A 93 -9.47 5.00 -7.78
N LEU A 94 -8.48 4.61 -6.99
CA LEU A 94 -7.99 3.25 -6.95
C LEU A 94 -8.90 2.33 -6.16
N SER A 95 -9.16 1.17 -6.73
CA SER A 95 -9.81 0.08 -6.03
C SER A 95 -9.32 -1.25 -6.60
N GLN A 96 -8.20 -1.72 -6.06
CA GLN A 96 -7.63 -3.01 -6.46
C GLN A 96 -7.27 -3.82 -5.22
N PRO A 97 -6.91 -5.13 -5.37
CA PRO A 97 -6.61 -6.01 -4.23
C PRO A 97 -5.71 -5.40 -3.16
N ASP A 98 -5.99 -5.76 -1.92
CA ASP A 98 -5.25 -5.27 -0.76
C ASP A 98 -4.44 -6.40 -0.12
N ALA A 99 -3.52 -6.03 0.74
CA ALA A 99 -2.66 -7.00 1.42
C ALA A 99 -2.89 -6.94 2.91
N LYS A 100 -2.76 -8.07 3.58
CA LYS A 100 -2.93 -8.11 5.02
C LYS A 100 -1.60 -8.32 5.72
N ILE A 101 -1.30 -7.42 6.62
CA ILE A 101 -0.10 -7.49 7.43
C ILE A 101 -0.51 -7.80 8.88
N GLN A 102 -0.21 -9.01 9.32
CA GLN A 102 -0.61 -9.45 10.65
C GLN A 102 0.54 -9.32 11.62
N VAL A 103 0.43 -8.36 12.53
CA VAL A 103 1.48 -8.08 13.49
C VAL A 103 1.06 -8.60 14.87
N ARG A 104 2.00 -9.06 15.67
CA ARG A 104 1.67 -9.59 16.99
C ARG A 104 2.65 -9.11 18.06
N ARG A 105 2.09 -8.68 19.17
CA ARG A 105 2.87 -8.29 20.33
C ARG A 105 2.79 -9.40 21.38
N ASP A 106 3.93 -10.00 21.70
CA ASP A 106 4.00 -11.11 22.65
C ASP A 106 3.24 -12.33 22.12
N ARG A 4 -4.64 8.57 -22.01
CA ARG A 4 -5.44 8.17 -20.87
C ARG A 4 -5.32 6.68 -20.65
N VAL A 5 -5.02 6.33 -19.42
CA VAL A 5 -4.84 4.96 -19.02
C VAL A 5 -5.59 4.72 -17.74
N LYS A 6 -5.35 3.56 -17.16
CA LYS A 6 -5.93 3.22 -15.88
C LYS A 6 -4.82 3.00 -14.88
N PRO A 7 -4.35 4.08 -14.26
CA PRO A 7 -3.22 4.02 -13.35
C PRO A 7 -3.64 3.61 -11.96
N SER A 8 -2.79 2.86 -11.28
CA SER A 8 -3.16 2.25 -10.01
C SER A 8 -2.00 1.40 -9.48
N ALA A 9 -2.33 0.38 -8.70
CA ALA A 9 -1.32 -0.49 -8.12
C ALA A 9 -1.89 -1.89 -7.92
N SER A 10 -1.08 -2.91 -8.13
CA SER A 10 -1.52 -4.28 -7.94
C SER A 10 -0.52 -5.02 -7.06
N LEU A 11 -0.87 -5.22 -5.80
CA LEU A 11 0.03 -5.83 -4.85
C LEU A 11 0.37 -7.26 -5.22
N LYS A 12 1.57 -7.65 -4.86
CA LYS A 12 2.12 -8.96 -5.20
C LYS A 12 2.14 -9.87 -3.98
N LEU A 13 1.88 -9.28 -2.82
CA LEU A 13 1.81 -10.04 -1.59
C LEU A 13 0.41 -10.67 -1.49
N HIS A 14 0.34 -11.99 -1.61
CA HIS A 14 -0.93 -12.67 -1.80
C HIS A 14 -1.41 -13.37 -0.52
N HIS A 15 -1.19 -12.74 0.63
CA HIS A 15 -1.66 -13.29 1.90
C HIS A 15 -1.39 -12.31 3.03
N ASP A 16 -1.72 -12.72 4.25
CA ASP A 16 -1.47 -11.92 5.43
C ASP A 16 -0.02 -12.06 5.87
N LEU A 17 0.57 -10.94 6.27
CA LEU A 17 1.96 -10.90 6.69
C LEU A 17 2.10 -11.22 8.17
N LYS A 18 2.78 -12.30 8.48
CA LYS A 18 2.97 -12.73 9.86
C LYS A 18 4.14 -12.00 10.49
N LEU A 19 3.85 -11.16 11.47
CA LEU A 19 4.87 -10.32 12.10
C LEU A 19 4.81 -10.39 13.61
N CYS A 20 5.92 -10.02 14.24
CA CYS A 20 6.01 -9.96 15.69
C CYS A 20 5.97 -8.51 16.16
N LEU A 21 6.17 -8.30 17.43
CA LEU A 21 6.13 -6.97 18.01
C LEU A 21 7.35 -6.16 17.64
N GLY A 22 7.11 -4.92 17.25
CA GLY A 22 8.18 -4.07 16.80
C GLY A 22 8.65 -4.46 15.42
N ASP A 23 7.89 -5.32 14.77
CA ASP A 23 8.20 -5.71 13.39
C ASP A 23 7.64 -4.70 12.39
N HIS A 24 8.32 -4.58 11.26
CA HIS A 24 7.81 -3.86 10.12
C HIS A 24 7.58 -4.86 9.01
N SER A 25 7.03 -4.43 7.90
CA SER A 25 6.76 -5.35 6.81
C SER A 25 7.07 -4.73 5.45
N SER A 26 7.11 -5.58 4.44
CA SER A 26 7.37 -5.15 3.09
C SER A 26 6.43 -5.87 2.13
N VAL A 27 5.53 -5.11 1.53
CA VAL A 27 4.57 -5.65 0.61
C VAL A 27 4.88 -5.16 -0.80
N PRO A 28 5.27 -6.10 -1.67
CA PRO A 28 5.61 -5.79 -3.05
C PRO A 28 4.38 -5.47 -3.87
N VAL A 29 4.43 -4.41 -4.66
CA VAL A 29 3.33 -4.07 -5.53
C VAL A 29 3.80 -3.78 -6.96
N ALA A 30 3.35 -4.60 -7.89
CA ALA A 30 3.53 -4.33 -9.29
C ALA A 30 2.45 -3.34 -9.72
N LEU A 31 2.85 -2.10 -9.79
CA LEU A 31 1.93 -0.99 -9.91
C LEU A 31 1.46 -0.83 -11.34
N LYS A 32 0.40 -0.05 -11.51
CA LYS A 32 -0.18 0.20 -12.81
C LYS A 32 -0.02 1.67 -13.16
N GLY A 33 -0.21 1.97 -14.42
CA GLY A 33 0.01 3.33 -14.90
C GLY A 33 1.40 3.48 -15.47
N GLN A 34 1.49 4.00 -16.68
CA GLN A 34 2.77 4.06 -17.37
C GLN A 34 3.26 5.49 -17.50
N GLY A 35 4.17 5.88 -16.61
CA GLY A 35 4.66 7.24 -16.60
C GLY A 35 4.68 7.81 -15.21
N PRO A 36 4.69 9.14 -15.07
CA PRO A 36 4.71 9.80 -13.78
C PRO A 36 3.33 9.84 -13.11
N PHE A 37 3.09 8.86 -12.26
CA PHE A 37 1.81 8.75 -11.57
C PHE A 37 1.99 8.86 -10.05
N THR A 38 1.09 9.55 -9.37
CA THR A 38 1.17 9.70 -7.91
C THR A 38 0.32 8.64 -7.24
N LEU A 39 1.00 7.68 -6.67
CA LEU A 39 0.40 6.47 -6.15
C LEU A 39 0.17 6.60 -4.64
N THR A 40 -1.08 6.55 -4.22
CA THR A 40 -1.44 6.73 -2.82
C THR A 40 -2.09 5.47 -2.25
N TYR A 41 -1.70 5.09 -1.04
CA TYR A 41 -2.25 3.88 -0.43
C TYR A 41 -2.43 4.01 1.09
N ASP A 42 -3.35 3.22 1.63
CA ASP A 42 -3.69 3.27 3.06
C ASP A 42 -3.37 1.96 3.75
N ILE A 43 -2.50 2.02 4.74
CA ILE A 43 -2.31 0.92 5.64
C ILE A 43 -3.25 1.12 6.83
N ILE A 44 -4.40 0.48 6.77
CA ILE A 44 -5.48 0.74 7.71
C ILE A 44 -5.54 -0.31 8.81
N GLU A 45 -6.00 0.10 9.99
CA GLU A 45 -6.10 -0.80 11.12
C GLU A 45 -7.42 -1.54 11.10
N THR A 46 -7.34 -2.85 11.01
CA THR A 46 -8.52 -3.69 11.12
C THR A 46 -8.64 -4.22 12.54
N PHE A 47 -7.62 -3.95 13.35
CA PHE A 47 -7.60 -4.37 14.73
C PHE A 47 -8.07 -3.25 15.65
N SER A 48 -7.76 -2.01 15.30
CA SER A 48 -8.12 -0.89 16.15
C SER A 48 -9.09 0.06 15.44
N SER A 49 -8.58 1.16 14.90
CA SER A 49 -9.43 2.16 14.28
C SER A 49 -8.65 3.17 13.45
N LYS A 50 -7.32 3.09 13.47
CA LYS A 50 -6.50 4.07 12.79
C LYS A 50 -6.22 3.67 11.35
N ARG A 51 -5.37 4.46 10.71
CA ARG A 51 -5.05 4.30 9.32
C ARG A 51 -3.84 5.17 8.97
N LYS A 52 -2.97 4.65 8.13
CA LYS A 52 -1.81 5.38 7.70
C LYS A 52 -1.85 5.50 6.18
N THR A 53 -1.35 6.60 5.67
CA THR A 53 -1.42 6.85 4.25
C THR A 53 -0.07 7.29 3.68
N PHE A 54 0.33 6.68 2.58
CA PHE A 54 1.54 7.08 1.86
C PHE A 54 1.19 7.50 0.45
N GLU A 55 1.85 8.54 -0.03
CA GLU A 55 1.66 9.03 -1.37
C GLU A 55 3.00 9.23 -2.07
N ILE A 56 3.29 8.37 -3.03
CA ILE A 56 4.53 8.44 -3.77
C ILE A 56 4.27 8.99 -5.15
N LYS A 57 4.90 10.10 -5.47
CA LYS A 57 4.65 10.78 -6.72
C LYS A 57 5.51 10.21 -7.83
N GLU A 58 5.12 10.54 -9.05
CA GLU A 58 5.81 10.16 -10.28
C GLU A 58 6.39 8.75 -10.21
N ILE A 59 5.58 7.77 -9.81
CA ILE A 59 6.05 6.40 -9.80
C ILE A 59 6.04 5.91 -11.23
N LYS A 60 7.23 5.69 -11.76
CA LYS A 60 7.40 5.22 -13.12
C LYS A 60 7.96 3.81 -13.05
N THR A 61 7.54 3.12 -12.00
CA THR A 61 8.12 1.85 -11.63
C THR A 61 7.33 0.68 -12.21
N ASN A 62 6.13 0.46 -11.65
CA ASN A 62 5.22 -0.61 -12.05
C ASN A 62 5.61 -1.93 -11.40
N GLU A 63 6.61 -1.85 -10.55
CA GLU A 63 7.08 -2.97 -9.76
C GLU A 63 7.87 -2.45 -8.57
N TYR A 64 7.18 -2.11 -7.51
CA TYR A 64 7.82 -1.44 -6.37
C TYR A 64 7.49 -2.15 -5.07
N VAL A 65 8.51 -2.47 -4.28
CA VAL A 65 8.29 -3.11 -3.01
C VAL A 65 8.08 -2.07 -1.92
N ILE A 66 6.85 -2.03 -1.40
CA ILE A 66 6.48 -1.08 -0.37
C ILE A 66 6.97 -1.55 0.99
N LYS A 67 7.42 -0.61 1.80
CA LYS A 67 7.85 -0.93 3.15
C LYS A 67 6.95 -0.24 4.14
N THR A 68 6.12 -1.03 4.80
CA THR A 68 5.21 -0.51 5.80
C THR A 68 5.99 -0.26 7.08
N PRO A 69 5.75 0.91 7.71
CA PRO A 69 6.51 1.37 8.89
C PRO A 69 6.46 0.38 10.03
N VAL A 70 7.44 0.48 10.92
CA VAL A 70 7.54 -0.43 12.04
C VAL A 70 6.30 -0.35 12.92
N PHE A 71 5.81 -1.50 13.34
CA PHE A 71 4.63 -1.57 14.18
C PHE A 71 5.03 -2.03 15.57
N THR A 72 5.19 -1.07 16.47
CA THR A 72 5.65 -1.36 17.82
C THR A 72 4.49 -1.77 18.70
N THR A 73 3.46 -2.29 18.07
CA THR A 73 2.26 -2.74 18.76
C THR A 73 1.53 -3.79 17.93
N GLY A 74 1.36 -4.98 18.50
CA GLY A 74 0.58 -6.01 17.86
C GLY A 74 -0.80 -5.54 17.44
N GLY A 75 -0.98 -5.46 16.14
CA GLY A 75 -2.26 -5.09 15.56
C GLY A 75 -2.36 -5.59 14.14
N ASP A 76 -3.56 -5.57 13.57
CA ASP A 76 -3.75 -6.03 12.22
C ASP A 76 -4.02 -4.86 11.31
N TYR A 77 -3.32 -4.84 10.19
CA TYR A 77 -3.46 -3.78 9.21
C TYR A 77 -3.80 -4.37 7.86
N ILE A 78 -4.37 -3.56 6.99
CA ILE A 78 -4.59 -3.94 5.61
C ILE A 78 -4.16 -2.80 4.72
N LEU A 79 -3.17 -3.05 3.90
CA LEU A 79 -2.69 -2.05 2.99
C LEU A 79 -3.54 -2.05 1.74
N SER A 80 -4.28 -0.98 1.56
CA SER A 80 -5.20 -0.83 0.45
C SER A 80 -4.76 0.37 -0.38
N LEU A 81 -5.46 0.64 -1.47
CA LEU A 81 -5.10 1.75 -2.32
C LEU A 81 -6.07 2.92 -2.12
N VAL A 82 -5.52 4.11 -1.96
CA VAL A 82 -6.34 5.29 -1.72
C VAL A 82 -6.74 5.94 -3.02
N SER A 83 -5.75 6.29 -3.82
CA SER A 83 -5.96 7.05 -5.05
C SER A 83 -4.66 7.15 -5.82
N ILE A 84 -4.75 7.69 -7.02
CA ILE A 84 -3.62 7.73 -7.93
C ILE A 84 -3.70 9.01 -8.75
N LYS A 85 -2.64 9.36 -9.43
CA LYS A 85 -2.65 10.58 -10.22
C LYS A 85 -2.06 10.37 -11.59
N ASP A 86 -2.89 10.56 -12.59
CA ASP A 86 -2.46 10.51 -13.97
C ASP A 86 -1.56 11.71 -14.26
N SER A 87 -0.68 11.55 -15.23
CA SER A 87 0.34 12.55 -15.53
C SER A 87 -0.26 13.87 -15.99
N THR A 88 -1.57 13.89 -16.19
CA THR A 88 -2.29 15.11 -16.54
C THR A 88 -2.86 15.75 -15.27
N GLY A 89 -2.43 15.22 -14.14
CA GLY A 89 -2.87 15.69 -12.85
C GLY A 89 -4.29 15.30 -12.55
N CYS A 90 -4.64 14.08 -12.91
CA CYS A 90 -5.99 13.58 -12.68
C CYS A 90 -5.98 12.45 -11.66
N VAL A 91 -6.61 12.66 -10.53
CA VAL A 91 -6.60 11.65 -9.47
C VAL A 91 -7.70 10.62 -9.70
N VAL A 92 -7.27 9.40 -9.98
CA VAL A 92 -8.17 8.30 -10.26
C VAL A 92 -8.41 7.47 -9.01
N GLY A 93 -9.67 7.08 -8.83
CA GLY A 93 -10.06 6.28 -7.68
C GLY A 93 -9.51 4.87 -7.78
N LEU A 94 -8.74 4.47 -6.80
CA LEU A 94 -8.09 3.17 -6.83
C LEU A 94 -8.94 2.08 -6.21
N SER A 95 -9.03 0.97 -6.92
CA SER A 95 -9.67 -0.22 -6.39
C SER A 95 -9.02 -1.47 -7.00
N GLN A 96 -7.96 -1.92 -6.37
CA GLN A 96 -7.31 -3.18 -6.75
C GLN A 96 -6.96 -3.98 -5.50
N PRO A 97 -6.54 -5.25 -5.62
CA PRO A 97 -6.23 -6.12 -4.47
C PRO A 97 -5.41 -5.44 -3.38
N ASP A 98 -5.79 -5.72 -2.13
CA ASP A 98 -5.12 -5.16 -0.96
C ASP A 98 -4.35 -6.25 -0.21
N ALA A 99 -3.47 -5.83 0.68
CA ALA A 99 -2.65 -6.77 1.44
C ALA A 99 -3.00 -6.73 2.90
N LYS A 100 -2.75 -7.80 3.62
CA LYS A 100 -3.00 -7.83 5.03
C LYS A 100 -1.69 -7.99 5.79
N ILE A 101 -1.50 -7.12 6.77
CA ILE A 101 -0.32 -7.15 7.61
C ILE A 101 -0.73 -7.52 9.03
N GLN A 102 -0.23 -8.63 9.53
CA GLN A 102 -0.57 -9.08 10.87
C GLN A 102 0.61 -8.91 11.82
N VAL A 103 0.46 -8.03 12.79
CA VAL A 103 1.48 -7.85 13.81
C VAL A 103 0.98 -8.37 15.15
N ARG A 104 1.73 -9.27 15.75
CA ARG A 104 1.37 -9.80 17.07
C ARG A 104 2.63 -10.00 17.89
N ARG A 105 2.53 -9.76 19.18
CA ARG A 105 3.67 -9.80 20.07
C ARG A 105 4.23 -11.21 20.19
N ASP A 106 5.54 -11.33 20.06
CA ASP A 106 6.20 -12.62 20.08
C ASP A 106 6.35 -13.11 21.51
N ARG A 4 -1.45 3.59 -22.94
CA ARG A 4 -2.28 4.30 -21.97
C ARG A 4 -3.39 3.41 -21.48
N VAL A 5 -3.53 3.38 -20.17
CA VAL A 5 -4.55 2.62 -19.51
C VAL A 5 -4.90 3.33 -18.22
N LYS A 6 -5.65 2.66 -17.38
CA LYS A 6 -6.00 3.20 -16.09
C LYS A 6 -4.84 2.99 -15.12
N PRO A 7 -4.30 4.09 -14.59
CA PRO A 7 -3.18 4.03 -13.67
C PRO A 7 -3.67 3.64 -12.29
N SER A 8 -2.92 2.77 -11.62
CA SER A 8 -3.41 2.11 -10.44
C SER A 8 -2.29 1.27 -9.80
N ALA A 9 -2.64 0.19 -9.07
CA ALA A 9 -1.64 -0.69 -8.49
C ALA A 9 -2.23 -2.07 -8.21
N SER A 10 -1.41 -3.11 -8.24
CA SER A 10 -1.91 -4.45 -7.96
C SER A 10 -0.90 -5.22 -7.12
N LEU A 11 -1.16 -5.26 -5.82
CA LEU A 11 -0.25 -5.87 -4.90
C LEU A 11 0.04 -7.32 -5.22
N LYS A 12 1.27 -7.66 -4.98
CA LYS A 12 1.81 -8.97 -5.27
C LYS A 12 1.79 -9.84 -4.02
N LEU A 13 1.56 -9.17 -2.90
CA LEU A 13 1.43 -9.81 -1.59
C LEU A 13 0.41 -10.94 -1.68
N HIS A 14 0.80 -12.12 -1.20
CA HIS A 14 0.00 -13.32 -1.37
C HIS A 14 -0.99 -13.53 -0.23
N HIS A 15 -0.52 -13.52 1.01
CA HIS A 15 -1.41 -13.73 2.15
C HIS A 15 -0.98 -12.90 3.36
N ASP A 16 -1.71 -13.08 4.46
CA ASP A 16 -1.42 -12.39 5.72
C ASP A 16 0.06 -12.49 6.08
N LEU A 17 0.63 -11.36 6.46
CA LEU A 17 2.05 -11.26 6.72
C LEU A 17 2.34 -11.32 8.23
N LYS A 18 2.96 -12.41 8.66
CA LYS A 18 3.29 -12.60 10.07
C LYS A 18 4.43 -11.69 10.52
N LEU A 19 4.16 -10.86 11.51
CA LEU A 19 5.17 -9.95 12.06
C LEU A 19 5.08 -9.92 13.57
N CYS A 20 6.16 -9.46 14.22
CA CYS A 20 6.22 -9.37 15.67
C CYS A 20 6.22 -7.90 16.10
N LEU A 21 6.40 -7.66 17.38
CA LEU A 21 6.26 -6.32 17.93
C LEU A 21 7.33 -5.39 17.38
N GLY A 22 6.90 -4.28 16.82
CA GLY A 22 7.85 -3.29 16.32
C GLY A 22 8.38 -3.65 14.94
N ASP A 23 7.81 -4.67 14.34
CA ASP A 23 8.19 -5.05 12.98
C ASP A 23 7.54 -4.15 11.94
N HIS A 24 8.23 -3.97 10.82
CA HIS A 24 7.67 -3.25 9.67
C HIS A 24 7.58 -4.23 8.52
N SER A 25 6.85 -3.90 7.48
CA SER A 25 6.61 -4.89 6.44
C SER A 25 7.04 -4.39 5.07
N SER A 26 7.17 -5.34 4.15
CA SER A 26 7.44 -5.05 2.77
C SER A 26 6.46 -5.81 1.89
N VAL A 27 5.43 -5.11 1.44
CA VAL A 27 4.42 -5.68 0.59
C VAL A 27 4.70 -5.30 -0.85
N PRO A 28 5.05 -6.27 -1.68
CA PRO A 28 5.42 -6.02 -3.06
C PRO A 28 4.18 -5.73 -3.90
N VAL A 29 4.21 -4.65 -4.66
CA VAL A 29 3.10 -4.30 -5.53
C VAL A 29 3.54 -4.05 -6.95
N ALA A 30 3.00 -4.82 -7.88
CA ALA A 30 3.16 -4.53 -9.28
C ALA A 30 2.13 -3.50 -9.67
N LEU A 31 2.61 -2.28 -9.72
CA LEU A 31 1.77 -1.11 -9.86
C LEU A 31 1.30 -0.96 -11.29
N LYS A 32 0.30 -0.13 -11.50
CA LYS A 32 -0.27 0.05 -12.81
C LYS A 32 -0.22 1.52 -13.22
N GLY A 33 -0.35 1.75 -14.50
CA GLY A 33 -0.21 3.10 -15.03
C GLY A 33 1.22 3.39 -15.43
N GLN A 34 1.42 3.72 -16.70
CA GLN A 34 2.77 3.86 -17.22
C GLN A 34 3.25 5.31 -17.18
N GLY A 35 4.32 5.52 -16.41
CA GLY A 35 4.90 6.84 -16.28
C GLY A 35 4.81 7.33 -14.86
N PRO A 36 5.23 8.57 -14.62
CA PRO A 36 5.25 9.16 -13.28
C PRO A 36 3.86 9.43 -12.72
N PHE A 37 3.36 8.48 -11.95
CA PHE A 37 2.04 8.62 -11.34
C PHE A 37 2.15 8.75 -9.82
N THR A 38 1.27 9.54 -9.23
CA THR A 38 1.27 9.73 -7.79
C THR A 38 0.35 8.72 -7.13
N LEU A 39 0.96 7.70 -6.56
CA LEU A 39 0.24 6.56 -6.05
C LEU A 39 -0.01 6.69 -4.55
N THR A 40 -1.27 6.66 -4.17
CA THR A 40 -1.65 6.82 -2.78
C THR A 40 -2.17 5.51 -2.20
N TYR A 41 -1.75 5.17 -0.99
CA TYR A 41 -2.22 3.96 -0.34
C TYR A 41 -2.41 4.16 1.18
N ASP A 42 -3.33 3.38 1.75
CA ASP A 42 -3.65 3.44 3.17
C ASP A 42 -3.34 2.13 3.85
N ILE A 43 -2.43 2.14 4.81
CA ILE A 43 -2.24 1.00 5.68
C ILE A 43 -3.21 1.15 6.86
N ILE A 44 -4.34 0.50 6.77
CA ILE A 44 -5.41 0.71 7.74
C ILE A 44 -5.35 -0.30 8.85
N GLU A 45 -5.80 0.12 10.02
CA GLU A 45 -5.91 -0.76 11.15
C GLU A 45 -7.29 -1.39 11.18
N THR A 46 -7.34 -2.69 11.00
CA THR A 46 -8.58 -3.40 11.16
C THR A 46 -8.64 -3.94 12.58
N PHE A 47 -7.58 -3.65 13.32
CA PHE A 47 -7.48 -4.02 14.72
C PHE A 47 -7.93 -2.88 15.61
N SER A 48 -7.68 -1.64 15.19
CA SER A 48 -8.14 -0.48 15.94
C SER A 48 -8.62 0.64 15.02
N SER A 49 -7.74 1.58 14.68
CA SER A 49 -8.17 2.74 13.89
C SER A 49 -7.01 3.61 13.39
N LYS A 50 -5.77 3.23 13.73
CA LYS A 50 -4.62 4.07 13.37
C LYS A 50 -4.14 3.83 11.95
N ARG A 51 -5.07 3.99 11.01
CA ARG A 51 -4.78 3.95 9.59
C ARG A 51 -3.69 4.97 9.23
N LYS A 52 -2.80 4.57 8.32
CA LYS A 52 -1.73 5.44 7.90
C LYS A 52 -1.76 5.63 6.40
N THR A 53 -1.61 6.87 5.97
CA THR A 53 -1.68 7.20 4.56
C THR A 53 -0.29 7.55 4.03
N PHE A 54 0.08 6.95 2.90
CA PHE A 54 1.36 7.21 2.29
C PHE A 54 1.17 7.36 0.79
N GLU A 55 1.82 8.36 0.23
CA GLU A 55 1.67 8.67 -1.17
C GLU A 55 3.02 8.80 -1.88
N ILE A 56 3.19 8.01 -2.93
CA ILE A 56 4.41 7.99 -3.70
C ILE A 56 4.21 8.77 -4.99
N LYS A 57 4.84 9.91 -5.13
CA LYS A 57 4.71 10.67 -6.33
C LYS A 57 5.60 10.10 -7.41
N GLU A 58 5.22 10.41 -8.63
CA GLU A 58 5.95 10.00 -9.83
C GLU A 58 6.46 8.56 -9.78
N ILE A 59 5.61 7.59 -9.44
CA ILE A 59 6.02 6.21 -9.57
C ILE A 59 5.98 5.86 -11.05
N LYS A 60 7.15 5.65 -11.62
CA LYS A 60 7.30 5.34 -13.04
C LYS A 60 7.65 3.87 -13.18
N THR A 61 7.30 3.09 -12.17
CA THR A 61 7.83 1.74 -12.00
C THR A 61 6.92 0.65 -12.59
N ASN A 62 5.80 0.37 -11.90
CA ASN A 62 4.83 -0.68 -12.28
C ASN A 62 5.18 -2.00 -11.61
N GLU A 63 6.20 -1.96 -10.78
CA GLU A 63 6.61 -3.09 -9.98
C GLU A 63 7.50 -2.61 -8.85
N TYR A 64 6.95 -2.49 -7.68
CA TYR A 64 7.63 -1.87 -6.55
C TYR A 64 7.11 -2.41 -5.23
N VAL A 65 8.00 -2.84 -4.36
CA VAL A 65 7.58 -3.33 -3.07
C VAL A 65 7.56 -2.21 -2.05
N ILE A 66 6.43 -2.11 -1.38
CA ILE A 66 6.13 -1.05 -0.43
C ILE A 66 6.59 -1.43 0.97
N LYS A 67 7.14 -0.48 1.70
CA LYS A 67 7.60 -0.72 3.06
C LYS A 67 6.73 0.03 4.05
N THR A 68 5.91 -0.71 4.77
CA THR A 68 5.03 -0.12 5.76
C THR A 68 5.83 0.20 7.01
N PRO A 69 5.50 1.34 7.66
CA PRO A 69 6.19 1.80 8.87
C PRO A 69 6.18 0.77 10.01
N VAL A 70 7.09 0.95 10.95
CA VAL A 70 7.21 0.09 12.11
C VAL A 70 5.93 0.06 12.94
N PHE A 71 5.38 -1.13 13.13
CA PHE A 71 4.17 -1.31 13.91
C PHE A 71 4.53 -1.79 15.31
N THR A 72 4.59 -0.87 16.25
CA THR A 72 4.95 -1.20 17.62
C THR A 72 3.74 -1.66 18.41
N THR A 73 2.86 -2.34 17.71
CA THR A 73 1.66 -2.89 18.33
C THR A 73 1.14 -4.09 17.55
N GLY A 74 1.21 -5.27 18.17
CA GLY A 74 0.56 -6.44 17.62
C GLY A 74 -0.89 -6.18 17.26
N GLY A 75 -1.17 -6.21 15.98
CA GLY A 75 -2.51 -5.98 15.50
C GLY A 75 -2.70 -6.59 14.12
N ASP A 76 -3.55 -5.96 13.32
CA ASP A 76 -3.78 -6.45 11.98
C ASP A 76 -4.00 -5.27 11.06
N TYR A 77 -3.22 -5.20 10.01
CA TYR A 77 -3.28 -4.08 9.10
C TYR A 77 -3.66 -4.53 7.71
N ILE A 78 -4.41 -3.70 7.02
CA ILE A 78 -4.74 -3.93 5.63
C ILE A 78 -4.29 -2.76 4.80
N LEU A 79 -3.28 -2.97 3.99
CA LEU A 79 -2.78 -1.92 3.14
C LEU A 79 -3.60 -1.88 1.86
N SER A 80 -4.39 -0.83 1.73
CA SER A 80 -5.33 -0.68 0.64
C SER A 80 -4.89 0.47 -0.26
N LEU A 81 -5.33 0.45 -1.50
CA LEU A 81 -4.98 1.48 -2.46
C LEU A 81 -6.01 2.59 -2.43
N VAL A 82 -5.53 3.82 -2.33
CA VAL A 82 -6.41 4.97 -2.20
C VAL A 82 -6.74 5.55 -3.57
N SER A 83 -5.70 5.89 -4.32
CA SER A 83 -5.89 6.61 -5.56
C SER A 83 -4.55 6.86 -6.24
N ILE A 84 -4.59 7.50 -7.40
CA ILE A 84 -3.38 7.82 -8.13
C ILE A 84 -3.59 9.12 -8.91
N LYS A 85 -2.52 9.76 -9.33
CA LYS A 85 -2.61 11.01 -10.06
C LYS A 85 -1.72 10.99 -11.28
N ASP A 86 -2.33 11.19 -12.43
CA ASP A 86 -1.63 11.31 -13.70
C ASP A 86 -0.79 12.58 -13.70
N SER A 87 0.26 12.57 -14.51
CA SER A 87 1.26 13.62 -14.54
C SER A 87 0.68 15.00 -14.86
N THR A 88 -0.55 15.04 -15.35
CA THR A 88 -1.21 16.30 -15.66
C THR A 88 -2.10 16.73 -14.49
N GLY A 89 -2.02 15.97 -13.42
CA GLY A 89 -2.80 16.23 -12.22
C GLY A 89 -4.20 15.69 -12.33
N CYS A 90 -4.33 14.50 -12.90
CA CYS A 90 -5.64 13.87 -13.06
C CYS A 90 -5.74 12.66 -12.15
N VAL A 91 -6.63 12.73 -11.17
CA VAL A 91 -6.73 11.69 -10.17
C VAL A 91 -7.62 10.54 -10.63
N VAL A 92 -7.17 9.33 -10.37
CA VAL A 92 -7.92 8.12 -10.68
C VAL A 92 -8.22 7.38 -9.38
N GLY A 93 -9.44 6.88 -9.27
CA GLY A 93 -9.85 6.18 -8.07
C GLY A 93 -9.52 4.69 -8.12
N LEU A 94 -8.56 4.30 -7.31
CA LEU A 94 -8.13 2.94 -7.20
C LEU A 94 -9.04 2.08 -6.34
N SER A 95 -9.43 0.94 -6.90
CA SER A 95 -10.10 -0.11 -6.14
C SER A 95 -9.52 -1.45 -6.59
N GLN A 96 -8.44 -1.83 -5.94
CA GLN A 96 -7.64 -2.97 -6.37
C GLN A 96 -7.16 -3.80 -5.16
N PRO A 97 -6.51 -4.96 -5.39
CA PRO A 97 -6.02 -5.85 -4.31
C PRO A 97 -5.33 -5.13 -3.16
N ASP A 98 -5.50 -5.68 -1.97
CA ASP A 98 -4.95 -5.10 -0.75
C ASP A 98 -3.99 -6.06 -0.06
N ALA A 99 -3.23 -5.52 0.89
CA ALA A 99 -2.28 -6.30 1.66
C ALA A 99 -2.82 -6.55 3.05
N LYS A 100 -2.50 -7.69 3.62
CA LYS A 100 -2.84 -7.95 5.01
C LYS A 100 -1.59 -8.28 5.80
N ILE A 101 -1.27 -7.38 6.70
CA ILE A 101 -0.08 -7.46 7.52
C ILE A 101 -0.48 -7.75 8.96
N GLN A 102 -0.20 -8.95 9.43
CA GLN A 102 -0.61 -9.36 10.77
C GLN A 102 0.56 -9.23 11.74
N VAL A 103 0.46 -8.24 12.62
CA VAL A 103 1.50 -7.98 13.58
C VAL A 103 1.11 -8.61 14.92
N ARG A 104 2.10 -9.08 15.65
CA ARG A 104 1.86 -9.73 16.93
C ARG A 104 2.92 -9.26 17.89
N ARG A 105 2.85 -9.67 19.14
CA ARG A 105 3.88 -9.34 20.10
C ARG A 105 5.12 -10.21 19.87
N ASP A 106 6.27 -9.72 20.29
CA ASP A 106 7.50 -10.48 20.16
C ASP A 106 7.73 -11.29 21.42
N ARG A 4 -4.33 6.49 -22.54
CA ARG A 4 -5.56 6.37 -21.74
C ARG A 4 -5.66 4.99 -21.11
N VAL A 5 -5.21 4.92 -19.88
CA VAL A 5 -5.22 3.69 -19.14
C VAL A 5 -5.58 3.98 -17.70
N LYS A 6 -5.99 2.95 -17.00
CA LYS A 6 -6.29 3.08 -15.59
C LYS A 6 -5.04 2.79 -14.77
N PRO A 7 -4.48 3.81 -14.14
CA PRO A 7 -3.32 3.66 -13.28
C PRO A 7 -3.73 3.30 -11.86
N SER A 8 -2.90 2.54 -11.18
CA SER A 8 -3.26 1.99 -9.88
C SER A 8 -2.10 1.18 -9.32
N ALA A 9 -2.38 0.22 -8.46
CA ALA A 9 -1.36 -0.66 -7.93
C ALA A 9 -1.94 -2.02 -7.59
N SER A 10 -1.20 -3.07 -7.87
CA SER A 10 -1.71 -4.41 -7.70
C SER A 10 -0.72 -5.21 -6.87
N LEU A 11 -1.01 -5.33 -5.59
CA LEU A 11 -0.07 -5.93 -4.67
C LEU A 11 0.15 -7.40 -5.01
N LYS A 12 1.35 -7.86 -4.78
CA LYS A 12 1.76 -9.21 -5.16
C LYS A 12 1.81 -10.10 -3.93
N LEU A 13 1.70 -9.50 -2.76
CA LEU A 13 1.64 -10.24 -1.51
C LEU A 13 0.25 -10.87 -1.40
N HIS A 14 0.19 -12.19 -1.53
CA HIS A 14 -1.10 -12.88 -1.67
C HIS A 14 -1.51 -13.62 -0.39
N HIS A 15 -1.24 -13.04 0.76
CA HIS A 15 -1.61 -13.66 2.03
C HIS A 15 -1.44 -12.69 3.19
N ASP A 16 -1.68 -13.18 4.39
CA ASP A 16 -1.42 -12.42 5.60
C ASP A 16 0.07 -12.19 5.76
N LEU A 17 0.43 -10.98 6.14
CA LEU A 17 1.81 -10.63 6.35
C LEU A 17 2.11 -10.58 7.85
N LYS A 18 2.71 -11.64 8.36
CA LYS A 18 2.95 -11.75 9.79
C LYS A 18 4.16 -10.92 10.23
N LEU A 19 3.91 -10.04 11.19
CA LEU A 19 4.92 -9.18 11.78
C LEU A 19 5.01 -9.45 13.27
N CYS A 20 6.07 -8.99 13.88
CA CYS A 20 6.18 -9.00 15.33
C CYS A 20 6.34 -7.59 15.85
N LEU A 21 6.48 -7.45 17.16
CA LEU A 21 6.62 -6.15 17.79
C LEU A 21 7.84 -5.42 17.23
N GLY A 22 7.60 -4.29 16.58
CA GLY A 22 8.69 -3.49 16.08
C GLY A 22 9.07 -3.85 14.66
N ASP A 23 8.33 -4.76 14.07
CA ASP A 23 8.56 -5.16 12.68
C ASP A 23 8.12 -4.08 11.71
N HIS A 24 8.67 -4.11 10.51
CA HIS A 24 8.21 -3.25 9.44
C HIS A 24 7.67 -4.16 8.34
N SER A 25 6.75 -3.68 7.53
CA SER A 25 6.13 -4.57 6.56
C SER A 25 6.77 -4.43 5.19
N SER A 26 6.59 -5.45 4.38
CA SER A 26 7.22 -5.55 3.09
C SER A 26 6.25 -6.21 2.12
N VAL A 27 5.61 -5.40 1.31
CA VAL A 27 4.61 -5.89 0.38
C VAL A 27 5.01 -5.55 -1.05
N PRO A 28 5.33 -6.57 -1.84
CA PRO A 28 5.68 -6.38 -3.23
C PRO A 28 4.45 -6.00 -4.03
N VAL A 29 4.51 -4.90 -4.76
CA VAL A 29 3.37 -4.45 -5.54
C VAL A 29 3.71 -4.15 -6.99
N ALA A 30 3.15 -4.93 -7.89
CA ALA A 30 3.25 -4.66 -9.32
C ALA A 30 2.21 -3.63 -9.68
N LEU A 31 2.67 -2.41 -9.82
CA LEU A 31 1.81 -1.25 -9.91
C LEU A 31 1.31 -1.04 -11.32
N LYS A 32 0.33 -0.16 -11.47
CA LYS A 32 -0.27 0.09 -12.75
C LYS A 32 -0.15 1.56 -13.10
N GLY A 33 -0.21 1.84 -14.38
CA GLY A 33 -0.06 3.20 -14.87
C GLY A 33 1.37 3.50 -15.24
N GLN A 34 1.59 3.92 -16.46
CA GLN A 34 2.94 4.09 -16.96
C GLN A 34 3.31 5.57 -17.07
N GLY A 35 4.26 5.98 -16.26
CA GLY A 35 4.67 7.36 -16.21
C GLY A 35 4.71 7.87 -14.79
N PRO A 36 4.99 9.15 -14.58
CA PRO A 36 5.04 9.75 -13.25
C PRO A 36 3.66 9.86 -12.60
N PHE A 37 3.30 8.86 -11.81
CA PHE A 37 2.00 8.84 -11.13
C PHE A 37 2.15 8.98 -9.62
N THR A 38 1.26 9.72 -8.99
CA THR A 38 1.30 9.88 -7.54
C THR A 38 0.45 8.81 -6.89
N LEU A 39 1.11 7.82 -6.34
CA LEU A 39 0.45 6.63 -5.83
C LEU A 39 0.21 6.78 -4.33
N THR A 40 -1.06 6.81 -3.95
CA THR A 40 -1.44 6.95 -2.55
C THR A 40 -2.13 5.70 -2.04
N TYR A 41 -1.78 5.29 -0.82
CA TYR A 41 -2.41 4.11 -0.22
C TYR A 41 -2.57 4.28 1.30
N ASP A 42 -3.42 3.44 1.87
CA ASP A 42 -3.72 3.49 3.31
C ASP A 42 -3.56 2.12 3.93
N ILE A 43 -2.69 2.03 4.91
CA ILE A 43 -2.59 0.84 5.75
C ILE A 43 -3.57 1.00 6.88
N ILE A 44 -4.75 0.41 6.72
CA ILE A 44 -5.84 0.67 7.63
C ILE A 44 -5.94 -0.36 8.73
N GLU A 45 -6.43 0.06 9.88
CA GLU A 45 -6.58 -0.83 11.01
C GLU A 45 -7.94 -1.48 10.98
N THR A 46 -7.96 -2.79 10.91
CA THR A 46 -9.21 -3.52 10.98
C THR A 46 -9.46 -3.99 12.40
N PHE A 47 -8.48 -3.72 13.28
CA PHE A 47 -8.61 -4.08 14.68
C PHE A 47 -8.94 -2.86 15.54
N SER A 48 -8.64 -1.66 15.06
CA SER A 48 -9.03 -0.45 15.78
C SER A 48 -9.50 0.64 14.81
N SER A 49 -8.61 1.57 14.46
CA SER A 49 -9.03 2.70 13.63
C SER A 49 -7.87 3.60 13.21
N LYS A 50 -6.65 3.27 13.64
CA LYS A 50 -5.51 4.15 13.40
C LYS A 50 -4.87 3.88 12.03
N ARG A 51 -5.69 3.99 11.01
CA ARG A 51 -5.28 3.89 9.62
C ARG A 51 -4.12 4.84 9.30
N LYS A 52 -3.15 4.35 8.53
CA LYS A 52 -1.98 5.12 8.19
C LYS A 52 -1.93 5.39 6.70
N THR A 53 -1.61 6.61 6.35
CA THR A 53 -1.63 7.04 4.96
C THR A 53 -0.21 7.26 4.44
N PHE A 54 0.06 6.79 3.22
CA PHE A 54 1.35 7.04 2.60
C PHE A 54 1.17 7.35 1.12
N GLU A 55 1.94 8.32 0.64
CA GLU A 55 1.89 8.74 -0.74
C GLU A 55 3.28 8.77 -1.36
N ILE A 56 3.43 8.15 -2.52
CA ILE A 56 4.68 8.17 -3.25
C ILE A 56 4.43 8.74 -4.63
N LYS A 57 4.97 9.92 -4.88
CA LYS A 57 4.70 10.63 -6.11
C LYS A 57 5.62 10.18 -7.21
N GLU A 58 5.12 10.31 -8.42
CA GLU A 58 5.85 9.99 -9.65
C GLU A 58 6.41 8.56 -9.64
N ILE A 59 5.61 7.58 -9.28
CA ILE A 59 6.05 6.21 -9.38
C ILE A 59 6.05 5.84 -10.86
N LYS A 60 7.22 5.48 -11.35
CA LYS A 60 7.39 5.14 -12.75
C LYS A 60 7.85 3.69 -12.84
N THR A 61 7.42 2.90 -11.87
CA THR A 61 7.91 1.55 -11.71
C THR A 61 7.02 0.49 -12.37
N ASN A 62 5.84 0.24 -11.76
CA ASN A 62 4.89 -0.81 -12.19
C ASN A 62 5.30 -2.16 -11.61
N GLU A 63 6.32 -2.14 -10.77
CA GLU A 63 6.84 -3.31 -10.13
C GLU A 63 7.67 -2.89 -8.93
N TYR A 64 7.02 -2.54 -7.84
CA TYR A 64 7.71 -1.91 -6.72
C TYR A 64 7.34 -2.55 -5.39
N VAL A 65 8.34 -2.98 -4.65
CA VAL A 65 8.14 -3.55 -3.35
C VAL A 65 8.04 -2.45 -2.31
N ILE A 66 6.87 -2.34 -1.70
CA ILE A 66 6.57 -1.30 -0.74
C ILE A 66 6.94 -1.74 0.66
N LYS A 67 7.58 -0.85 1.40
CA LYS A 67 7.94 -1.13 2.79
C LYS A 67 7.26 -0.13 3.70
N THR A 68 6.28 -0.61 4.45
CA THR A 68 5.50 0.25 5.30
C THR A 68 6.22 0.50 6.63
N PRO A 69 6.00 1.70 7.21
CA PRO A 69 6.62 2.13 8.46
C PRO A 69 6.53 1.10 9.58
N VAL A 70 7.45 1.21 10.53
CA VAL A 70 7.59 0.25 11.60
C VAL A 70 6.34 0.14 12.48
N PHE A 71 5.92 -1.09 12.71
CA PHE A 71 4.78 -1.38 13.57
C PHE A 71 5.26 -1.90 14.92
N THR A 72 5.50 -1.00 15.85
CA THR A 72 5.95 -1.39 17.19
C THR A 72 4.76 -1.76 18.05
N THR A 73 3.74 -2.26 17.39
CA THR A 73 2.48 -2.58 18.03
C THR A 73 1.70 -3.57 17.19
N GLY A 74 1.68 -4.82 17.63
CA GLY A 74 0.85 -5.82 16.99
C GLY A 74 -0.59 -5.39 16.80
N GLY A 75 -1.11 -5.72 15.64
CA GLY A 75 -2.45 -5.36 15.26
C GLY A 75 -2.76 -5.96 13.90
N ASP A 76 -3.94 -5.70 13.37
CA ASP A 76 -4.30 -6.24 12.09
C ASP A 76 -4.56 -5.09 11.14
N TYR A 77 -3.79 -5.04 10.07
CA TYR A 77 -3.85 -3.95 9.12
C TYR A 77 -4.16 -4.48 7.73
N ILE A 78 -4.84 -3.67 6.95
CA ILE A 78 -5.07 -3.98 5.56
C ILE A 78 -4.57 -2.82 4.72
N LEU A 79 -3.55 -3.09 3.94
CA LEU A 79 -2.98 -2.09 3.08
C LEU A 79 -3.78 -2.04 1.79
N SER A 80 -4.40 -0.92 1.57
CA SER A 80 -5.30 -0.73 0.46
C SER A 80 -4.94 0.56 -0.26
N LEU A 81 -5.39 0.69 -1.49
CA LEU A 81 -5.06 1.85 -2.29
C LEU A 81 -6.04 2.99 -2.05
N VAL A 82 -5.55 4.22 -2.15
CA VAL A 82 -6.39 5.39 -1.96
C VAL A 82 -6.71 6.04 -3.29
N SER A 83 -5.67 6.40 -4.01
CA SER A 83 -5.83 7.18 -5.23
C SER A 83 -4.49 7.38 -5.91
N ILE A 84 -4.50 7.57 -7.22
CA ILE A 84 -3.28 7.83 -7.95
C ILE A 84 -3.44 9.10 -8.78
N LYS A 85 -2.35 9.66 -9.25
CA LYS A 85 -2.42 10.91 -9.98
C LYS A 85 -1.64 10.83 -11.28
N ASP A 86 -2.34 11.05 -12.37
CA ASP A 86 -1.70 11.14 -13.67
C ASP A 86 -0.87 12.41 -13.75
N SER A 87 0.14 12.39 -14.60
CA SER A 87 1.16 13.44 -14.67
C SER A 87 0.57 14.83 -14.98
N THR A 88 -0.68 14.86 -15.41
CA THR A 88 -1.34 16.13 -15.72
C THR A 88 -2.11 16.62 -14.50
N GLY A 89 -2.06 15.83 -13.44
CA GLY A 89 -2.80 16.12 -12.23
C GLY A 89 -4.21 15.60 -12.30
N CYS A 90 -4.34 14.35 -12.72
CA CYS A 90 -5.65 13.72 -12.78
C CYS A 90 -5.69 12.52 -11.85
N VAL A 91 -6.47 12.64 -10.77
CA VAL A 91 -6.49 11.60 -9.76
C VAL A 91 -7.50 10.50 -10.12
N VAL A 92 -7.06 9.26 -9.97
CA VAL A 92 -7.90 8.10 -10.26
C VAL A 92 -8.20 7.37 -8.97
N GLY A 93 -9.47 7.02 -8.78
CA GLY A 93 -9.89 6.25 -7.63
C GLY A 93 -9.38 4.83 -7.71
N LEU A 94 -8.48 4.48 -6.81
CA LEU A 94 -7.81 3.20 -6.86
C LEU A 94 -8.65 2.07 -6.28
N SER A 95 -8.77 1.00 -7.05
CA SER A 95 -9.42 -0.20 -6.57
C SER A 95 -8.79 -1.44 -7.22
N GLN A 96 -7.74 -1.92 -6.59
CA GLN A 96 -7.07 -3.16 -7.00
C GLN A 96 -6.76 -3.97 -5.74
N PRO A 97 -6.28 -5.23 -5.85
CA PRO A 97 -6.01 -6.10 -4.69
C PRO A 97 -5.28 -5.40 -3.52
N ASP A 98 -5.72 -5.72 -2.32
CA ASP A 98 -5.15 -5.17 -1.08
C ASP A 98 -4.42 -6.27 -0.31
N ALA A 99 -3.62 -5.87 0.66
CA ALA A 99 -2.83 -6.80 1.46
C ALA A 99 -3.26 -6.76 2.92
N LYS A 100 -3.06 -7.85 3.64
CA LYS A 100 -3.41 -7.89 5.05
C LYS A 100 -2.18 -8.18 5.89
N ILE A 101 -1.72 -7.16 6.59
CA ILE A 101 -0.54 -7.26 7.44
C ILE A 101 -0.96 -7.52 8.87
N GLN A 102 -0.47 -8.58 9.45
CA GLN A 102 -0.81 -8.92 10.82
C GLN A 102 0.46 -8.91 11.67
N VAL A 103 0.59 -7.89 12.49
CA VAL A 103 1.76 -7.75 13.37
C VAL A 103 1.39 -8.20 14.77
N ARG A 104 2.31 -8.84 15.46
CA ARG A 104 2.01 -9.37 16.77
C ARG A 104 2.98 -8.84 17.80
N ARG A 105 2.44 -8.22 18.83
CA ARG A 105 3.25 -7.68 19.91
C ARG A 105 3.45 -8.72 20.99
N ASP A 106 4.69 -9.14 21.16
CA ASP A 106 5.03 -10.11 22.19
C ASP A 106 5.49 -9.39 23.46
N ARG A 4 -4.50 9.44 -21.74
CA ARG A 4 -4.58 8.94 -20.38
C ARG A 4 -4.74 7.45 -20.35
N VAL A 5 -4.46 6.91 -19.19
CA VAL A 5 -4.50 5.50 -18.96
C VAL A 5 -5.29 5.26 -17.69
N LYS A 6 -5.42 4.02 -17.32
CA LYS A 6 -6.11 3.64 -16.10
C LYS A 6 -5.09 3.11 -15.11
N PRO A 7 -4.53 4.03 -14.32
CA PRO A 7 -3.46 3.71 -13.39
C PRO A 7 -3.98 3.28 -12.03
N SER A 8 -3.27 2.35 -11.41
CA SER A 8 -3.70 1.70 -10.18
C SER A 8 -2.53 0.89 -9.59
N ALA A 9 -2.83 -0.11 -8.78
CA ALA A 9 -1.79 -0.94 -8.20
C ALA A 9 -2.31 -2.35 -7.91
N SER A 10 -1.47 -3.35 -8.09
CA SER A 10 -1.86 -4.72 -7.85
C SER A 10 -0.80 -5.41 -7.02
N LEU A 11 -1.03 -5.51 -5.73
CA LEU A 11 -0.09 -6.07 -4.83
C LEU A 11 0.22 -7.52 -5.13
N LYS A 12 1.46 -7.84 -4.92
CA LYS A 12 1.99 -9.17 -5.22
C LYS A 12 1.96 -10.03 -3.98
N LEU A 13 1.81 -9.40 -2.82
CA LEU A 13 1.72 -10.13 -1.56
C LEU A 13 0.33 -10.75 -1.47
N HIS A 14 0.25 -12.06 -1.59
CA HIS A 14 -1.05 -12.73 -1.69
C HIS A 14 -1.37 -13.55 -0.45
N HIS A 15 -1.20 -12.95 0.73
CA HIS A 15 -1.55 -13.59 2.01
C HIS A 15 -1.29 -12.62 3.15
N ASP A 16 -1.61 -13.05 4.37
CA ASP A 16 -1.31 -12.26 5.56
C ASP A 16 0.18 -12.16 5.76
N LEU A 17 0.65 -10.96 6.06
CA LEU A 17 2.06 -10.72 6.27
C LEU A 17 2.40 -10.84 7.76
N LYS A 18 3.06 -11.93 8.11
CA LYS A 18 3.35 -12.24 9.51
C LYS A 18 4.52 -11.42 10.04
N LEU A 19 4.19 -10.42 10.85
CA LEU A 19 5.21 -9.57 11.48
C LEU A 19 5.16 -9.72 12.99
N CYS A 20 6.28 -9.45 13.63
CA CYS A 20 6.37 -9.52 15.07
C CYS A 20 6.38 -8.12 15.67
N LEU A 21 6.59 -8.02 16.96
CA LEU A 21 6.66 -6.73 17.63
C LEU A 21 7.88 -5.96 17.15
N GLY A 22 7.70 -4.68 16.87
CA GLY A 22 8.81 -3.87 16.43
C GLY A 22 9.12 -4.05 14.95
N ASP A 23 8.26 -4.79 14.27
CA ASP A 23 8.45 -5.02 12.83
C ASP A 23 7.80 -3.93 11.97
N HIS A 24 8.43 -3.69 10.82
CA HIS A 24 7.83 -2.93 9.75
C HIS A 24 7.55 -3.91 8.62
N SER A 25 6.74 -3.52 7.65
CA SER A 25 6.30 -4.49 6.66
C SER A 25 6.92 -4.24 5.29
N SER A 26 6.85 -5.27 4.45
CA SER A 26 7.33 -5.19 3.10
C SER A 26 6.35 -5.91 2.19
N VAL A 27 5.52 -5.14 1.51
CA VAL A 27 4.51 -5.67 0.62
C VAL A 27 4.77 -5.21 -0.80
N PRO A 28 5.15 -6.16 -1.67
CA PRO A 28 5.45 -5.87 -3.06
C PRO A 28 4.19 -5.66 -3.87
N VAL A 29 4.18 -4.62 -4.68
CA VAL A 29 3.06 -4.36 -5.57
C VAL A 29 3.51 -4.08 -7.01
N ALA A 30 3.04 -4.90 -7.92
CA ALA A 30 3.17 -4.63 -9.34
C ALA A 30 2.07 -3.69 -9.76
N LEU A 31 2.43 -2.44 -9.93
CA LEU A 31 1.49 -1.36 -10.05
C LEU A 31 1.02 -1.20 -11.50
N LYS A 32 -0.04 -0.44 -11.67
CA LYS A 32 -0.66 -0.25 -12.96
C LYS A 32 -0.64 1.23 -13.34
N GLY A 33 -0.55 1.51 -14.62
CA GLY A 33 -0.39 2.87 -15.06
C GLY A 33 1.06 3.16 -15.40
N GLN A 34 1.32 3.67 -16.59
CA GLN A 34 2.69 3.78 -17.07
C GLN A 34 3.23 5.19 -16.95
N GLY A 35 4.36 5.32 -16.27
CA GLY A 35 5.00 6.59 -16.09
C GLY A 35 4.86 7.11 -14.68
N PRO A 36 5.30 8.34 -14.42
CA PRO A 36 5.27 8.93 -13.08
C PRO A 36 3.84 9.18 -12.57
N PHE A 37 3.39 8.28 -11.71
CA PHE A 37 2.08 8.40 -11.09
C PHE A 37 2.20 8.63 -9.58
N THR A 38 1.32 9.44 -9.02
CA THR A 38 1.34 9.66 -7.57
C THR A 38 0.49 8.61 -6.90
N LEU A 39 1.17 7.65 -6.32
CA LEU A 39 0.54 6.47 -5.78
C LEU A 39 0.20 6.68 -4.32
N THR A 40 -1.07 6.54 -3.96
CA THR A 40 -1.50 6.71 -2.59
C THR A 40 -2.18 5.47 -2.08
N TYR A 41 -1.79 5.02 -0.91
CA TYR A 41 -2.39 3.83 -0.32
C TYR A 41 -2.59 3.99 1.17
N ASP A 42 -3.56 3.26 1.70
CA ASP A 42 -3.89 3.30 3.12
C ASP A 42 -3.45 2.02 3.80
N ILE A 43 -2.84 2.19 4.94
CA ILE A 43 -2.60 1.09 5.84
C ILE A 43 -3.60 1.20 6.97
N ILE A 44 -4.70 0.50 6.81
CA ILE A 44 -5.83 0.68 7.69
C ILE A 44 -5.91 -0.40 8.75
N GLU A 45 -6.37 -0.02 9.94
CA GLU A 45 -6.48 -0.96 11.03
C GLU A 45 -7.78 -1.74 10.94
N THR A 46 -7.68 -3.04 11.00
CA THR A 46 -8.86 -3.87 11.01
C THR A 46 -9.25 -4.22 12.44
N PHE A 47 -8.44 -3.77 13.38
CA PHE A 47 -8.74 -3.99 14.78
C PHE A 47 -9.32 -2.73 15.42
N SER A 48 -8.96 -1.55 14.92
CA SER A 48 -9.51 -0.32 15.46
C SER A 48 -9.94 0.65 14.36
N SER A 49 -9.14 1.67 14.10
CA SER A 49 -9.55 2.72 13.17
C SER A 49 -8.43 3.71 12.89
N LYS A 50 -7.23 3.48 13.41
CA LYS A 50 -6.16 4.45 13.27
C LYS A 50 -5.39 4.24 11.97
N ARG A 51 -6.14 4.32 10.88
CA ARG A 51 -5.63 4.23 9.52
C ARG A 51 -4.43 5.15 9.27
N LYS A 52 -3.54 4.68 8.40
CA LYS A 52 -2.37 5.42 7.98
C LYS A 52 -2.44 5.63 6.48
N THR A 53 -1.93 6.74 6.00
CA THR A 53 -1.89 7.02 4.58
C THR A 53 -0.47 7.30 4.11
N PHE A 54 -0.06 6.65 3.04
CA PHE A 54 1.27 6.85 2.50
C PHE A 54 1.15 7.17 1.01
N GLU A 55 1.89 8.17 0.59
CA GLU A 55 1.84 8.62 -0.79
C GLU A 55 3.25 8.70 -1.38
N ILE A 56 3.42 8.09 -2.54
CA ILE A 56 4.68 8.12 -3.25
C ILE A 56 4.45 8.68 -4.64
N LYS A 57 4.99 9.85 -4.91
CA LYS A 57 4.77 10.52 -6.16
C LYS A 57 5.72 10.02 -7.23
N GLU A 58 5.28 10.19 -8.47
CA GLU A 58 6.06 9.86 -9.66
C GLU A 58 6.57 8.43 -9.64
N ILE A 59 5.72 7.47 -9.26
CA ILE A 59 6.11 6.09 -9.38
C ILE A 59 6.09 5.73 -10.86
N LYS A 60 7.25 5.50 -11.41
CA LYS A 60 7.41 5.18 -12.82
C LYS A 60 7.77 3.70 -12.93
N THR A 61 7.34 2.94 -11.93
CA THR A 61 7.83 1.59 -11.73
C THR A 61 6.94 0.51 -12.34
N ASN A 62 5.81 0.26 -11.68
CA ASN A 62 4.85 -0.81 -12.04
C ASN A 62 5.28 -2.15 -11.46
N GLU A 63 6.30 -2.09 -10.63
CA GLU A 63 6.79 -3.24 -9.87
C GLU A 63 7.59 -2.72 -8.69
N TYR A 64 6.91 -2.39 -7.62
CA TYR A 64 7.53 -1.66 -6.52
C TYR A 64 7.25 -2.34 -5.19
N VAL A 65 8.29 -2.59 -4.42
CA VAL A 65 8.12 -3.20 -3.13
C VAL A 65 7.91 -2.13 -2.06
N ILE A 66 6.70 -2.09 -1.53
CA ILE A 66 6.35 -1.14 -0.50
C ILE A 66 6.87 -1.60 0.85
N LYS A 67 7.28 -0.65 1.67
CA LYS A 67 7.69 -0.93 3.03
C LYS A 67 6.96 0.01 3.96
N THR A 68 6.02 -0.51 4.72
CA THR A 68 5.25 0.34 5.61
C THR A 68 6.08 0.67 6.83
N PRO A 69 5.99 1.90 7.32
CA PRO A 69 6.76 2.37 8.48
C PRO A 69 6.56 1.47 9.68
N VAL A 70 7.58 1.37 10.53
CA VAL A 70 7.57 0.44 11.64
C VAL A 70 6.44 0.75 12.60
N PHE A 71 5.71 -0.29 12.99
CA PHE A 71 4.52 -0.13 13.80
C PHE A 71 4.84 -0.19 15.27
N THR A 72 5.78 -1.06 15.63
CA THR A 72 6.20 -1.27 17.03
C THR A 72 5.03 -1.69 17.92
N THR A 73 3.87 -1.86 17.30
CA THR A 73 2.67 -2.23 18.04
C THR A 73 1.93 -3.34 17.32
N GLY A 74 1.80 -4.47 18.00
CA GLY A 74 1.01 -5.57 17.48
C GLY A 74 -0.41 -5.16 17.13
N GLY A 75 -0.69 -5.12 15.85
CA GLY A 75 -2.01 -4.87 15.34
C GLY A 75 -2.17 -5.44 13.95
N ASP A 76 -3.40 -5.52 13.46
CA ASP A 76 -3.63 -6.04 12.13
C ASP A 76 -4.06 -4.92 11.20
N TYR A 77 -3.40 -4.83 10.07
CA TYR A 77 -3.62 -3.76 9.14
C TYR A 77 -3.84 -4.31 7.75
N ILE A 78 -4.51 -3.55 6.91
CA ILE A 78 -4.67 -3.91 5.52
C ILE A 78 -4.26 -2.75 4.65
N LEU A 79 -3.26 -2.98 3.82
CA LEU A 79 -2.77 -1.96 2.92
C LEU A 79 -3.63 -1.97 1.66
N SER A 80 -4.46 -0.96 1.54
CA SER A 80 -5.36 -0.83 0.41
C SER A 80 -4.99 0.42 -0.39
N LEU A 81 -5.58 0.59 -1.55
CA LEU A 81 -5.23 1.69 -2.42
C LEU A 81 -6.20 2.84 -2.26
N VAL A 82 -5.66 4.05 -2.06
CA VAL A 82 -6.49 5.22 -1.87
C VAL A 82 -6.80 5.88 -3.20
N SER A 83 -5.75 6.21 -3.94
CA SER A 83 -5.87 6.98 -5.18
C SER A 83 -4.52 7.06 -5.87
N ILE A 84 -4.54 7.43 -7.14
CA ILE A 84 -3.30 7.62 -7.90
C ILE A 84 -3.43 8.90 -8.72
N LYS A 85 -2.35 9.38 -9.27
CA LYS A 85 -2.38 10.65 -9.99
C LYS A 85 -1.61 10.55 -11.29
N ASP A 86 -2.31 10.80 -12.37
CA ASP A 86 -1.70 10.87 -13.70
C ASP A 86 -0.71 12.01 -13.72
N SER A 87 0.25 11.91 -14.63
CA SER A 87 1.35 12.86 -14.73
C SER A 87 0.86 14.27 -15.11
N THR A 88 -0.43 14.39 -15.41
CA THR A 88 -1.05 15.67 -15.70
C THR A 88 -1.88 16.12 -14.49
N GLY A 89 -1.69 15.44 -13.38
CA GLY A 89 -2.40 15.73 -12.15
C GLY A 89 -3.83 15.26 -12.18
N CYS A 90 -4.04 14.02 -12.61
CA CYS A 90 -5.38 13.44 -12.62
C CYS A 90 -5.48 12.36 -11.56
N VAL A 91 -6.18 12.67 -10.48
CA VAL A 91 -6.26 11.73 -9.36
C VAL A 91 -7.39 10.75 -9.56
N VAL A 92 -7.03 9.53 -9.91
CA VAL A 92 -7.96 8.45 -10.18
C VAL A 92 -8.27 7.66 -8.91
N GLY A 93 -9.54 7.33 -8.75
CA GLY A 93 -9.97 6.56 -7.59
C GLY A 93 -9.58 5.10 -7.73
N LEU A 94 -8.68 4.66 -6.87
CA LEU A 94 -8.13 3.32 -6.95
C LEU A 94 -9.05 2.27 -6.37
N SER A 95 -9.24 1.21 -7.13
CA SER A 95 -9.93 0.03 -6.65
C SER A 95 -9.29 -1.23 -7.24
N GLN A 96 -8.25 -1.70 -6.58
CA GLN A 96 -7.55 -2.92 -6.99
C GLN A 96 -7.03 -3.64 -5.72
N PRO A 97 -6.46 -4.87 -5.86
CA PRO A 97 -6.05 -5.71 -4.72
C PRO A 97 -5.32 -5.01 -3.57
N ASP A 98 -5.44 -5.61 -2.40
CA ASP A 98 -4.86 -5.12 -1.15
C ASP A 98 -4.12 -6.26 -0.44
N ALA A 99 -3.34 -5.92 0.57
CA ALA A 99 -2.60 -6.92 1.33
C ALA A 99 -2.87 -6.77 2.81
N LYS A 100 -2.84 -7.86 3.54
CA LYS A 100 -3.15 -7.85 4.95
C LYS A 100 -1.91 -8.12 5.78
N ILE A 101 -1.49 -7.10 6.52
CA ILE A 101 -0.28 -7.18 7.34
C ILE A 101 -0.67 -7.47 8.79
N GLN A 102 -0.06 -8.49 9.36
CA GLN A 102 -0.35 -8.88 10.73
C GLN A 102 0.85 -8.67 11.63
N VAL A 103 0.74 -7.70 12.52
CA VAL A 103 1.77 -7.44 13.52
C VAL A 103 1.28 -7.94 14.88
N ARG A 104 2.07 -8.76 15.57
CA ARG A 104 1.67 -9.22 16.89
C ARG A 104 2.88 -9.45 17.78
N ARG A 105 2.74 -9.16 19.07
CA ARG A 105 3.80 -9.39 20.03
C ARG A 105 3.67 -10.77 20.66
N ASP A 106 4.79 -11.37 20.98
CA ASP A 106 4.81 -12.68 21.61
C ASP A 106 5.62 -12.64 22.89
N ARG A 4 -3.88 8.83 -21.77
CA ARG A 4 -4.77 8.37 -20.72
C ARG A 4 -4.67 6.87 -20.58
N VAL A 5 -4.57 6.44 -19.35
CA VAL A 5 -4.44 5.04 -19.03
C VAL A 5 -5.22 4.79 -17.74
N LYS A 6 -5.16 3.57 -17.26
CA LYS A 6 -5.81 3.19 -16.02
C LYS A 6 -4.76 2.93 -14.96
N PRO A 7 -4.33 3.99 -14.27
CA PRO A 7 -3.24 3.93 -13.32
C PRO A 7 -3.72 3.56 -11.93
N SER A 8 -2.95 2.74 -11.24
CA SER A 8 -3.38 2.15 -9.98
C SER A 8 -2.23 1.36 -9.37
N ALA A 9 -2.55 0.32 -8.60
CA ALA A 9 -1.56 -0.58 -8.07
C ALA A 9 -2.14 -1.99 -7.99
N SER A 10 -1.29 -2.99 -8.14
CA SER A 10 -1.74 -4.37 -8.06
C SER A 10 -0.80 -5.11 -7.14
N LEU A 11 -1.21 -5.27 -5.89
CA LEU A 11 -0.33 -5.80 -4.88
C LEU A 11 0.01 -7.25 -5.16
N LYS A 12 1.24 -7.60 -4.84
CA LYS A 12 1.79 -8.91 -5.15
C LYS A 12 1.63 -9.85 -3.97
N LEU A 13 1.44 -9.27 -2.79
CA LEU A 13 1.26 -10.04 -1.58
C LEU A 13 0.08 -11.00 -1.75
N HIS A 14 0.29 -12.27 -1.43
CA HIS A 14 -0.74 -13.27 -1.68
C HIS A 14 -1.23 -13.94 -0.39
N HIS A 15 -0.94 -13.32 0.75
CA HIS A 15 -1.39 -13.84 2.04
C HIS A 15 -1.16 -12.84 3.15
N ASP A 16 -1.51 -13.22 4.37
CA ASP A 16 -1.24 -12.39 5.55
C ASP A 16 0.25 -12.21 5.74
N LEU A 17 0.66 -10.98 5.96
CA LEU A 17 2.04 -10.66 6.21
C LEU A 17 2.33 -10.69 7.71
N LYS A 18 2.94 -11.77 8.16
CA LYS A 18 3.16 -11.99 9.59
C LYS A 18 4.32 -11.15 10.11
N LEU A 19 4.01 -10.32 11.11
CA LEU A 19 5.01 -9.47 11.75
C LEU A 19 5.10 -9.78 13.25
N CYS A 20 6.17 -9.31 13.85
CA CYS A 20 6.36 -9.39 15.30
C CYS A 20 6.41 -7.97 15.87
N LEU A 21 6.61 -7.85 17.17
CA LEU A 21 6.60 -6.55 17.82
C LEU A 21 7.73 -5.68 17.31
N GLY A 22 7.37 -4.51 16.79
CA GLY A 22 8.36 -3.58 16.32
C GLY A 22 8.83 -3.90 14.91
N ASP A 23 8.16 -4.86 14.28
CA ASP A 23 8.45 -5.22 12.89
C ASP A 23 7.96 -4.13 11.94
N HIS A 24 8.59 -4.06 10.78
CA HIS A 24 8.11 -3.20 9.71
C HIS A 24 7.66 -4.10 8.59
N SER A 25 6.66 -3.66 7.84
CA SER A 25 6.07 -4.53 6.85
C SER A 25 6.69 -4.30 5.49
N SER A 26 6.56 -5.30 4.64
CA SER A 26 7.12 -5.29 3.31
C SER A 26 6.17 -6.02 2.37
N VAL A 27 5.40 -5.25 1.63
CA VAL A 27 4.46 -5.79 0.69
C VAL A 27 4.82 -5.36 -0.71
N PRO A 28 5.11 -6.30 -1.58
CA PRO A 28 5.49 -6.00 -2.93
C PRO A 28 4.26 -5.73 -3.77
N VAL A 29 4.31 -4.66 -4.56
CA VAL A 29 3.19 -4.28 -5.39
C VAL A 29 3.62 -3.98 -6.81
N ALA A 30 3.07 -4.73 -7.74
CA ALA A 30 3.23 -4.43 -9.15
C ALA A 30 2.23 -3.37 -9.54
N LEU A 31 2.70 -2.15 -9.51
CA LEU A 31 1.85 -0.98 -9.62
C LEU A 31 1.43 -0.73 -11.06
N LYS A 32 0.36 0.04 -11.23
CA LYS A 32 -0.17 0.33 -12.54
C LYS A 32 0.02 1.78 -12.89
N GLY A 33 -0.16 2.08 -14.16
CA GLY A 33 0.13 3.41 -14.66
C GLY A 33 1.50 3.49 -15.30
N GLN A 34 1.57 3.93 -16.54
CA GLN A 34 2.83 3.97 -17.26
C GLN A 34 3.37 5.39 -17.34
N GLY A 35 4.25 5.74 -16.40
CA GLY A 35 4.80 7.08 -16.37
C GLY A 35 4.80 7.63 -14.97
N PRO A 36 4.97 8.95 -14.81
CA PRO A 36 4.96 9.58 -13.50
C PRO A 36 3.57 9.69 -12.91
N PHE A 37 3.21 8.69 -12.10
CA PHE A 37 1.90 8.65 -11.46
C PHE A 37 2.03 8.76 -9.94
N THR A 38 1.11 9.47 -9.31
CA THR A 38 1.16 9.65 -7.87
C THR A 38 0.23 8.64 -7.21
N LEU A 39 0.85 7.65 -6.62
CA LEU A 39 0.15 6.48 -6.15
C LEU A 39 0.02 6.51 -4.63
N THR A 40 -1.21 6.63 -4.15
CA THR A 40 -1.48 6.75 -2.72
C THR A 40 -2.08 5.47 -2.16
N TYR A 41 -1.61 5.03 -1.00
CA TYR A 41 -2.15 3.83 -0.40
C TYR A 41 -2.39 4.01 1.09
N ASP A 42 -3.26 3.16 1.65
CA ASP A 42 -3.61 3.22 3.05
C ASP A 42 -3.22 1.95 3.78
N ILE A 43 -2.51 2.12 4.89
CA ILE A 43 -2.28 1.04 5.82
C ILE A 43 -3.29 1.18 6.94
N ILE A 44 -4.41 0.50 6.81
CA ILE A 44 -5.51 0.75 7.69
C ILE A 44 -5.59 -0.28 8.81
N GLU A 45 -5.96 0.20 9.99
CA GLU A 45 -5.90 -0.59 11.20
C GLU A 45 -7.26 -1.21 11.48
N THR A 46 -7.39 -2.47 11.15
CA THR A 46 -8.67 -3.15 11.15
C THR A 46 -8.99 -3.75 12.53
N PHE A 47 -8.08 -3.55 13.47
CA PHE A 47 -8.30 -4.03 14.84
C PHE A 47 -9.11 -3.02 15.64
N SER A 48 -9.30 -1.83 15.08
CA SER A 48 -10.12 -0.82 15.70
C SER A 48 -10.88 0.00 14.66
N SER A 49 -10.35 1.18 14.33
CA SER A 49 -10.95 2.04 13.32
C SER A 49 -9.93 3.05 12.82
N LYS A 50 -8.67 2.79 13.08
CA LYS A 50 -7.60 3.71 12.74
C LYS A 50 -7.07 3.43 11.34
N ARG A 51 -6.17 4.29 10.86
CA ARG A 51 -5.70 4.21 9.51
C ARG A 51 -4.44 5.05 9.29
N LYS A 52 -3.57 4.57 8.41
CA LYS A 52 -2.34 5.24 8.05
C LYS A 52 -2.35 5.47 6.54
N THR A 53 -1.74 6.54 6.09
CA THR A 53 -1.74 6.88 4.67
C THR A 53 -0.34 7.24 4.18
N PHE A 54 -0.01 6.82 2.95
CA PHE A 54 1.27 7.18 2.35
C PHE A 54 1.11 7.36 0.84
N GLU A 55 1.85 8.31 0.28
CA GLU A 55 1.72 8.66 -1.13
C GLU A 55 3.08 8.63 -1.82
N ILE A 56 3.15 7.87 -2.92
CA ILE A 56 4.36 7.78 -3.71
C ILE A 56 4.16 8.55 -5.01
N LYS A 57 4.73 9.73 -5.12
CA LYS A 57 4.55 10.51 -6.31
C LYS A 57 5.53 10.08 -7.37
N GLU A 58 5.09 10.24 -8.61
CA GLU A 58 5.87 9.88 -9.80
C GLU A 58 6.42 8.45 -9.73
N ILE A 59 5.56 7.47 -9.43
CA ILE A 59 6.03 6.09 -9.49
C ILE A 59 6.08 5.69 -10.95
N LYS A 60 7.28 5.36 -11.40
CA LYS A 60 7.51 4.99 -12.78
C LYS A 60 8.02 3.57 -12.81
N THR A 61 7.63 2.81 -11.80
CA THR A 61 8.15 1.47 -11.58
C THR A 61 7.28 0.39 -12.20
N ASN A 62 6.12 0.18 -11.56
CA ASN A 62 5.12 -0.83 -11.96
C ASN A 62 5.44 -2.16 -11.30
N GLU A 63 6.45 -2.14 -10.45
CA GLU A 63 6.81 -3.25 -9.62
C GLU A 63 7.69 -2.78 -8.50
N TYR A 64 7.09 -2.53 -7.38
CA TYR A 64 7.79 -1.88 -6.29
C TYR A 64 7.43 -2.50 -4.95
N VAL A 65 8.44 -2.85 -4.18
CA VAL A 65 8.23 -3.45 -2.89
C VAL A 65 8.02 -2.38 -1.83
N ILE A 66 6.78 -2.23 -1.41
CA ILE A 66 6.40 -1.22 -0.44
C ILE A 66 6.80 -1.65 0.96
N LYS A 67 7.42 -0.76 1.69
CA LYS A 67 7.84 -1.04 3.05
C LYS A 67 7.13 -0.12 4.01
N THR A 68 6.23 -0.69 4.78
CA THR A 68 5.41 0.05 5.70
C THR A 68 6.20 0.33 6.98
N PRO A 69 5.92 1.46 7.63
CA PRO A 69 6.62 1.90 8.85
C PRO A 69 6.67 0.82 9.94
N VAL A 70 7.59 1.00 10.87
CA VAL A 70 7.73 0.11 12.01
C VAL A 70 6.48 0.11 12.88
N PHE A 71 5.90 -1.06 13.05
CA PHE A 71 4.72 -1.20 13.88
C PHE A 71 5.10 -1.83 15.22
N THR A 72 5.30 -0.97 16.20
CA THR A 72 5.67 -1.40 17.54
C THR A 72 4.42 -1.76 18.34
N THR A 73 3.47 -2.34 17.64
CA THR A 73 2.21 -2.76 18.23
C THR A 73 1.55 -3.80 17.34
N GLY A 74 1.52 -5.03 17.83
CA GLY A 74 0.79 -6.09 17.15
C GLY A 74 -0.66 -5.73 16.87
N GLY A 75 -1.07 -6.02 15.65
CA GLY A 75 -2.42 -5.77 15.21
C GLY A 75 -2.62 -6.24 13.79
N ASP A 76 -3.74 -5.89 13.19
CA ASP A 76 -3.96 -6.20 11.78
C ASP A 76 -4.04 -4.92 10.99
N TYR A 77 -3.29 -4.85 9.91
CA TYR A 77 -3.25 -3.66 9.07
C TYR A 77 -3.43 -4.05 7.62
N ILE A 78 -4.41 -3.50 6.96
CA ILE A 78 -4.65 -3.82 5.58
C ILE A 78 -4.15 -2.70 4.69
N LEU A 79 -3.17 -3.01 3.88
CA LEU A 79 -2.63 -2.05 2.96
C LEU A 79 -3.49 -2.05 1.71
N SER A 80 -4.27 -1.00 1.57
CA SER A 80 -5.19 -0.85 0.47
C SER A 80 -4.80 0.36 -0.34
N LEU A 81 -5.54 0.65 -1.39
CA LEU A 81 -5.19 1.74 -2.29
C LEU A 81 -6.14 2.91 -2.10
N VAL A 82 -5.57 4.10 -1.94
CA VAL A 82 -6.36 5.30 -1.69
C VAL A 82 -6.77 5.97 -3.00
N SER A 83 -5.77 6.31 -3.81
CA SER A 83 -6.00 7.09 -5.03
C SER A 83 -4.71 7.17 -5.83
N ILE A 84 -4.81 7.64 -7.05
CA ILE A 84 -3.69 7.66 -7.97
C ILE A 84 -3.74 8.96 -8.76
N LYS A 85 -2.67 9.29 -9.45
CA LYS A 85 -2.62 10.53 -10.19
C LYS A 85 -1.93 10.36 -11.52
N ASP A 86 -2.68 10.61 -12.57
CA ASP A 86 -2.17 10.59 -13.93
C ASP A 86 -1.26 11.79 -14.12
N SER A 87 -0.35 11.70 -15.09
CA SER A 87 0.69 12.70 -15.29
C SER A 87 0.11 14.03 -15.74
N THR A 88 -1.19 14.05 -15.98
CA THR A 88 -1.91 15.28 -16.30
C THR A 88 -2.54 15.85 -15.04
N GLY A 89 -2.20 15.25 -13.91
CA GLY A 89 -2.75 15.62 -12.62
C GLY A 89 -4.17 15.14 -12.46
N CYS A 90 -4.47 14.00 -13.06
CA CYS A 90 -5.81 13.45 -12.99
C CYS A 90 -5.86 12.37 -11.92
N VAL A 91 -6.52 12.67 -10.80
CA VAL A 91 -6.51 11.77 -9.67
C VAL A 91 -7.61 10.72 -9.82
N VAL A 92 -7.20 9.51 -10.13
CA VAL A 92 -8.11 8.40 -10.34
C VAL A 92 -8.31 7.63 -9.03
N GLY A 93 -9.55 7.29 -8.77
CA GLY A 93 -9.88 6.56 -7.54
C GLY A 93 -9.46 5.11 -7.64
N LEU A 94 -8.83 4.60 -6.60
CA LEU A 94 -8.26 3.27 -6.65
C LEU A 94 -9.15 2.22 -5.99
N SER A 95 -9.36 1.14 -6.71
CA SER A 95 -10.02 -0.03 -6.16
C SER A 95 -9.43 -1.30 -6.78
N GLN A 96 -8.33 -1.76 -6.19
CA GLN A 96 -7.67 -2.98 -6.65
C GLN A 96 -7.24 -3.83 -5.44
N PRO A 97 -6.69 -5.05 -5.65
CA PRO A 97 -6.29 -5.96 -4.54
C PRO A 97 -5.55 -5.29 -3.40
N ASP A 98 -5.68 -5.88 -2.21
CA ASP A 98 -5.10 -5.33 -0.98
C ASP A 98 -4.15 -6.33 -0.32
N ALA A 99 -3.36 -5.82 0.61
CA ALA A 99 -2.33 -6.59 1.29
C ALA A 99 -2.57 -6.61 2.79
N LYS A 100 -2.91 -7.75 3.36
CA LYS A 100 -3.21 -7.80 4.77
C LYS A 100 -1.97 -8.15 5.60
N ILE A 101 -1.51 -7.18 6.37
CA ILE A 101 -0.39 -7.37 7.28
C ILE A 101 -0.94 -7.75 8.65
N GLN A 102 -0.32 -8.72 9.27
CA GLN A 102 -0.72 -9.15 10.60
C GLN A 102 0.49 -9.19 11.52
N VAL A 103 0.58 -8.24 12.43
CA VAL A 103 1.68 -8.18 13.38
C VAL A 103 1.22 -8.66 14.74
N ARG A 104 2.10 -9.36 15.42
CA ARG A 104 1.84 -9.82 16.77
C ARG A 104 3.05 -9.51 17.63
N ARG A 105 2.97 -9.77 18.91
CA ARG A 105 4.12 -9.65 19.77
C ARG A 105 5.06 -10.82 19.54
N ASP A 106 6.34 -10.62 19.80
CA ASP A 106 7.33 -11.66 19.58
C ASP A 106 7.28 -12.67 20.73
N ARG A 4 -3.69 6.70 -22.66
CA ARG A 4 -4.61 6.71 -21.54
C ARG A 4 -4.95 5.31 -21.12
N VAL A 5 -5.03 5.17 -19.83
CA VAL A 5 -5.26 3.90 -19.19
C VAL A 5 -5.68 4.14 -17.76
N LYS A 6 -6.34 3.16 -17.19
CA LYS A 6 -6.78 3.24 -15.81
C LYS A 6 -5.63 2.88 -14.89
N PRO A 7 -5.04 3.88 -14.22
CA PRO A 7 -3.87 3.67 -13.38
C PRO A 7 -4.28 3.29 -11.95
N SER A 8 -3.41 2.55 -11.28
CA SER A 8 -3.71 1.97 -9.98
C SER A 8 -2.54 1.14 -9.50
N ALA A 9 -2.79 0.12 -8.70
CA ALA A 9 -1.74 -0.76 -8.23
C ALA A 9 -2.27 -2.15 -7.97
N SER A 10 -1.46 -3.16 -8.27
CA SER A 10 -1.86 -4.54 -8.08
C SER A 10 -0.79 -5.25 -7.27
N LEU A 11 -1.05 -5.45 -5.99
CA LEU A 11 -0.09 -6.02 -5.10
C LEU A 11 0.26 -7.44 -5.50
N LYS A 12 1.51 -7.80 -5.25
CA LYS A 12 2.03 -9.10 -5.63
C LYS A 12 2.05 -10.03 -4.43
N LEU A 13 1.91 -9.44 -3.24
CA LEU A 13 1.88 -10.20 -2.01
C LEU A 13 0.64 -11.09 -1.96
N HIS A 14 0.84 -12.36 -1.61
CA HIS A 14 -0.22 -13.34 -1.69
C HIS A 14 -0.80 -13.67 -0.32
N HIS A 15 -0.01 -13.50 0.73
CA HIS A 15 -0.42 -13.91 2.07
C HIS A 15 -0.39 -12.77 3.06
N ASP A 16 -0.89 -13.02 4.27
CA ASP A 16 -0.88 -12.05 5.35
C ASP A 16 0.53 -11.93 5.89
N LEU A 17 0.93 -10.71 6.22
CA LEU A 17 2.27 -10.47 6.74
C LEU A 17 2.32 -10.70 8.24
N LYS A 18 2.82 -11.86 8.63
CA LYS A 18 2.93 -12.23 10.03
C LYS A 18 4.12 -11.52 10.67
N LEU A 19 3.82 -10.61 11.59
CA LEU A 19 4.85 -9.84 12.28
C LEU A 19 4.76 -10.01 13.77
N CYS A 20 5.86 -9.74 14.45
CA CYS A 20 5.87 -9.60 15.89
C CYS A 20 6.06 -8.13 16.21
N LEU A 21 6.22 -7.79 17.46
CA LEU A 21 6.20 -6.41 17.85
C LEU A 21 7.46 -5.69 17.38
N GLY A 22 7.31 -4.41 17.10
CA GLY A 22 8.44 -3.62 16.63
C GLY A 22 8.78 -3.90 15.17
N ASP A 23 7.91 -4.64 14.49
CA ASP A 23 8.17 -5.01 13.11
C ASP A 23 7.54 -4.05 12.10
N HIS A 24 8.14 -4.02 10.91
CA HIS A 24 7.57 -3.37 9.74
C HIS A 24 7.43 -4.43 8.65
N SER A 25 7.00 -4.05 7.45
CA SER A 25 6.88 -5.03 6.36
C SER A 25 7.21 -4.43 5.01
N SER A 26 7.19 -5.29 4.00
CA SER A 26 7.42 -4.89 2.62
C SER A 26 6.51 -5.68 1.68
N VAL A 27 5.52 -5.00 1.12
CA VAL A 27 4.58 -5.60 0.21
C VAL A 27 4.90 -5.19 -1.22
N PRO A 28 5.26 -6.15 -2.07
CA PRO A 28 5.59 -5.87 -3.46
C PRO A 28 4.33 -5.62 -4.28
N VAL A 29 4.31 -4.54 -5.05
CA VAL A 29 3.17 -4.24 -5.89
C VAL A 29 3.57 -3.90 -7.33
N ALA A 30 3.06 -4.70 -8.25
CA ALA A 30 3.13 -4.39 -9.66
C ALA A 30 2.01 -3.43 -9.99
N LEU A 31 2.39 -2.21 -10.28
CA LEU A 31 1.47 -1.09 -10.31
C LEU A 31 0.92 -0.85 -11.69
N LYS A 32 -0.21 -0.19 -11.75
CA LYS A 32 -0.85 0.12 -13.01
C LYS A 32 -0.66 1.60 -13.29
N GLY A 33 -0.76 1.95 -14.55
CA GLY A 33 -0.51 3.31 -14.98
C GLY A 33 0.93 3.47 -15.41
N GLN A 34 1.13 3.88 -16.65
CA GLN A 34 2.48 3.87 -17.22
C GLN A 34 3.14 5.23 -17.12
N GLY A 35 4.22 5.29 -16.36
CA GLY A 35 4.95 6.52 -16.19
C GLY A 35 4.79 7.07 -14.81
N PRO A 36 5.20 8.33 -14.58
CA PRO A 36 5.18 8.98 -13.26
C PRO A 36 3.78 9.21 -12.72
N PHE A 37 3.33 8.28 -11.91
CA PHE A 37 2.02 8.39 -11.26
C PHE A 37 2.18 8.57 -9.77
N THR A 38 1.32 9.37 -9.18
CA THR A 38 1.36 9.59 -7.75
C THR A 38 0.49 8.56 -7.07
N LEU A 39 1.15 7.60 -6.44
CA LEU A 39 0.48 6.45 -5.87
C LEU A 39 0.29 6.61 -4.37
N THR A 40 -0.94 6.79 -3.96
CA THR A 40 -1.27 6.91 -2.54
C THR A 40 -1.79 5.58 -2.01
N TYR A 41 -1.32 5.16 -0.84
CA TYR A 41 -1.77 3.92 -0.26
C TYR A 41 -2.05 4.08 1.24
N ASP A 42 -3.01 3.31 1.73
CA ASP A 42 -3.38 3.32 3.14
C ASP A 42 -2.99 2.02 3.80
N ILE A 43 -2.45 2.14 4.99
CA ILE A 43 -2.30 1.03 5.88
C ILE A 43 -3.32 1.17 6.99
N ILE A 44 -4.45 0.53 6.81
CA ILE A 44 -5.58 0.77 7.68
C ILE A 44 -5.73 -0.31 8.74
N GLU A 45 -6.27 0.07 9.88
CA GLU A 45 -6.45 -0.86 10.98
C GLU A 45 -7.77 -1.59 10.87
N THR A 46 -7.69 -2.89 10.79
CA THR A 46 -8.88 -3.71 10.91
C THR A 46 -9.01 -4.16 12.36
N PHE A 47 -7.98 -3.81 13.15
CA PHE A 47 -7.92 -4.16 14.55
C PHE A 47 -8.46 -3.02 15.41
N SER A 48 -8.28 -1.77 14.98
CA SER A 48 -8.78 -0.63 15.74
C SER A 48 -9.24 0.52 14.84
N SER A 49 -8.35 1.48 14.56
CA SER A 49 -8.76 2.68 13.81
C SER A 49 -7.56 3.57 13.44
N LYS A 50 -6.35 3.17 13.83
CA LYS A 50 -5.16 3.99 13.58
C LYS A 50 -4.64 3.80 12.16
N ARG A 51 -5.52 4.02 11.21
CA ARG A 51 -5.20 4.00 9.79
C ARG A 51 -4.05 4.97 9.46
N LYS A 52 -3.17 4.54 8.59
CA LYS A 52 -2.01 5.31 8.18
C LYS A 52 -2.08 5.54 6.68
N THR A 53 -1.59 6.67 6.24
CA THR A 53 -1.61 7.01 4.82
C THR A 53 -0.22 7.43 4.35
N PHE A 54 0.19 6.94 3.19
CA PHE A 54 1.46 7.31 2.61
C PHE A 54 1.32 7.46 1.09
N GLU A 55 2.05 8.40 0.53
CA GLU A 55 1.94 8.69 -0.90
C GLU A 55 3.31 8.67 -1.58
N ILE A 56 3.38 7.97 -2.70
CA ILE A 56 4.59 7.89 -3.47
C ILE A 56 4.38 8.62 -4.79
N LYS A 57 4.87 9.84 -4.89
CA LYS A 57 4.65 10.61 -6.08
C LYS A 57 5.61 10.18 -7.18
N GLU A 58 5.14 10.34 -8.40
CA GLU A 58 5.91 10.05 -9.60
C GLU A 58 6.49 8.64 -9.60
N ILE A 59 5.68 7.63 -9.29
CA ILE A 59 6.12 6.27 -9.46
C ILE A 59 6.15 5.98 -10.96
N LYS A 60 7.32 5.70 -11.48
CA LYS A 60 7.50 5.42 -12.89
C LYS A 60 7.88 3.96 -13.04
N THR A 61 7.42 3.15 -12.10
CA THR A 61 7.90 1.79 -11.93
C THR A 61 7.00 0.74 -12.62
N ASN A 62 5.87 0.45 -11.97
CA ASN A 62 4.90 -0.58 -12.37
C ASN A 62 5.26 -1.93 -11.77
N GLU A 63 6.30 -1.92 -10.94
CA GLU A 63 6.70 -3.08 -10.14
C GLU A 63 7.59 -2.61 -8.99
N TYR A 64 6.97 -2.25 -7.88
CA TYR A 64 7.69 -1.59 -6.79
C TYR A 64 7.34 -2.23 -5.46
N VAL A 65 8.34 -2.45 -4.63
CA VAL A 65 8.10 -3.04 -3.33
C VAL A 65 7.87 -1.94 -2.30
N ILE A 66 6.67 -1.92 -1.76
CA ILE A 66 6.29 -0.93 -0.78
C ILE A 66 6.76 -1.35 0.61
N LYS A 67 7.18 -0.39 1.39
CA LYS A 67 7.64 -0.66 2.74
C LYS A 67 6.69 -0.04 3.73
N THR A 68 5.97 -0.89 4.44
CA THR A 68 5.05 -0.42 5.44
C THR A 68 5.80 -0.01 6.68
N PRO A 69 5.47 1.17 7.24
CA PRO A 69 6.18 1.73 8.38
C PRO A 69 6.05 0.86 9.61
N VAL A 70 7.06 0.91 10.47
CA VAL A 70 7.12 0.05 11.63
C VAL A 70 5.91 0.27 12.53
N PHE A 71 5.28 -0.83 12.90
CA PHE A 71 4.01 -0.78 13.61
C PHE A 71 4.21 -0.67 15.09
N THR A 72 5.29 -1.26 15.60
CA THR A 72 5.68 -1.18 17.02
C THR A 72 4.61 -1.72 17.96
N THR A 73 3.46 -2.06 17.42
CA THR A 73 2.34 -2.52 18.23
C THR A 73 1.54 -3.58 17.48
N GLY A 74 1.39 -4.73 18.12
CA GLY A 74 0.54 -5.77 17.59
C GLY A 74 -0.85 -5.29 17.21
N GLY A 75 -1.22 -5.57 15.96
CA GLY A 75 -2.52 -5.19 15.44
C GLY A 75 -2.71 -5.76 14.05
N ASP A 76 -3.84 -5.50 13.43
CA ASP A 76 -4.09 -6.01 12.10
C ASP A 76 -4.31 -4.86 11.14
N TYR A 77 -3.57 -4.87 10.05
CA TYR A 77 -3.61 -3.79 9.10
C TYR A 77 -3.86 -4.32 7.70
N ILE A 78 -4.46 -3.49 6.85
CA ILE A 78 -4.62 -3.82 5.45
C ILE A 78 -4.12 -2.66 4.61
N LEU A 79 -3.14 -2.94 3.77
CA LEU A 79 -2.61 -1.93 2.88
C LEU A 79 -3.46 -1.89 1.62
N SER A 80 -4.20 -0.80 1.46
CA SER A 80 -5.08 -0.64 0.32
C SER A 80 -4.68 0.59 -0.49
N LEU A 81 -4.90 0.55 -1.79
CA LEU A 81 -4.61 1.68 -2.64
C LEU A 81 -5.63 2.79 -2.44
N VAL A 82 -5.14 3.98 -2.13
CA VAL A 82 -6.01 5.12 -1.86
C VAL A 82 -6.40 5.84 -3.14
N SER A 83 -5.40 6.22 -3.90
CA SER A 83 -5.64 7.05 -5.07
C SER A 83 -4.36 7.22 -5.87
N ILE A 84 -4.49 7.43 -7.16
CA ILE A 84 -3.32 7.67 -7.99
C ILE A 84 -3.53 8.94 -8.78
N LYS A 85 -2.48 9.50 -9.34
CA LYS A 85 -2.61 10.74 -10.07
C LYS A 85 -1.77 10.72 -11.34
N ASP A 86 -2.46 10.86 -12.48
CA ASP A 86 -1.81 11.01 -13.76
C ASP A 86 -0.90 12.21 -13.74
N SER A 87 0.11 12.18 -14.61
CA SER A 87 1.14 13.21 -14.64
C SER A 87 0.60 14.60 -14.95
N THR A 88 -0.66 14.66 -15.38
CA THR A 88 -1.32 15.93 -15.67
C THR A 88 -2.02 16.44 -14.42
N GLY A 89 -2.03 15.62 -13.39
CA GLY A 89 -2.72 15.95 -12.16
C GLY A 89 -4.13 15.43 -12.16
N CYS A 90 -4.30 14.20 -12.62
CA CYS A 90 -5.62 13.58 -12.65
C CYS A 90 -5.67 12.45 -11.64
N VAL A 91 -6.38 12.67 -10.54
CA VAL A 91 -6.40 11.70 -9.46
C VAL A 91 -7.53 10.69 -9.67
N VAL A 92 -7.14 9.46 -9.95
CA VAL A 92 -8.05 8.36 -10.14
C VAL A 92 -8.30 7.65 -8.80
N GLY A 93 -9.55 7.31 -8.53
CA GLY A 93 -9.88 6.60 -7.33
C GLY A 93 -9.49 5.14 -7.43
N LEU A 94 -8.62 4.69 -6.53
CA LEU A 94 -8.07 3.35 -6.63
C LEU A 94 -8.92 2.30 -5.93
N SER A 95 -9.14 1.20 -6.63
CA SER A 95 -9.79 0.04 -6.05
C SER A 95 -9.26 -1.21 -6.74
N GLN A 96 -8.15 -1.73 -6.22
CA GLN A 96 -7.56 -2.97 -6.70
C GLN A 96 -7.07 -3.78 -5.50
N PRO A 97 -6.58 -5.03 -5.69
CA PRO A 97 -6.18 -5.92 -4.59
C PRO A 97 -5.36 -5.24 -3.49
N ASP A 98 -5.68 -5.60 -2.25
CA ASP A 98 -5.02 -5.06 -1.06
C ASP A 98 -4.26 -6.15 -0.33
N ALA A 99 -3.40 -5.75 0.58
CA ALA A 99 -2.57 -6.68 1.33
C ALA A 99 -2.93 -6.66 2.80
N LYS A 100 -2.64 -7.74 3.49
CA LYS A 100 -2.86 -7.78 4.94
C LYS A 100 -1.55 -7.87 5.68
N ILE A 101 -1.48 -7.11 6.74
CA ILE A 101 -0.31 -7.08 7.62
C ILE A 101 -0.77 -7.42 9.02
N GLN A 102 -0.37 -8.56 9.53
CA GLN A 102 -0.81 -8.98 10.84
C GLN A 102 0.35 -8.91 11.85
N VAL A 103 0.27 -7.96 12.75
CA VAL A 103 1.32 -7.76 13.75
C VAL A 103 0.83 -8.28 15.10
N ARG A 104 1.72 -8.89 15.87
CA ARG A 104 1.39 -9.32 17.23
C ARG A 104 2.54 -9.01 18.16
N ARG A 105 2.33 -9.25 19.44
CA ARG A 105 3.35 -8.99 20.44
C ARG A 105 3.91 -10.31 20.95
N ASP A 106 5.18 -10.54 20.68
CA ASP A 106 5.82 -11.80 21.02
C ASP A 106 6.39 -11.72 22.43
N ARG A 4 -1.19 6.99 -21.65
CA ARG A 4 -1.67 6.44 -20.39
C ARG A 4 -3.00 5.73 -20.59
N VAL A 5 -3.14 4.57 -19.97
CA VAL A 5 -4.37 3.81 -20.05
C VAL A 5 -5.18 4.02 -18.77
N LYS A 6 -5.12 3.10 -17.84
CA LYS A 6 -5.70 3.32 -16.53
C LYS A 6 -4.66 3.00 -15.47
N PRO A 7 -4.27 4.00 -14.68
CA PRO A 7 -3.27 3.83 -13.65
C PRO A 7 -3.89 3.39 -12.33
N SER A 8 -3.12 2.65 -11.54
CA SER A 8 -3.61 2.09 -10.30
C SER A 8 -2.48 1.32 -9.61
N ALA A 9 -2.79 0.40 -8.70
CA ALA A 9 -1.75 -0.41 -8.09
C ALA A 9 -2.29 -1.76 -7.67
N SER A 10 -1.49 -2.80 -7.86
CA SER A 10 -1.94 -4.16 -7.56
C SER A 10 -0.88 -4.88 -6.76
N LEU A 11 -1.12 -5.04 -5.47
CA LEU A 11 -0.16 -5.63 -4.58
C LEU A 11 0.15 -7.06 -4.98
N LYS A 12 1.39 -7.44 -4.78
CA LYS A 12 1.87 -8.76 -5.16
C LYS A 12 1.87 -9.68 -3.95
N LEU A 13 1.73 -9.06 -2.78
CA LEU A 13 1.62 -9.80 -1.54
C LEU A 13 0.27 -10.53 -1.50
N HIS A 14 0.31 -11.86 -1.52
CA HIS A 14 -0.90 -12.64 -1.60
C HIS A 14 -1.11 -13.48 -0.35
N HIS A 15 -0.87 -12.88 0.81
CA HIS A 15 -1.08 -13.54 2.09
C HIS A 15 -0.85 -12.58 3.24
N ASP A 16 -0.96 -13.10 4.46
CA ASP A 16 -0.72 -12.31 5.66
C ASP A 16 0.76 -12.11 5.88
N LEU A 17 1.11 -10.99 6.46
CA LEU A 17 2.49 -10.74 6.86
C LEU A 17 2.65 -10.95 8.36
N LYS A 18 3.25 -12.06 8.73
CA LYS A 18 3.34 -12.47 10.13
C LYS A 18 4.48 -11.75 10.84
N LEU A 19 4.16 -10.62 11.47
CA LEU A 19 5.16 -9.82 12.17
C LEU A 19 5.03 -9.95 13.68
N CYS A 20 6.07 -9.54 14.38
CA CYS A 20 6.09 -9.55 15.83
C CYS A 20 6.14 -8.12 16.36
N LEU A 21 6.29 -7.99 17.67
CA LEU A 21 6.35 -6.70 18.32
C LEU A 21 7.54 -5.91 17.81
N GLY A 22 7.30 -4.69 17.38
CA GLY A 22 8.39 -3.83 16.93
C GLY A 22 8.75 -4.04 15.48
N ASP A 23 7.97 -4.87 14.80
CA ASP A 23 8.20 -5.15 13.39
C ASP A 23 7.56 -4.10 12.48
N HIS A 24 8.15 -3.95 11.29
CA HIS A 24 7.55 -3.22 10.20
C HIS A 24 7.37 -4.21 9.05
N SER A 25 6.73 -3.83 7.97
CA SER A 25 6.44 -4.83 6.95
C SER A 25 6.89 -4.40 5.56
N SER A 26 6.77 -5.34 4.63
CA SER A 26 7.28 -5.18 3.28
C SER A 26 6.35 -5.88 2.29
N VAL A 27 5.57 -5.08 1.59
CA VAL A 27 4.60 -5.60 0.64
C VAL A 27 4.89 -5.06 -0.75
N PRO A 28 5.22 -5.96 -1.68
CA PRO A 28 5.50 -5.59 -3.05
C PRO A 28 4.23 -5.31 -3.83
N VAL A 29 4.24 -4.25 -4.62
CA VAL A 29 3.10 -3.92 -5.45
C VAL A 29 3.50 -3.65 -6.90
N ALA A 30 2.96 -4.46 -7.79
CA ALA A 30 3.05 -4.17 -9.20
C ALA A 30 2.03 -3.11 -9.56
N LEU A 31 2.53 -1.89 -9.57
CA LEU A 31 1.71 -0.73 -9.74
C LEU A 31 1.32 -0.56 -11.21
N LYS A 32 0.11 -0.12 -11.44
CA LYS A 32 -0.40 0.00 -12.80
C LYS A 32 -0.31 1.44 -13.27
N GLY A 33 -0.41 1.59 -14.57
CA GLY A 33 -0.25 2.89 -15.19
C GLY A 33 1.19 3.13 -15.61
N GLN A 34 1.39 3.72 -16.77
CA GLN A 34 2.74 3.90 -17.29
C GLN A 34 3.09 5.37 -17.38
N GLY A 35 4.02 5.78 -16.54
CA GLY A 35 4.46 7.16 -16.52
C GLY A 35 4.52 7.72 -15.13
N PRO A 36 4.72 9.03 -14.98
CA PRO A 36 4.81 9.68 -13.69
C PRO A 36 3.43 9.78 -13.01
N PHE A 37 3.13 8.80 -12.19
CA PHE A 37 1.84 8.75 -11.50
C PHE A 37 2.02 8.91 -10.00
N THR A 38 1.11 9.65 -9.38
CA THR A 38 1.16 9.83 -7.94
C THR A 38 0.32 8.76 -7.27
N LEU A 39 1.00 7.80 -6.68
CA LEU A 39 0.37 6.62 -6.15
C LEU A 39 0.18 6.76 -4.64
N THR A 40 -1.07 6.64 -4.21
CA THR A 40 -1.41 6.79 -2.80
C THR A 40 -2.00 5.49 -2.25
N TYR A 41 -1.57 5.09 -1.05
CA TYR A 41 -2.11 3.87 -0.44
C TYR A 41 -2.25 4.01 1.08
N ASP A 42 -3.18 3.25 1.64
CA ASP A 42 -3.46 3.30 3.08
C ASP A 42 -3.20 1.95 3.75
N ILE A 43 -2.28 1.96 4.70
CA ILE A 43 -2.10 0.85 5.61
C ILE A 43 -2.99 1.10 6.81
N ILE A 44 -4.16 0.51 6.79
CA ILE A 44 -5.19 0.86 7.74
C ILE A 44 -5.34 -0.20 8.85
N GLU A 45 -5.74 0.25 10.02
CA GLU A 45 -5.96 -0.63 11.14
C GLU A 45 -7.37 -1.17 11.12
N THR A 46 -7.51 -2.47 11.11
CA THR A 46 -8.82 -3.07 11.19
C THR A 46 -9.15 -3.45 12.62
N PHE A 47 -8.18 -3.27 13.51
CA PHE A 47 -8.38 -3.60 14.92
C PHE A 47 -8.61 -2.36 15.77
N SER A 48 -8.04 -1.21 15.36
CA SER A 48 -8.18 -0.01 16.16
C SER A 48 -8.67 1.15 15.29
N SER A 49 -7.76 1.99 14.80
CA SER A 49 -8.15 3.15 14.01
C SER A 49 -6.93 3.96 13.54
N LYS A 50 -5.73 3.53 13.93
CA LYS A 50 -4.52 4.31 13.64
C LYS A 50 -4.00 4.06 12.23
N ARG A 51 -4.89 4.26 11.27
CA ARG A 51 -4.57 4.14 9.86
C ARG A 51 -3.34 4.97 9.47
N LYS A 52 -2.61 4.48 8.51
CA LYS A 52 -1.48 5.18 7.97
C LYS A 52 -1.66 5.31 6.46
N THR A 53 -1.21 6.41 5.92
CA THR A 53 -1.34 6.65 4.49
C THR A 53 -0.01 7.14 3.92
N PHE A 54 0.32 6.70 2.72
CA PHE A 54 1.54 7.16 2.06
C PHE A 54 1.27 7.47 0.60
N GLU A 55 1.91 8.52 0.13
CA GLU A 55 1.76 8.97 -1.23
C GLU A 55 3.13 9.11 -1.89
N ILE A 56 3.32 8.38 -2.98
CA ILE A 56 4.56 8.43 -3.73
C ILE A 56 4.29 8.97 -5.12
N LYS A 57 4.77 10.17 -5.38
CA LYS A 57 4.53 10.84 -6.63
C LYS A 57 5.49 10.39 -7.70
N GLU A 58 4.98 10.40 -8.91
CA GLU A 58 5.74 10.09 -10.11
C GLU A 58 6.36 8.70 -10.07
N ILE A 59 5.59 7.70 -9.69
CA ILE A 59 6.09 6.34 -9.72
C ILE A 59 6.12 5.89 -11.17
N LYS A 60 7.30 5.57 -11.64
CA LYS A 60 7.49 5.11 -13.00
C LYS A 60 8.04 3.69 -12.95
N THR A 61 7.60 2.97 -11.92
CA THR A 61 8.10 1.66 -11.60
C THR A 61 7.26 0.54 -12.19
N ASN A 62 6.07 0.37 -11.61
CA ASN A 62 5.09 -0.65 -12.01
C ASN A 62 5.37 -1.98 -11.32
N GLU A 63 6.37 -1.96 -10.45
CA GLU A 63 6.69 -3.07 -9.56
C GLU A 63 7.56 -2.55 -8.43
N TYR A 64 6.92 -2.10 -7.36
CA TYR A 64 7.65 -1.43 -6.28
C TYR A 64 7.41 -2.13 -4.96
N VAL A 65 8.49 -2.46 -4.27
CA VAL A 65 8.37 -3.14 -2.99
C VAL A 65 8.19 -2.12 -1.87
N ILE A 66 6.97 -2.04 -1.38
CA ILE A 66 6.61 -1.11 -0.33
C ILE A 66 7.14 -1.59 1.01
N LYS A 67 7.59 -0.64 1.82
CA LYS A 67 8.03 -0.93 3.18
C LYS A 67 7.22 -0.11 4.15
N THR A 68 6.27 -0.75 4.80
CA THR A 68 5.35 -0.06 5.68
C THR A 68 6.05 0.30 6.98
N PRO A 69 5.71 1.47 7.54
CA PRO A 69 6.28 1.96 8.80
C PRO A 69 6.14 0.94 9.93
N VAL A 70 7.00 1.08 10.94
CA VAL A 70 7.03 0.11 12.02
C VAL A 70 5.75 0.23 12.85
N PHE A 71 5.13 -0.90 13.11
CA PHE A 71 3.85 -0.94 13.80
C PHE A 71 4.06 -0.94 15.30
N THR A 72 5.08 -1.70 15.71
CA THR A 72 5.44 -1.87 17.12
C THR A 72 4.31 -2.48 17.94
N THR A 73 3.17 -2.65 17.31
CA THR A 73 1.98 -3.10 17.99
C THR A 73 1.33 -4.25 17.25
N GLY A 74 1.29 -5.41 17.91
CA GLY A 74 0.54 -6.53 17.38
C GLY A 74 -0.91 -6.18 17.05
N GLY A 75 -1.25 -6.32 15.79
CA GLY A 75 -2.59 -6.04 15.31
C GLY A 75 -2.70 -6.40 13.85
N ASP A 76 -3.83 -6.11 13.22
CA ASP A 76 -3.98 -6.41 11.81
C ASP A 76 -4.14 -5.13 11.01
N TYR A 77 -3.35 -5.03 9.96
CA TYR A 77 -3.38 -3.86 9.10
C TYR A 77 -3.71 -4.30 7.68
N ILE A 78 -4.45 -3.50 6.97
CA ILE A 78 -4.77 -3.81 5.59
C ILE A 78 -4.27 -2.69 4.71
N LEU A 79 -3.29 -3.02 3.88
CA LEU A 79 -2.74 -2.05 2.96
C LEU A 79 -3.56 -2.04 1.69
N SER A 80 -4.20 -0.93 1.45
CA SER A 80 -5.12 -0.77 0.36
C SER A 80 -4.68 0.41 -0.50
N LEU A 81 -5.12 0.48 -1.75
CA LEU A 81 -4.80 1.61 -2.58
C LEU A 81 -5.82 2.73 -2.40
N VAL A 82 -5.33 3.95 -2.29
CA VAL A 82 -6.20 5.10 -2.08
C VAL A 82 -6.57 5.74 -3.40
N SER A 83 -5.55 6.11 -4.18
CA SER A 83 -5.75 6.87 -5.40
C SER A 83 -4.46 6.90 -6.20
N ILE A 84 -4.54 7.35 -7.45
CA ILE A 84 -3.37 7.59 -8.26
C ILE A 84 -3.59 8.85 -9.08
N LYS A 85 -2.52 9.39 -9.65
CA LYS A 85 -2.63 10.65 -10.36
C LYS A 85 -1.85 10.62 -11.66
N ASP A 86 -2.56 10.86 -12.74
CA ASP A 86 -1.97 10.97 -14.06
C ASP A 86 -1.07 12.18 -14.11
N SER A 87 -0.08 12.12 -15.00
CA SER A 87 0.95 13.14 -15.11
C SER A 87 0.39 14.53 -15.42
N THR A 88 -0.87 14.60 -15.81
CA THR A 88 -1.54 15.86 -16.08
C THR A 88 -2.20 16.37 -14.80
N GLY A 89 -2.14 15.55 -13.77
CA GLY A 89 -2.74 15.85 -12.50
C GLY A 89 -4.17 15.37 -12.44
N CYS A 90 -4.42 14.19 -12.97
CA CYS A 90 -5.76 13.62 -13.00
C CYS A 90 -5.82 12.41 -12.08
N VAL A 91 -6.59 12.52 -11.01
CA VAL A 91 -6.65 11.47 -10.02
C VAL A 91 -7.66 10.38 -10.42
N VAL A 92 -7.22 9.14 -10.31
CA VAL A 92 -8.05 7.99 -10.62
C VAL A 92 -8.42 7.26 -9.33
N GLY A 93 -9.67 6.84 -9.25
CA GLY A 93 -10.17 6.16 -8.07
C GLY A 93 -9.69 4.72 -7.97
N LEU A 94 -8.83 4.46 -7.02
CA LEU A 94 -8.27 3.15 -6.78
C LEU A 94 -9.24 2.19 -6.10
N SER A 95 -9.42 1.03 -6.71
CA SER A 95 -10.14 -0.07 -6.10
C SER A 95 -9.57 -1.40 -6.63
N GLN A 96 -8.54 -1.88 -5.96
CA GLN A 96 -7.85 -3.09 -6.37
C GLN A 96 -7.51 -3.97 -5.15
N PRO A 97 -7.02 -5.21 -5.36
CA PRO A 97 -6.63 -6.11 -4.26
C PRO A 97 -5.77 -5.43 -3.19
N ASP A 98 -6.03 -5.77 -1.94
CA ASP A 98 -5.29 -5.22 -0.81
C ASP A 98 -4.51 -6.31 -0.10
N ALA A 99 -3.58 -5.88 0.75
CA ALA A 99 -2.75 -6.81 1.50
C ALA A 99 -3.09 -6.76 2.98
N LYS A 100 -2.90 -7.85 3.68
CA LYS A 100 -3.18 -7.87 5.11
C LYS A 100 -1.93 -8.21 5.89
N ILE A 101 -1.41 -7.20 6.55
CA ILE A 101 -0.24 -7.33 7.41
C ILE A 101 -0.70 -7.73 8.80
N GLN A 102 -0.30 -8.91 9.25
CA GLN A 102 -0.74 -9.41 10.54
C GLN A 102 0.41 -9.34 11.57
N VAL A 103 0.30 -8.40 12.47
CA VAL A 103 1.34 -8.19 13.46
C VAL A 103 0.88 -8.79 14.78
N ARG A 104 1.81 -9.31 15.56
CA ARG A 104 1.47 -9.89 16.85
C ARG A 104 2.64 -9.74 17.81
N ARG A 105 2.36 -9.36 19.05
CA ARG A 105 3.39 -9.24 20.06
C ARG A 105 4.01 -10.62 20.29
N ASP A 106 5.30 -10.74 20.15
CA ASP A 106 5.97 -12.02 20.39
C ASP A 106 6.18 -12.21 21.88
N ARG A 4 -3.80 8.99 -22.08
CA ARG A 4 -4.90 8.62 -21.20
C ARG A 4 -4.87 7.13 -20.93
N VAL A 5 -4.66 6.82 -19.69
CA VAL A 5 -4.51 5.45 -19.26
C VAL A 5 -5.26 5.27 -17.95
N LYS A 6 -5.45 4.04 -17.58
CA LYS A 6 -6.12 3.70 -16.37
C LYS A 6 -5.10 3.13 -15.39
N PRO A 7 -4.52 4.01 -14.57
CA PRO A 7 -3.48 3.65 -13.64
C PRO A 7 -4.04 3.17 -12.30
N SER A 8 -3.26 2.38 -11.58
CA SER A 8 -3.71 1.75 -10.36
C SER A 8 -2.56 1.01 -9.69
N ALA A 9 -2.87 0.07 -8.82
CA ALA A 9 -1.84 -0.73 -8.16
C ALA A 9 -2.41 -2.06 -7.68
N SER A 10 -1.64 -3.13 -7.81
CA SER A 10 -2.14 -4.45 -7.45
C SER A 10 -1.07 -5.20 -6.67
N LEU A 11 -1.25 -5.22 -5.37
CA LEU A 11 -0.28 -5.80 -4.49
C LEU A 11 -0.05 -7.26 -4.76
N LYS A 12 1.21 -7.61 -4.69
CA LYS A 12 1.68 -8.95 -4.95
C LYS A 12 1.60 -9.76 -3.66
N LEU A 13 1.52 -9.06 -2.54
CA LEU A 13 1.30 -9.71 -1.25
C LEU A 13 -0.12 -10.23 -1.20
N HIS A 14 -0.26 -11.55 -1.22
CA HIS A 14 -1.58 -12.15 -1.34
C HIS A 14 -2.15 -12.52 0.02
N HIS A 15 -1.36 -13.18 0.84
CA HIS A 15 -1.82 -13.63 2.15
C HIS A 15 -1.31 -12.70 3.25
N ASP A 16 -1.72 -12.98 4.48
CA ASP A 16 -1.33 -12.14 5.61
C ASP A 16 0.16 -12.27 5.89
N LEU A 17 0.74 -11.17 6.32
CA LEU A 17 2.17 -11.07 6.57
C LEU A 17 2.50 -11.10 8.05
N LYS A 18 3.13 -12.19 8.50
CA LYS A 18 3.45 -12.37 9.91
C LYS A 18 4.55 -11.41 10.37
N LEU A 19 4.28 -10.68 11.46
CA LEU A 19 5.26 -9.78 12.05
C LEU A 19 5.27 -9.90 13.57
N CYS A 20 6.33 -9.38 14.18
CA CYS A 20 6.45 -9.32 15.62
C CYS A 20 6.31 -7.89 16.10
N LEU A 21 6.48 -7.68 17.40
CA LEU A 21 6.30 -6.36 17.98
C LEU A 21 7.33 -5.39 17.43
N GLY A 22 6.85 -4.23 17.01
CA GLY A 22 7.74 -3.19 16.53
C GLY A 22 8.36 -3.52 15.19
N ASP A 23 7.83 -4.55 14.54
CA ASP A 23 8.33 -4.95 13.23
C ASP A 23 7.81 -4.02 12.14
N HIS A 24 8.60 -3.87 11.08
CA HIS A 24 8.15 -3.16 9.89
C HIS A 24 8.02 -4.19 8.79
N SER A 25 7.32 -3.87 7.73
CA SER A 25 7.05 -4.87 6.72
C SER A 25 7.36 -4.39 5.31
N SER A 26 7.24 -5.31 4.37
CA SER A 26 7.49 -5.04 2.98
C SER A 26 6.34 -5.58 2.13
N VAL A 27 5.62 -4.68 1.48
CA VAL A 27 4.44 -5.04 0.72
C VAL A 27 4.67 -4.82 -0.75
N PRO A 28 4.98 -5.87 -1.47
CA PRO A 28 5.32 -5.79 -2.87
C PRO A 28 4.08 -5.58 -3.71
N VAL A 29 4.03 -4.51 -4.47
CA VAL A 29 2.90 -4.24 -5.35
C VAL A 29 3.32 -4.03 -6.80
N ALA A 30 2.78 -4.85 -7.67
CA ALA A 30 2.89 -4.64 -9.09
C ALA A 30 1.80 -3.68 -9.52
N LEU A 31 2.23 -2.51 -9.91
CA LEU A 31 1.35 -1.38 -10.07
C LEU A 31 0.88 -1.24 -11.49
N LYS A 32 -0.10 -0.38 -11.68
CA LYS A 32 -0.70 -0.19 -12.97
C LYS A 32 -0.61 1.26 -13.39
N GLY A 33 -0.48 1.48 -14.68
CA GLY A 33 -0.32 2.81 -15.20
C GLY A 33 1.12 3.11 -15.53
N GLN A 34 1.36 3.61 -16.73
CA GLN A 34 2.73 3.83 -17.19
C GLN A 34 3.06 5.31 -17.24
N GLY A 35 4.01 5.71 -16.41
CA GLY A 35 4.41 7.10 -16.37
C GLY A 35 4.54 7.60 -14.95
N PRO A 36 4.84 8.88 -14.76
CA PRO A 36 4.96 9.46 -13.42
C PRO A 36 3.60 9.60 -12.74
N PHE A 37 3.23 8.61 -11.95
CA PHE A 37 1.95 8.61 -11.28
C PHE A 37 2.12 8.79 -9.77
N THR A 38 1.21 9.55 -9.17
CA THR A 38 1.26 9.76 -7.73
C THR A 38 0.42 8.70 -7.04
N LEU A 39 1.12 7.74 -6.49
CA LEU A 39 0.52 6.55 -5.94
C LEU A 39 0.21 6.74 -4.47
N THR A 40 -1.07 6.69 -4.12
CA THR A 40 -1.47 6.85 -2.73
C THR A 40 -2.10 5.57 -2.21
N TYR A 41 -1.64 5.12 -1.05
CA TYR A 41 -2.21 3.93 -0.44
C TYR A 41 -2.30 4.08 1.07
N ASP A 42 -3.21 3.31 1.67
CA ASP A 42 -3.47 3.38 3.11
C ASP A 42 -3.21 2.04 3.76
N ILE A 43 -2.28 2.01 4.68
CA ILE A 43 -2.11 0.86 5.55
C ILE A 43 -3.02 1.05 6.73
N ILE A 44 -4.19 0.46 6.65
CA ILE A 44 -5.21 0.66 7.64
C ILE A 44 -5.15 -0.44 8.69
N GLU A 45 -5.52 -0.11 9.89
CA GLU A 45 -5.52 -1.10 10.94
C GLU A 45 -6.93 -1.57 11.25
N THR A 46 -7.14 -2.87 11.19
CA THR A 46 -8.42 -3.44 11.52
C THR A 46 -8.45 -3.76 13.01
N PHE A 47 -7.30 -3.52 13.65
CA PHE A 47 -7.18 -3.66 15.08
C PHE A 47 -7.96 -2.58 15.83
N SER A 48 -7.99 -1.38 15.26
CA SER A 48 -8.75 -0.30 15.85
C SER A 48 -9.24 0.69 14.80
N SER A 49 -8.43 1.71 14.47
CA SER A 49 -8.87 2.75 13.55
C SER A 49 -7.77 3.78 13.24
N LYS A 50 -6.51 3.40 13.35
CA LYS A 50 -5.42 4.34 13.09
C LYS A 50 -4.77 4.05 11.75
N ARG A 51 -5.45 4.44 10.70
CA ARG A 51 -4.97 4.26 9.33
C ARG A 51 -3.67 5.02 9.09
N LYS A 52 -2.86 4.53 8.16
CA LYS A 52 -1.63 5.20 7.78
C LYS A 52 -1.66 5.43 6.29
N THR A 53 -1.09 6.54 5.86
CA THR A 53 -1.13 6.90 4.46
C THR A 53 0.28 7.16 3.91
N PHE A 54 0.53 6.68 2.71
CA PHE A 54 1.74 6.98 1.97
C PHE A 54 1.39 7.38 0.54
N GLU A 55 1.94 8.50 0.12
CA GLU A 55 1.73 9.02 -1.22
C GLU A 55 3.06 9.24 -1.93
N ILE A 56 3.35 8.38 -2.88
CA ILE A 56 4.60 8.45 -3.61
C ILE A 56 4.37 8.99 -5.02
N LYS A 57 4.89 10.17 -5.29
CA LYS A 57 4.69 10.81 -6.57
C LYS A 57 5.66 10.26 -7.61
N GLU A 58 5.19 10.27 -8.84
CA GLU A 58 5.98 9.84 -10.00
C GLU A 58 6.48 8.40 -9.86
N ILE A 59 5.61 7.46 -9.54
CA ILE A 59 6.01 6.06 -9.60
C ILE A 59 5.94 5.64 -11.05
N LYS A 60 7.08 5.22 -11.58
CA LYS A 60 7.20 4.84 -12.96
C LYS A 60 7.61 3.38 -13.02
N THR A 61 7.19 2.65 -12.00
CA THR A 61 7.70 1.32 -11.74
C THR A 61 6.83 0.21 -12.35
N ASN A 62 5.63 0.01 -11.77
CA ASN A 62 4.69 -1.04 -12.16
C ASN A 62 5.03 -2.35 -11.46
N GLU A 63 6.04 -2.28 -10.61
CA GLU A 63 6.46 -3.39 -9.75
C GLU A 63 7.33 -2.86 -8.64
N TYR A 64 6.71 -2.41 -7.56
CA TYR A 64 7.43 -1.75 -6.48
C TYR A 64 7.02 -2.32 -5.15
N VAL A 65 7.97 -2.68 -4.32
CA VAL A 65 7.60 -3.18 -3.03
C VAL A 65 7.68 -2.07 -2.00
N ILE A 66 6.62 -2.00 -1.24
CA ILE A 66 6.36 -0.93 -0.32
C ILE A 66 6.97 -1.23 1.04
N LYS A 67 7.41 -0.22 1.74
CA LYS A 67 7.93 -0.42 3.07
C LYS A 67 6.99 0.20 4.09
N THR A 68 6.33 -0.65 4.84
CA THR A 68 5.36 -0.21 5.82
C THR A 68 6.04 0.13 7.14
N PRO A 69 5.54 1.18 7.81
CA PRO A 69 6.14 1.73 9.04
C PRO A 69 6.22 0.72 10.16
N VAL A 70 7.10 1.01 11.12
CA VAL A 70 7.26 0.19 12.31
C VAL A 70 5.97 0.11 13.10
N PHE A 71 5.43 -1.10 13.17
CA PHE A 71 4.19 -1.33 13.89
C PHE A 71 4.47 -1.78 15.31
N THR A 72 4.46 -0.83 16.24
CA THR A 72 4.74 -1.12 17.63
C THR A 72 3.47 -1.54 18.35
N THR A 73 2.64 -2.25 17.63
CA THR A 73 1.38 -2.75 18.15
C THR A 73 0.95 -4.01 17.42
N GLY A 74 1.03 -5.14 18.12
CA GLY A 74 0.44 -6.36 17.61
C GLY A 74 -1.01 -6.18 17.22
N GLY A 75 -1.25 -6.21 15.92
CA GLY A 75 -2.58 -6.04 15.39
C GLY A 75 -2.62 -6.36 13.92
N ASP A 76 -3.79 -6.32 13.33
CA ASP A 76 -3.92 -6.64 11.92
C ASP A 76 -4.07 -5.37 11.09
N TYR A 77 -3.30 -5.31 10.02
CA TYR A 77 -3.32 -4.17 9.12
C TYR A 77 -3.64 -4.61 7.71
N ILE A 78 -4.30 -3.76 6.96
CA ILE A 78 -4.62 -4.05 5.58
C ILE A 78 -4.18 -2.88 4.71
N LEU A 79 -3.20 -3.15 3.85
CA LEU A 79 -2.72 -2.15 2.95
C LEU A 79 -3.60 -2.12 1.72
N SER A 80 -4.30 -1.02 1.59
CA SER A 80 -5.29 -0.84 0.54
C SER A 80 -4.95 0.41 -0.26
N LEU A 81 -5.56 0.54 -1.43
CA LEU A 81 -5.26 1.65 -2.31
C LEU A 81 -6.17 2.83 -2.02
N VAL A 82 -5.63 4.04 -2.16
CA VAL A 82 -6.43 5.24 -1.94
C VAL A 82 -6.79 5.90 -3.27
N SER A 83 -5.78 6.25 -4.04
CA SER A 83 -5.94 6.98 -5.30
C SER A 83 -4.60 7.16 -5.98
N ILE A 84 -4.62 7.46 -7.27
CA ILE A 84 -3.41 7.72 -8.02
C ILE A 84 -3.59 9.00 -8.84
N LYS A 85 -2.51 9.60 -9.29
CA LYS A 85 -2.61 10.83 -10.05
C LYS A 85 -1.67 10.82 -11.25
N ASP A 86 -2.27 10.94 -12.43
CA ASP A 86 -1.51 11.07 -13.67
C ASP A 86 -0.72 12.36 -13.64
N SER A 87 0.39 12.41 -14.35
CA SER A 87 1.30 13.54 -14.31
C SER A 87 0.70 14.80 -14.92
N THR A 88 -0.54 14.71 -15.38
CA THR A 88 -1.29 15.87 -15.82
C THR A 88 -2.11 16.43 -14.67
N GLY A 89 -1.99 15.76 -13.53
CA GLY A 89 -2.75 16.11 -12.34
C GLY A 89 -4.16 15.56 -12.40
N CYS A 90 -4.28 14.32 -12.84
CA CYS A 90 -5.59 13.68 -12.93
C CYS A 90 -5.65 12.51 -11.96
N VAL A 91 -6.51 12.63 -10.96
CA VAL A 91 -6.63 11.60 -9.95
C VAL A 91 -7.60 10.51 -10.38
N VAL A 92 -7.19 9.27 -10.18
CA VAL A 92 -8.01 8.13 -10.53
C VAL A 92 -8.23 7.25 -9.31
N GLY A 93 -9.47 6.84 -9.13
CA GLY A 93 -9.84 6.00 -8.01
C GLY A 93 -9.20 4.63 -8.10
N LEU A 94 -8.53 4.23 -7.03
CA LEU A 94 -7.83 2.96 -7.02
C LEU A 94 -8.71 1.84 -6.48
N SER A 95 -8.82 0.77 -7.26
CA SER A 95 -9.52 -0.41 -6.81
C SER A 95 -8.92 -1.67 -7.44
N GLN A 96 -7.89 -2.19 -6.80
CA GLN A 96 -7.27 -3.46 -7.14
C GLN A 96 -6.90 -4.17 -5.82
N PRO A 97 -6.54 -5.47 -5.83
CA PRO A 97 -6.30 -6.26 -4.61
C PRO A 97 -5.47 -5.56 -3.53
N ASP A 98 -5.91 -5.71 -2.29
CA ASP A 98 -5.25 -5.17 -1.11
C ASP A 98 -4.50 -6.27 -0.37
N ALA A 99 -3.63 -5.88 0.56
CA ALA A 99 -2.81 -6.86 1.29
C ALA A 99 -3.08 -6.78 2.78
N LYS A 100 -2.72 -7.82 3.51
CA LYS A 100 -2.89 -7.84 4.95
C LYS A 100 -1.55 -8.11 5.64
N ILE A 101 -1.19 -7.23 6.54
CA ILE A 101 0.01 -7.37 7.35
C ILE A 101 -0.41 -7.67 8.79
N GLN A 102 -0.01 -8.80 9.31
CA GLN A 102 -0.45 -9.22 10.63
C GLN A 102 0.68 -9.15 11.65
N VAL A 103 0.52 -8.26 12.61
CA VAL A 103 1.52 -8.06 13.65
C VAL A 103 1.06 -8.71 14.95
N ARG A 104 1.99 -9.32 15.67
CA ARG A 104 1.72 -9.84 17.00
C ARG A 104 2.93 -9.61 17.87
N ARG A 105 2.73 -9.54 19.17
CA ARG A 105 3.81 -9.20 20.06
C ARG A 105 4.59 -10.44 20.45
N ASP A 106 5.90 -10.31 20.52
CA ASP A 106 6.76 -11.40 20.91
C ASP A 106 7.38 -11.11 22.27
N ARG A 4 -3.23 7.08 -23.01
CA ARG A 4 -4.07 7.19 -21.81
C ARG A 4 -4.44 5.83 -21.29
N VAL A 5 -4.05 5.57 -20.08
CA VAL A 5 -4.23 4.27 -19.46
C VAL A 5 -4.78 4.46 -18.08
N LYS A 6 -5.45 3.43 -17.60
CA LYS A 6 -6.07 3.49 -16.30
C LYS A 6 -5.06 3.05 -15.24
N PRO A 7 -4.61 4.00 -14.42
CA PRO A 7 -3.57 3.75 -13.44
C PRO A 7 -4.11 3.23 -12.12
N SER A 8 -3.26 2.51 -11.39
CA SER A 8 -3.66 1.89 -10.13
C SER A 8 -2.49 1.11 -9.55
N ALA A 9 -2.80 0.09 -8.79
CA ALA A 9 -1.81 -0.77 -8.18
C ALA A 9 -2.38 -2.16 -7.97
N SER A 10 -1.53 -3.16 -7.95
CA SER A 10 -1.98 -4.51 -7.64
C SER A 10 -0.90 -5.23 -6.85
N LEU A 11 -1.09 -5.26 -5.54
CA LEU A 11 -0.12 -5.83 -4.65
C LEU A 11 0.08 -7.30 -4.92
N LYS A 12 1.32 -7.67 -4.80
CA LYS A 12 1.79 -9.01 -5.12
C LYS A 12 1.82 -9.88 -3.88
N LEU A 13 1.70 -9.22 -2.73
CA LEU A 13 1.63 -9.93 -1.47
C LEU A 13 0.18 -10.40 -1.25
N HIS A 14 -0.03 -11.71 -1.28
CA HIS A 14 -1.38 -12.26 -1.26
C HIS A 14 -1.67 -13.06 0.01
N HIS A 15 -1.45 -12.44 1.17
CA HIS A 15 -1.76 -13.08 2.45
C HIS A 15 -1.45 -12.13 3.60
N ASP A 16 -1.65 -12.59 4.84
CA ASP A 16 -1.32 -11.82 6.02
C ASP A 16 0.16 -11.92 6.33
N LEU A 17 0.82 -10.77 6.45
CA LEU A 17 2.23 -10.73 6.79
C LEU A 17 2.44 -10.91 8.29
N LYS A 18 3.04 -12.03 8.64
CA LYS A 18 3.24 -12.37 10.05
C LYS A 18 4.38 -11.57 10.65
N LEU A 19 4.05 -10.64 11.54
CA LEU A 19 5.05 -9.83 12.22
C LEU A 19 4.92 -9.96 13.73
N CYS A 20 5.96 -9.54 14.42
CA CYS A 20 5.93 -9.42 15.87
C CYS A 20 6.04 -7.96 16.24
N LEU A 21 6.14 -7.68 17.52
CA LEU A 21 6.18 -6.32 18.00
C LEU A 21 7.45 -5.61 17.59
N GLY A 22 7.27 -4.38 17.12
CA GLY A 22 8.40 -3.59 16.67
C GLY A 22 8.80 -3.94 15.25
N ASP A 23 7.98 -4.76 14.60
CA ASP A 23 8.28 -5.16 13.22
C ASP A 23 7.67 -4.21 12.19
N HIS A 24 8.34 -4.14 11.04
CA HIS A 24 7.82 -3.46 9.85
C HIS A 24 7.59 -4.52 8.77
N SER A 25 7.20 -4.11 7.57
CA SER A 25 7.02 -5.07 6.49
C SER A 25 7.48 -4.53 5.15
N SER A 26 7.44 -5.41 4.16
CA SER A 26 7.81 -5.08 2.81
C SER A 26 6.85 -5.79 1.85
N VAL A 27 5.91 -5.03 1.32
CA VAL A 27 4.87 -5.59 0.47
C VAL A 27 5.09 -5.21 -0.98
N PRO A 28 5.37 -6.19 -1.83
CA PRO A 28 5.60 -5.97 -3.25
C PRO A 28 4.30 -5.66 -3.96
N VAL A 29 4.28 -4.58 -4.73
CA VAL A 29 3.13 -4.26 -5.55
C VAL A 29 3.51 -3.99 -7.00
N ALA A 30 2.97 -4.80 -7.90
CA ALA A 30 3.08 -4.51 -9.31
C ALA A 30 1.96 -3.57 -9.69
N LEU A 31 2.36 -2.33 -9.90
CA LEU A 31 1.44 -1.23 -10.01
C LEU A 31 0.90 -1.10 -11.42
N LYS A 32 -0.13 -0.29 -11.58
CA LYS A 32 -0.76 -0.11 -12.87
C LYS A 32 -0.71 1.33 -13.29
N GLY A 33 -0.77 1.52 -14.58
CA GLY A 33 -0.71 2.86 -15.16
C GLY A 33 0.69 3.17 -15.63
N GLN A 34 0.80 3.74 -16.81
CA GLN A 34 2.10 3.97 -17.40
C GLN A 34 2.48 5.44 -17.34
N GLY A 35 3.55 5.72 -16.61
CA GLY A 35 3.96 7.08 -16.39
C GLY A 35 4.20 7.35 -14.94
N PRO A 36 4.87 8.45 -14.63
CA PRO A 36 5.05 8.94 -13.27
C PRO A 36 3.71 9.24 -12.61
N PHE A 37 3.20 8.26 -11.88
CA PHE A 37 1.90 8.39 -11.23
C PHE A 37 2.06 8.62 -9.74
N THR A 38 1.19 9.43 -9.18
CA THR A 38 1.25 9.71 -7.77
C THR A 38 0.42 8.69 -7.01
N LEU A 39 1.13 7.75 -6.42
CA LEU A 39 0.54 6.58 -5.84
C LEU A 39 0.23 6.78 -4.36
N THR A 40 -1.03 6.71 -4.00
CA THR A 40 -1.44 6.89 -2.63
C THR A 40 -2.10 5.63 -2.10
N TYR A 41 -1.69 5.19 -0.92
CA TYR A 41 -2.26 3.99 -0.34
C TYR A 41 -2.40 4.12 1.18
N ASP A 42 -3.31 3.34 1.74
CA ASP A 42 -3.57 3.36 3.17
C ASP A 42 -3.30 2.00 3.78
N ILE A 43 -2.36 1.96 4.70
CA ILE A 43 -2.20 0.81 5.55
C ILE A 43 -3.12 0.98 6.74
N ILE A 44 -4.30 0.37 6.65
CA ILE A 44 -5.33 0.59 7.63
C ILE A 44 -5.30 -0.49 8.67
N GLU A 45 -5.59 -0.14 9.89
CA GLU A 45 -5.64 -1.14 10.92
C GLU A 45 -7.07 -1.62 11.12
N THR A 46 -7.26 -2.90 11.00
CA THR A 46 -8.56 -3.50 11.22
C THR A 46 -8.68 -3.87 12.69
N PHE A 47 -7.59 -3.59 13.42
CA PHE A 47 -7.56 -3.79 14.86
C PHE A 47 -8.48 -2.79 15.56
N SER A 48 -8.54 -1.57 15.02
CA SER A 48 -9.47 -0.57 15.51
C SER A 48 -9.91 0.36 14.38
N SER A 49 -9.09 1.36 14.04
CA SER A 49 -9.47 2.33 13.02
C SER A 49 -8.34 3.32 12.68
N LYS A 50 -7.12 3.06 13.14
CA LYS A 50 -6.02 4.03 12.97
C LYS A 50 -5.39 3.86 11.58
N ARG A 51 -6.11 4.31 10.57
CA ARG A 51 -5.65 4.21 9.20
C ARG A 51 -4.42 5.06 8.96
N LYS A 52 -3.50 4.55 8.15
CA LYS A 52 -2.27 5.25 7.86
C LYS A 52 -2.15 5.48 6.37
N THR A 53 -1.75 6.66 6.00
CA THR A 53 -1.69 7.04 4.60
C THR A 53 -0.25 7.30 4.17
N PHE A 54 0.12 6.81 3.00
CA PHE A 54 1.42 7.07 2.43
C PHE A 54 1.28 7.35 0.94
N GLU A 55 1.97 8.36 0.47
CA GLU A 55 1.91 8.74 -0.92
C GLU A 55 3.31 8.84 -1.52
N ILE A 56 3.47 8.23 -2.70
CA ILE A 56 4.70 8.31 -3.44
C ILE A 56 4.41 8.86 -4.82
N LYS A 57 4.83 10.09 -5.06
CA LYS A 57 4.54 10.73 -6.30
C LYS A 57 5.47 10.28 -7.40
N GLU A 58 4.96 10.32 -8.61
CA GLU A 58 5.71 10.01 -9.82
C GLU A 58 6.33 8.61 -9.76
N ILE A 59 5.55 7.59 -9.43
CA ILE A 59 6.03 6.23 -9.56
C ILE A 59 6.04 5.88 -11.04
N LYS A 60 7.21 5.53 -11.53
CA LYS A 60 7.41 5.24 -12.92
C LYS A 60 7.78 3.77 -13.08
N THR A 61 7.34 2.98 -12.10
CA THR A 61 7.79 1.61 -11.96
C THR A 61 6.84 0.58 -12.60
N ASN A 62 5.70 0.35 -11.93
CA ASN A 62 4.71 -0.69 -12.27
C ASN A 62 5.07 -2.02 -11.63
N GLU A 63 6.12 -2.01 -10.84
CA GLU A 63 6.59 -3.19 -10.10
C GLU A 63 7.49 -2.74 -8.97
N TYR A 64 6.90 -2.37 -7.85
CA TYR A 64 7.64 -1.72 -6.78
C TYR A 64 7.35 -2.35 -5.44
N VAL A 65 8.38 -2.64 -4.67
CA VAL A 65 8.21 -3.23 -3.37
C VAL A 65 8.14 -2.17 -2.29
N ILE A 66 6.97 -2.07 -1.68
CA ILE A 66 6.69 -1.08 -0.65
C ILE A 66 7.29 -1.52 0.68
N LYS A 67 7.71 -0.55 1.48
CA LYS A 67 8.19 -0.83 2.82
C LYS A 67 7.31 -0.14 3.83
N THR A 68 6.41 -0.91 4.43
CA THR A 68 5.51 -0.35 5.41
C THR A 68 6.28 -0.01 6.67
N PRO A 69 6.01 1.18 7.24
CA PRO A 69 6.74 1.68 8.41
C PRO A 69 6.54 0.78 9.62
N VAL A 70 7.48 0.82 10.54
CA VAL A 70 7.44 -0.01 11.71
C VAL A 70 6.15 0.25 12.49
N PHE A 71 5.43 -0.83 12.78
CA PHE A 71 4.11 -0.71 13.37
C PHE A 71 4.18 -0.51 14.86
N THR A 72 5.21 -1.08 15.47
CA THR A 72 5.48 -0.97 16.91
C THR A 72 4.30 -1.44 17.76
N THR A 73 3.26 -1.92 17.09
CA THR A 73 2.07 -2.39 17.76
C THR A 73 1.53 -3.65 17.12
N GLY A 74 1.41 -4.73 17.90
CA GLY A 74 0.67 -5.89 17.44
C GLY A 74 -0.76 -5.56 17.08
N GLY A 75 -1.06 -5.63 15.80
CA GLY A 75 -2.39 -5.37 15.30
C GLY A 75 -2.50 -5.84 13.87
N ASP A 76 -3.71 -5.92 13.34
CA ASP A 76 -3.89 -6.37 11.98
C ASP A 76 -4.07 -5.17 11.06
N TYR A 77 -3.33 -5.16 9.97
CA TYR A 77 -3.37 -4.06 9.03
C TYR A 77 -3.69 -4.56 7.63
N ILE A 78 -4.28 -3.68 6.84
CA ILE A 78 -4.60 -3.95 5.47
C ILE A 78 -4.09 -2.79 4.62
N LEU A 79 -3.12 -3.07 3.78
CA LEU A 79 -2.63 -2.06 2.88
C LEU A 79 -3.50 -2.04 1.64
N SER A 80 -4.25 -0.97 1.52
CA SER A 80 -5.25 -0.82 0.48
C SER A 80 -4.98 0.45 -0.32
N LEU A 81 -5.49 0.50 -1.53
CA LEU A 81 -5.21 1.60 -2.43
C LEU A 81 -6.16 2.76 -2.19
N VAL A 82 -5.61 3.97 -2.12
CA VAL A 82 -6.43 5.15 -1.89
C VAL A 82 -6.76 5.83 -3.20
N SER A 83 -5.72 6.15 -3.97
CA SER A 83 -5.90 6.92 -5.18
C SER A 83 -4.56 7.06 -5.89
N ILE A 84 -4.61 7.33 -7.19
CA ILE A 84 -3.41 7.58 -7.96
C ILE A 84 -3.61 8.85 -8.76
N LYS A 85 -2.54 9.42 -9.26
CA LYS A 85 -2.65 10.66 -10.01
C LYS A 85 -1.72 10.68 -11.21
N ASP A 86 -2.30 10.94 -12.38
CA ASP A 86 -1.54 11.12 -13.61
C ASP A 86 -0.69 12.37 -13.49
N SER A 87 0.40 12.41 -14.26
CA SER A 87 1.42 13.45 -14.16
C SER A 87 0.87 14.86 -14.38
N THR A 88 -0.37 14.95 -14.83
CA THR A 88 -1.02 16.23 -15.07
C THR A 88 -1.88 16.61 -13.87
N GLY A 89 -1.75 15.84 -12.80
CA GLY A 89 -2.52 16.05 -11.60
C GLY A 89 -3.94 15.58 -11.75
N CYS A 90 -4.12 14.42 -12.38
CA CYS A 90 -5.45 13.83 -12.55
C CYS A 90 -5.59 12.59 -11.67
N VAL A 91 -6.43 12.68 -10.65
CA VAL A 91 -6.57 11.61 -9.68
C VAL A 91 -7.58 10.55 -10.15
N VAL A 92 -7.22 9.29 -9.92
CA VAL A 92 -8.07 8.15 -10.22
C VAL A 92 -8.39 7.39 -8.94
N GLY A 93 -9.66 7.08 -8.77
CA GLY A 93 -10.09 6.34 -7.59
C GLY A 93 -9.67 4.88 -7.67
N LEU A 94 -8.77 4.47 -6.78
CA LEU A 94 -8.20 3.15 -6.84
C LEU A 94 -9.06 2.10 -6.15
N SER A 95 -9.41 1.06 -6.90
CA SER A 95 -10.08 -0.10 -6.34
C SER A 95 -9.50 -1.36 -6.97
N GLN A 96 -8.42 -1.84 -6.36
CA GLN A 96 -7.73 -3.04 -6.82
C GLN A 96 -7.14 -3.80 -5.61
N PRO A 97 -6.58 -5.02 -5.81
CA PRO A 97 -6.10 -5.89 -4.71
C PRO A 97 -5.33 -5.19 -3.58
N ASP A 98 -5.55 -5.70 -2.36
CA ASP A 98 -4.92 -5.17 -1.14
C ASP A 98 -4.03 -6.23 -0.51
N ALA A 99 -3.24 -5.81 0.45
CA ALA A 99 -2.40 -6.73 1.22
C ALA A 99 -2.76 -6.66 2.69
N LYS A 100 -2.39 -7.69 3.42
CA LYS A 100 -2.64 -7.70 4.85
C LYS A 100 -1.34 -7.91 5.61
N ILE A 101 -1.16 -7.11 6.64
CA ILE A 101 0.01 -7.17 7.48
C ILE A 101 -0.42 -7.44 8.92
N GLN A 102 -0.15 -8.63 9.39
CA GLN A 102 -0.59 -9.02 10.73
C GLN A 102 0.56 -8.92 11.72
N VAL A 103 0.49 -7.93 12.58
CA VAL A 103 1.53 -7.71 13.57
C VAL A 103 1.05 -8.22 14.93
N ARG A 104 1.96 -8.72 15.75
CA ARG A 104 1.57 -9.26 17.04
C ARG A 104 2.57 -8.93 18.13
N ARG A 105 2.05 -8.44 19.24
CA ARG A 105 2.83 -8.19 20.42
C ARG A 105 2.67 -9.35 21.39
N ASP A 106 3.76 -10.04 21.69
CA ASP A 106 3.74 -11.23 22.55
C ASP A 106 2.88 -12.33 21.93
#